data_2CR6
#
_entry.id   2CR6
#
_entity_poly.entity_id   1
_entity_poly.type   'polypeptide(L)'
_entity_poly.pdbx_seq_one_letter_code
;GSSGSSGLVQGRRVHIIEDLEDVDVQEGSSATFRCRISPANYEPVHWFLDKTPLHANELNEIDAQPGGYHVLTLRQLALK
DSGTIYFEAGDQRASAALRVTEKPSVFSRSGPSSG
;
_entity_poly.pdbx_strand_id   A
#
# COMPACT_ATOMS: atom_id res chain seq x y z
N GLY A 1 34.18 -2.99 -2.12
CA GLY A 1 34.87 -2.68 -3.36
C GLY A 1 34.57 -1.27 -3.85
N SER A 2 33.30 -1.01 -4.12
CA SER A 2 32.88 0.31 -4.61
C SER A 2 33.12 1.38 -3.55
N SER A 3 32.78 2.62 -3.90
CA SER A 3 32.96 3.73 -2.98
C SER A 3 31.60 4.28 -2.53
N GLY A 4 31.63 5.19 -1.56
CA GLY A 4 30.40 5.78 -1.05
C GLY A 4 30.57 6.37 0.33
N SER A 5 29.50 6.98 0.84
CA SER A 5 29.54 7.59 2.17
C SER A 5 28.41 7.05 3.04
N SER A 6 28.42 7.45 4.32
CA SER A 6 27.41 7.00 5.26
C SER A 6 26.89 8.17 6.10
N GLY A 7 25.73 7.98 6.71
CA GLY A 7 25.14 9.03 7.53
C GLY A 7 23.99 8.52 8.38
N LEU A 8 23.90 9.03 9.61
CA LEU A 8 22.85 8.62 10.52
C LEU A 8 22.18 9.84 11.16
N VAL A 9 21.28 10.47 10.41
CA VAL A 9 20.57 11.65 10.89
C VAL A 9 19.09 11.56 10.56
N GLN A 10 18.25 11.99 11.50
CA GLN A 10 16.80 11.97 11.31
C GLN A 10 16.09 12.73 12.41
N GLY A 11 14.83 13.06 12.18
CA GLY A 11 14.06 13.80 13.16
C GLY A 11 13.09 12.91 13.91
N ARG A 12 11.85 12.85 13.43
CA ARG A 12 10.82 12.05 14.07
C ARG A 12 11.23 10.57 14.12
N ARG A 13 10.34 9.73 14.62
CA ARG A 13 10.62 8.30 14.72
C ARG A 13 9.34 7.48 14.56
N VAL A 14 9.38 6.51 13.66
CA VAL A 14 8.22 5.65 13.41
C VAL A 14 8.42 4.27 13.98
N HIS A 15 7.38 3.73 14.60
CA HIS A 15 7.44 2.41 15.21
C HIS A 15 6.28 1.53 14.73
N ILE A 16 6.62 0.47 14.00
CA ILE A 16 5.61 -0.45 13.48
C ILE A 16 4.87 -1.15 14.62
N ILE A 17 3.72 -0.61 14.99
CA ILE A 17 2.91 -1.19 16.06
C ILE A 17 2.32 -2.53 15.64
N GLU A 18 1.45 -2.49 14.63
CA GLU A 18 0.81 -3.71 14.13
C GLU A 18 1.03 -3.86 12.63
N ASP A 19 2.19 -4.39 12.27
CA ASP A 19 2.52 -4.59 10.86
C ASP A 19 1.42 -5.36 10.14
N LEU A 20 1.35 -5.20 8.82
CA LEU A 20 0.34 -5.88 8.02
C LEU A 20 0.34 -7.38 8.28
N GLU A 21 -0.65 -8.08 7.75
CA GLU A 21 -0.76 -9.52 7.93
C GLU A 21 -0.64 -10.25 6.60
N ASP A 22 -1.71 -10.20 5.80
CA ASP A 22 -1.72 -10.85 4.50
C ASP A 22 -3.07 -10.65 3.81
N VAL A 23 -3.10 -10.91 2.51
CA VAL A 23 -4.33 -10.77 1.73
C VAL A 23 -4.35 -11.74 0.55
N ASP A 24 -5.54 -12.25 0.24
CA ASP A 24 -5.69 -13.19 -0.87
C ASP A 24 -7.12 -13.14 -1.42
N VAL A 25 -7.28 -12.51 -2.58
CA VAL A 25 -8.58 -12.40 -3.22
C VAL A 25 -8.45 -12.37 -4.74
N GLN A 26 -9.55 -12.64 -5.42
CA GLN A 26 -9.57 -12.65 -6.88
C GLN A 26 -9.20 -11.28 -7.43
N GLU A 27 -8.34 -11.26 -8.44
CA GLU A 27 -7.90 -10.02 -9.06
C GLU A 27 -9.10 -9.17 -9.48
N GLY A 28 -8.96 -7.86 -9.38
CA GLY A 28 -10.03 -6.96 -9.75
C GLY A 28 -10.84 -6.50 -8.55
N SER A 29 -10.65 -7.16 -7.42
CA SER A 29 -11.37 -6.82 -6.20
C SER A 29 -10.61 -5.77 -5.39
N SER A 30 -11.14 -5.44 -4.22
CA SER A 30 -10.51 -4.45 -3.35
C SER A 30 -9.84 -5.12 -2.16
N ALA A 31 -8.53 -5.25 -2.22
CA ALA A 31 -7.77 -5.88 -1.15
C ALA A 31 -7.43 -4.86 -0.05
N THR A 32 -7.91 -5.12 1.17
CA THR A 32 -7.65 -4.23 2.29
C THR A 32 -6.33 -4.56 2.97
N PHE A 33 -5.54 -3.52 3.24
CA PHE A 33 -4.24 -3.71 3.89
C PHE A 33 -4.10 -2.77 5.09
N ARG A 34 -4.54 -3.25 6.25
CA ARG A 34 -4.46 -2.46 7.48
C ARG A 34 -3.09 -2.58 8.12
N CYS A 35 -2.66 -1.52 8.80
CA CYS A 35 -1.37 -1.52 9.46
C CYS A 35 -1.27 -0.39 10.48
N ARG A 36 -0.93 -0.74 11.71
CA ARG A 36 -0.82 0.25 12.78
C ARG A 36 0.63 0.72 12.94
N ILE A 37 0.88 1.97 12.60
CA ILE A 37 2.22 2.53 12.70
C ILE A 37 2.21 3.88 13.42
N SER A 38 3.09 4.04 14.41
CA SER A 38 3.16 5.27 15.17
C SER A 38 4.14 6.26 14.52
N PRO A 39 3.92 7.55 14.77
CA PRO A 39 2.81 8.02 15.62
C PRO A 39 1.45 7.81 14.97
N ALA A 40 0.42 7.63 15.79
CA ALA A 40 -0.93 7.43 15.29
C ALA A 40 -1.31 8.51 14.29
N ASN A 41 -0.73 9.69 14.46
CA ASN A 41 -1.02 10.81 13.57
C ASN A 41 0.14 11.06 12.61
N TYR A 42 0.69 9.98 12.08
CA TYR A 42 1.80 10.07 11.14
C TYR A 42 1.31 10.25 9.71
N GLU A 43 1.97 11.14 8.98
CA GLU A 43 1.59 11.41 7.59
C GLU A 43 2.48 12.49 6.99
N PRO A 44 2.55 12.53 5.65
CA PRO A 44 1.81 11.59 4.79
C PRO A 44 2.37 10.17 4.88
N VAL A 45 1.72 9.25 4.18
CA VAL A 45 2.16 7.85 4.18
C VAL A 45 2.37 7.35 2.76
N HIS A 46 3.36 6.47 2.59
CA HIS A 46 3.68 5.92 1.28
C HIS A 46 3.26 4.45 1.21
N TRP A 47 2.99 3.99 -0.01
CA TRP A 47 2.58 2.60 -0.22
C TRP A 47 3.16 2.05 -1.52
N PHE A 48 3.87 0.95 -1.42
CA PHE A 48 4.48 0.32 -2.60
C PHE A 48 4.07 -1.14 -2.71
N LEU A 49 4.23 -1.71 -3.90
CA LEU A 49 3.88 -3.11 -4.15
C LEU A 49 4.91 -3.79 -5.03
N ASP A 50 5.73 -4.63 -4.43
CA ASP A 50 6.76 -5.36 -5.17
C ASP A 50 7.83 -4.40 -5.67
N LYS A 51 7.53 -3.71 -6.77
CA LYS A 51 8.47 -2.76 -7.35
C LYS A 51 7.73 -1.64 -8.08
N THR A 52 6.64 -1.16 -7.47
CA THR A 52 5.84 -0.09 -8.06
C THR A 52 5.13 0.72 -6.98
N PRO A 53 5.22 2.04 -7.08
CA PRO A 53 4.59 2.96 -6.12
C PRO A 53 3.06 2.95 -6.24
N LEU A 54 2.40 3.39 -5.18
CA LEU A 54 0.94 3.42 -5.15
C LEU A 54 0.44 4.77 -4.62
N HIS A 55 -0.54 5.35 -5.32
CA HIS A 55 -1.10 6.63 -4.92
C HIS A 55 -2.62 6.62 -5.04
N ALA A 56 -3.30 7.24 -4.07
CA ALA A 56 -4.76 7.30 -4.08
C ALA A 56 -5.28 7.80 -5.43
N ASN A 57 -6.35 7.20 -5.90
CA ASN A 57 -6.95 7.58 -7.18
C ASN A 57 -8.36 7.01 -7.32
N GLU A 58 -8.92 7.11 -8.51
CA GLU A 58 -10.26 6.60 -8.77
C GLU A 58 -10.38 5.14 -8.36
N LEU A 59 -9.25 4.44 -8.40
CA LEU A 59 -9.23 3.02 -8.03
C LEU A 59 -8.47 2.81 -6.72
N ASN A 60 -7.34 3.48 -6.58
CA ASN A 60 -6.54 3.37 -5.37
C ASN A 60 -7.20 4.10 -4.20
N GLU A 61 -7.37 3.38 -3.09
CA GLU A 61 -7.99 3.97 -1.90
C GLU A 61 -7.06 3.85 -0.70
N ILE A 62 -6.84 4.97 -0.02
CA ILE A 62 -5.98 5.01 1.15
C ILE A 62 -6.64 5.77 2.30
N ASP A 63 -7.29 5.03 3.20
CA ASP A 63 -7.96 5.64 4.34
C ASP A 63 -6.97 5.92 5.46
N ALA A 64 -7.47 6.45 6.57
CA ALA A 64 -6.63 6.76 7.72
C ALA A 64 -7.40 6.59 9.02
N GLN A 65 -7.75 5.34 9.34
CA GLN A 65 -8.49 5.05 10.56
C GLN A 65 -7.79 5.63 11.78
N PRO A 66 -8.54 5.79 12.88
CA PRO A 66 -8.00 6.33 14.13
C PRO A 66 -7.02 5.38 14.81
N GLY A 67 -5.87 5.89 15.19
CA GLY A 67 -4.86 5.06 15.85
C GLY A 67 -3.78 4.61 14.89
N GLY A 68 -3.41 5.47 13.96
CA GLY A 68 -2.38 5.12 12.99
C GLY A 68 -2.75 3.92 12.16
N TYR A 69 -4.05 3.70 11.98
CA TYR A 69 -4.54 2.57 11.20
C TYR A 69 -4.70 2.95 9.73
N HIS A 70 -3.64 2.76 8.96
CA HIS A 70 -3.66 3.09 7.53
C HIS A 70 -4.21 1.92 6.71
N VAL A 71 -5.42 2.11 6.16
CA VAL A 71 -6.05 1.07 5.37
C VAL A 71 -5.92 1.37 3.87
N LEU A 72 -5.52 0.36 3.10
CA LEU A 72 -5.35 0.52 1.66
C LEU A 72 -6.27 -0.43 0.90
N THR A 73 -7.24 0.13 0.20
CA THR A 73 -8.19 -0.66 -0.57
C THR A 73 -7.92 -0.54 -2.07
N LEU A 74 -6.97 -1.32 -2.55
CA LEU A 74 -6.61 -1.30 -3.97
C LEU A 74 -7.75 -1.86 -4.82
N ARG A 75 -8.62 -0.97 -5.29
CA ARG A 75 -9.74 -1.38 -6.13
C ARG A 75 -9.29 -1.77 -7.53
N GLN A 76 -9.96 -2.74 -8.12
CA GLN A 76 -9.61 -3.20 -9.46
C GLN A 76 -8.16 -3.67 -9.51
N LEU A 77 -7.89 -4.81 -8.89
CA LEU A 77 -6.54 -5.36 -8.86
C LEU A 77 -6.29 -6.24 -10.08
N ALA A 78 -5.08 -6.79 -10.17
CA ALA A 78 -4.72 -7.65 -11.29
C ALA A 78 -3.82 -8.80 -10.83
N LEU A 79 -3.84 -9.90 -11.57
CA LEU A 79 -3.03 -11.06 -11.24
C LEU A 79 -1.56 -10.67 -11.11
N LYS A 80 -1.17 -9.62 -11.80
CA LYS A 80 0.21 -9.14 -11.76
C LYS A 80 0.50 -8.42 -10.45
N ASP A 81 -0.53 -7.78 -9.90
CA ASP A 81 -0.38 -7.05 -8.64
C ASP A 81 0.09 -7.98 -7.52
N SER A 82 -0.22 -9.27 -7.67
CA SER A 82 0.16 -10.26 -6.68
C SER A 82 1.66 -10.16 -6.35
N GLY A 83 1.96 -9.67 -5.15
CA GLY A 83 3.34 -9.54 -4.74
C GLY A 83 3.49 -9.38 -3.24
N THR A 84 3.89 -8.19 -2.80
CA THR A 84 4.07 -7.91 -1.38
C THR A 84 4.04 -6.42 -1.11
N ILE A 85 3.03 -5.98 -0.37
CA ILE A 85 2.88 -4.57 -0.03
C ILE A 85 4.04 -4.09 0.84
N TYR A 86 4.76 -3.08 0.36
CA TYR A 86 5.90 -2.53 1.08
C TYR A 86 5.59 -1.14 1.61
N PHE A 87 4.93 -1.08 2.77
CA PHE A 87 4.58 0.19 3.38
C PHE A 87 5.82 0.97 3.81
N GLU A 88 5.73 2.29 3.78
CA GLU A 88 6.85 3.14 4.16
C GLU A 88 6.40 4.22 5.14
N ALA A 89 7.19 4.44 6.18
CA ALA A 89 6.88 5.46 7.18
C ALA A 89 8.10 5.76 8.05
N GLY A 90 8.82 6.82 7.69
CA GLY A 90 10.01 7.20 8.46
C GLY A 90 11.18 6.27 8.21
N ASP A 91 11.56 5.53 9.24
CA ASP A 91 12.69 4.60 9.13
C ASP A 91 12.21 3.16 9.25
N GLN A 92 10.93 2.93 8.98
CA GLN A 92 10.34 1.61 9.07
C GLN A 92 9.75 1.19 7.72
N ARG A 93 9.53 -0.11 7.56
CA ARG A 93 8.97 -0.65 6.32
C ARG A 93 8.26 -1.97 6.58
N ALA A 94 6.94 -1.99 6.36
CA ALA A 94 6.15 -3.20 6.56
C ALA A 94 6.21 -4.10 5.34
N SER A 95 5.72 -5.33 5.48
CA SER A 95 5.72 -6.29 4.39
C SER A 95 4.61 -7.32 4.57
N ALA A 96 3.63 -7.30 3.67
CA ALA A 96 2.51 -8.23 3.73
C ALA A 96 2.39 -9.03 2.44
N ALA A 97 2.10 -10.32 2.56
CA ALA A 97 1.95 -11.18 1.40
C ALA A 97 0.69 -10.83 0.61
N LEU A 98 0.88 -10.08 -0.48
CA LEU A 98 -0.25 -9.68 -1.32
C LEU A 98 -0.54 -10.74 -2.38
N ARG A 99 -1.49 -11.62 -2.07
CA ARG A 99 -1.86 -12.69 -3.00
C ARG A 99 -3.09 -12.29 -3.81
N VAL A 100 -3.10 -12.66 -5.09
CA VAL A 100 -4.20 -12.34 -5.97
C VAL A 100 -4.40 -13.43 -7.02
N THR A 101 -5.50 -14.16 -6.91
CA THR A 101 -5.81 -15.24 -7.85
C THR A 101 -6.67 -14.73 -9.00
N GLU A 102 -7.12 -15.66 -9.84
CA GLU A 102 -7.96 -15.30 -10.98
C GLU A 102 -9.34 -14.87 -10.52
N LYS A 103 -10.07 -14.18 -11.39
CA LYS A 103 -11.41 -13.70 -11.07
C LYS A 103 -12.40 -14.10 -12.16
N PRO A 104 -13.69 -14.10 -11.82
CA PRO A 104 -14.76 -14.46 -12.76
C PRO A 104 -14.95 -13.40 -13.84
N SER A 105 -14.87 -12.13 -13.46
CA SER A 105 -15.03 -11.03 -14.40
C SER A 105 -13.81 -10.90 -15.30
N VAL A 106 -13.74 -9.79 -16.04
CA VAL A 106 -12.63 -9.54 -16.94
C VAL A 106 -12.45 -8.05 -17.20
N PHE A 107 -11.36 -7.70 -17.89
CA PHE A 107 -11.08 -6.30 -18.20
C PHE A 107 -11.12 -5.45 -16.94
N SER A 108 -10.02 -5.45 -16.19
CA SER A 108 -9.92 -4.67 -14.95
C SER A 108 -8.70 -3.76 -14.99
N ARG A 109 -7.52 -4.34 -14.80
CA ARG A 109 -6.28 -3.58 -14.80
C ARG A 109 -5.37 -4.04 -15.93
N SER A 110 -5.53 -3.44 -17.11
CA SER A 110 -4.72 -3.78 -18.27
C SER A 110 -3.61 -2.75 -18.48
N GLY A 111 -3.99 -1.48 -18.50
CA GLY A 111 -3.01 -0.42 -18.69
C GLY A 111 -3.50 0.92 -18.20
N PRO A 112 -3.57 1.08 -16.87
CA PRO A 112 -4.04 2.32 -16.24
C PRO A 112 -3.04 3.46 -16.42
N SER A 113 -1.77 3.16 -16.19
CA SER A 113 -0.72 4.17 -16.33
C SER A 113 0.31 3.75 -17.38
N SER A 114 0.17 4.31 -18.58
CA SER A 114 1.08 4.00 -19.68
C SER A 114 2.48 4.52 -19.39
N GLY A 115 3.41 3.60 -19.12
CA GLY A 115 4.77 3.99 -18.84
C GLY A 115 5.46 3.03 -17.89
N GLY A 1 19.30 21.49 -3.58
CA GLY A 1 20.09 20.95 -2.48
C GLY A 1 20.15 21.90 -1.30
N SER A 2 19.03 22.02 -0.59
CA SER A 2 18.95 22.91 0.57
C SER A 2 19.83 22.39 1.69
N SER A 3 20.93 23.10 1.95
CA SER A 3 21.86 22.71 3.01
C SER A 3 22.37 21.29 2.79
N GLY A 4 22.90 21.04 1.61
CA GLY A 4 23.42 19.72 1.29
C GLY A 4 23.16 19.32 -0.15
N SER A 5 23.13 18.02 -0.41
CA SER A 5 22.88 17.51 -1.75
C SER A 5 21.52 16.85 -1.84
N SER A 6 21.18 16.37 -3.03
CA SER A 6 19.89 15.72 -3.26
C SER A 6 19.80 14.40 -2.50
N GLY A 7 18.86 14.33 -1.56
CA GLY A 7 18.70 13.12 -0.77
C GLY A 7 17.50 13.18 0.14
N LEU A 8 17.25 12.10 0.87
CA LEU A 8 16.13 12.04 1.80
C LEU A 8 16.40 12.87 3.05
N VAL A 9 15.40 12.99 3.91
CA VAL A 9 15.54 13.75 5.15
C VAL A 9 14.96 12.99 6.34
N GLN A 10 15.61 13.11 7.49
CA GLN A 10 15.16 12.44 8.69
C GLN A 10 14.34 13.38 9.57
N GLY A 11 13.69 12.81 10.58
CA GLY A 11 12.89 13.61 11.49
C GLY A 11 12.33 12.81 12.65
N ARG A 12 11.02 12.64 12.67
CA ARG A 12 10.36 11.89 13.74
C ARG A 12 10.75 10.41 13.67
N ARG A 13 10.37 9.67 14.71
CA ARG A 13 10.69 8.24 14.77
C ARG A 13 9.42 7.40 14.63
N VAL A 14 9.40 6.53 13.63
CA VAL A 14 8.24 5.68 13.39
C VAL A 14 8.47 4.28 13.95
N HIS A 15 7.42 3.70 14.54
CA HIS A 15 7.52 2.37 15.12
C HIS A 15 6.34 1.50 14.67
N ILE A 16 6.63 0.48 13.88
CA ILE A 16 5.60 -0.42 13.38
C ILE A 16 4.88 -1.12 14.53
N ILE A 17 3.72 -0.58 14.91
CA ILE A 17 2.93 -1.15 15.99
C ILE A 17 2.31 -2.48 15.58
N GLU A 18 1.45 -2.44 14.57
CA GLU A 18 0.79 -3.64 14.08
C GLU A 18 0.99 -3.80 12.57
N ASP A 19 2.15 -4.33 12.20
CA ASP A 19 2.49 -4.54 10.79
C ASP A 19 1.38 -5.32 10.09
N LEU A 20 1.34 -5.22 8.77
CA LEU A 20 0.33 -5.91 7.98
C LEU A 20 0.36 -7.41 8.25
N GLU A 21 -0.58 -8.14 7.65
CA GLU A 21 -0.67 -9.58 7.83
C GLU A 21 -0.57 -10.31 6.50
N ASP A 22 -1.64 -10.28 5.73
CA ASP A 22 -1.69 -10.94 4.43
C ASP A 22 -3.04 -10.74 3.76
N VAL A 23 -3.09 -10.97 2.45
CA VAL A 23 -4.34 -10.83 1.71
C VAL A 23 -4.37 -11.77 0.51
N ASP A 24 -5.55 -12.30 0.21
CA ASP A 24 -5.71 -13.22 -0.91
C ASP A 24 -7.13 -13.15 -1.47
N VAL A 25 -7.29 -12.51 -2.62
CA VAL A 25 -8.59 -12.39 -3.25
C VAL A 25 -8.46 -12.36 -4.78
N GLN A 26 -9.58 -12.62 -5.45
CA GLN A 26 -9.60 -12.64 -6.91
C GLN A 26 -9.24 -11.28 -7.48
N GLU A 27 -8.39 -11.26 -8.50
CA GLU A 27 -7.97 -10.01 -9.13
C GLU A 27 -9.18 -9.16 -9.52
N GLY A 28 -9.00 -7.84 -9.49
CA GLY A 28 -10.08 -6.94 -9.84
C GLY A 28 -10.87 -6.50 -8.62
N SER A 29 -10.77 -7.26 -7.54
CA SER A 29 -11.49 -6.95 -6.32
C SER A 29 -10.75 -5.88 -5.51
N SER A 30 -11.26 -5.61 -4.31
CA SER A 30 -10.64 -4.60 -3.44
C SER A 30 -9.95 -5.26 -2.25
N ALA A 31 -8.62 -5.29 -2.29
CA ALA A 31 -7.85 -5.90 -1.22
C ALA A 31 -7.51 -4.87 -0.14
N THR A 32 -7.96 -5.14 1.08
CA THR A 32 -7.72 -4.24 2.20
C THR A 32 -6.41 -4.58 2.90
N PHE A 33 -5.63 -3.55 3.22
CA PHE A 33 -4.35 -3.73 3.89
C PHE A 33 -4.22 -2.79 5.08
N ARG A 34 -4.54 -3.29 6.26
CA ARG A 34 -4.45 -2.48 7.48
C ARG A 34 -3.08 -2.61 8.12
N CYS A 35 -2.64 -1.55 8.79
CA CYS A 35 -1.34 -1.55 9.45
C CYS A 35 -1.24 -0.39 10.44
N ARG A 36 -0.92 -0.72 11.69
CA ARG A 36 -0.79 0.30 12.73
C ARG A 36 0.65 0.77 12.86
N ILE A 37 0.88 2.04 12.59
CA ILE A 37 2.22 2.62 12.67
C ILE A 37 2.21 3.93 13.45
N SER A 38 3.13 4.05 14.40
CA SER A 38 3.22 5.26 15.22
C SER A 38 4.17 6.27 14.59
N PRO A 39 3.94 7.56 14.87
CA PRO A 39 2.83 7.99 15.73
C PRO A 39 1.47 7.79 15.08
N ALA A 40 0.41 7.99 15.85
CA ALA A 40 -0.95 7.83 15.34
C ALA A 40 -1.34 9.00 14.46
N ASN A 41 -0.46 10.00 14.36
CA ASN A 41 -0.72 11.17 13.55
C ASN A 41 0.36 11.36 12.49
N TYR A 42 0.88 10.25 11.99
CA TYR A 42 1.92 10.28 10.97
C TYR A 42 1.32 10.32 9.57
N GLU A 43 1.82 11.24 8.74
CA GLU A 43 1.33 11.38 7.38
C GLU A 43 2.05 12.50 6.65
N PRO A 44 2.01 12.47 5.31
CA PRO A 44 1.31 11.42 4.57
C PRO A 44 2.02 10.07 4.68
N VAL A 45 1.42 9.05 4.09
CA VAL A 45 1.98 7.70 4.13
C VAL A 45 2.28 7.20 2.72
N HIS A 46 3.33 6.39 2.59
CA HIS A 46 3.72 5.84 1.30
C HIS A 46 3.39 4.35 1.22
N TRP A 47 2.98 3.91 0.04
CA TRP A 47 2.62 2.50 -0.17
C TRP A 47 3.22 1.98 -1.48
N PHE A 48 3.89 0.84 -1.40
CA PHE A 48 4.51 0.24 -2.58
C PHE A 48 4.08 -1.22 -2.73
N LEU A 49 4.30 -1.78 -3.92
CA LEU A 49 3.93 -3.16 -4.19
C LEU A 49 4.98 -3.84 -5.07
N ASP A 50 5.80 -4.68 -4.47
CA ASP A 50 6.84 -5.39 -5.20
C ASP A 50 7.93 -4.43 -5.68
N LYS A 51 7.63 -3.73 -6.77
CA LYS A 51 8.58 -2.77 -7.34
C LYS A 51 7.84 -1.64 -8.05
N THR A 52 6.75 -1.17 -7.45
CA THR A 52 5.96 -0.10 -8.03
C THR A 52 5.24 0.70 -6.94
N PRO A 53 5.33 2.04 -7.02
CA PRO A 53 4.69 2.94 -6.06
C PRO A 53 3.17 2.93 -6.18
N LEU A 54 2.49 3.33 -5.11
CA LEU A 54 1.04 3.36 -5.10
C LEU A 54 0.53 4.69 -4.53
N HIS A 55 -0.48 5.26 -5.18
CA HIS A 55 -1.05 6.53 -4.74
C HIS A 55 -2.57 6.52 -4.91
N ALA A 56 -3.26 7.15 -3.96
CA ALA A 56 -4.71 7.22 -3.99
C ALA A 56 -5.21 7.74 -5.34
N ASN A 57 -6.26 7.11 -5.86
CA ASN A 57 -6.83 7.50 -7.14
C ASN A 57 -8.24 6.96 -7.31
N GLU A 58 -8.78 7.07 -8.51
CA GLU A 58 -10.12 6.58 -8.80
C GLU A 58 -10.28 5.13 -8.35
N LEU A 59 -9.18 4.38 -8.37
CA LEU A 59 -9.21 2.98 -7.97
C LEU A 59 -8.53 2.80 -6.61
N ASN A 60 -7.33 3.35 -6.47
CA ASN A 60 -6.59 3.26 -5.22
C ASN A 60 -7.29 4.01 -4.11
N GLU A 61 -7.34 3.39 -2.92
CA GLU A 61 -7.99 4.00 -1.77
C GLU A 61 -7.10 3.91 -0.54
N ILE A 62 -6.85 5.06 0.10
CA ILE A 62 -6.01 5.11 1.28
C ILE A 62 -6.68 5.93 2.39
N ASP A 63 -7.23 5.24 3.37
CA ASP A 63 -7.90 5.91 4.49
C ASP A 63 -6.92 6.13 5.65
N ALA A 64 -7.42 6.73 6.72
CA ALA A 64 -6.60 7.01 7.89
C ALA A 64 -7.39 6.86 9.17
N GLN A 65 -7.80 5.63 9.48
CA GLN A 65 -8.58 5.35 10.68
C GLN A 65 -7.89 5.93 11.91
N PRO A 66 -8.66 6.10 12.99
CA PRO A 66 -8.16 6.65 14.25
C PRO A 66 -7.22 5.68 14.96
N GLY A 67 -6.27 6.23 15.72
CA GLY A 67 -5.31 5.41 16.44
C GLY A 67 -4.14 5.01 15.59
N GLY A 68 -3.96 5.70 14.46
CA GLY A 68 -2.86 5.39 13.57
C GLY A 68 -3.09 4.14 12.76
N TYR A 69 -4.30 4.00 12.23
CA TYR A 69 -4.65 2.82 11.43
C TYR A 69 -4.79 3.19 9.96
N HIS A 70 -3.76 2.89 9.18
CA HIS A 70 -3.77 3.18 7.75
C HIS A 70 -4.33 2.01 6.96
N VAL A 71 -5.44 2.24 6.27
CA VAL A 71 -6.07 1.20 5.46
C VAL A 71 -5.90 1.46 3.98
N LEU A 72 -5.56 0.43 3.22
CA LEU A 72 -5.37 0.56 1.78
C LEU A 72 -6.28 -0.40 1.02
N THR A 73 -7.21 0.16 0.25
CA THR A 73 -8.14 -0.64 -0.53
C THR A 73 -7.88 -0.51 -2.02
N LEU A 74 -7.04 -1.39 -2.55
CA LEU A 74 -6.70 -1.37 -3.96
C LEU A 74 -7.82 -1.96 -4.81
N ARG A 75 -8.66 -1.09 -5.36
CA ARG A 75 -9.77 -1.52 -6.18
C ARG A 75 -9.32 -1.81 -7.61
N GLN A 76 -9.95 -2.78 -8.25
CA GLN A 76 -9.62 -3.16 -9.62
C GLN A 76 -8.17 -3.61 -9.71
N LEU A 77 -7.85 -4.71 -9.03
CA LEU A 77 -6.49 -5.25 -9.03
C LEU A 77 -6.29 -6.18 -10.21
N ALA A 78 -5.08 -6.73 -10.33
CA ALA A 78 -4.76 -7.65 -11.41
C ALA A 78 -3.84 -8.77 -10.92
N LEU A 79 -3.82 -9.87 -11.67
CA LEU A 79 -2.99 -11.02 -11.32
C LEU A 79 -1.52 -10.62 -11.25
N LYS A 80 -1.17 -9.52 -11.91
CA LYS A 80 0.20 -9.03 -11.93
C LYS A 80 0.53 -8.30 -10.62
N ASP A 81 -0.50 -7.80 -9.96
CA ASP A 81 -0.32 -7.07 -8.70
C ASP A 81 0.16 -8.01 -7.60
N SER A 82 -0.09 -9.30 -7.78
CA SER A 82 0.31 -10.30 -6.80
C SER A 82 1.80 -10.15 -6.44
N GLY A 83 2.05 -9.66 -5.24
CA GLY A 83 3.42 -9.47 -4.80
C GLY A 83 3.53 -9.32 -3.29
N THR A 84 3.98 -8.14 -2.84
CA THR A 84 4.13 -7.87 -1.42
C THR A 84 4.09 -6.38 -1.14
N ILE A 85 3.05 -5.93 -0.44
CA ILE A 85 2.90 -4.53 -0.11
C ILE A 85 4.03 -4.04 0.79
N TYR A 86 4.80 -3.08 0.30
CA TYR A 86 5.92 -2.54 1.07
C TYR A 86 5.59 -1.14 1.60
N PHE A 87 4.97 -1.10 2.77
CA PHE A 87 4.60 0.16 3.39
C PHE A 87 5.83 0.95 3.80
N GLU A 88 5.71 2.28 3.79
CA GLU A 88 6.82 3.15 4.15
C GLU A 88 6.36 4.26 5.09
N ALA A 89 7.11 4.47 6.16
CA ALA A 89 6.78 5.50 7.14
C ALA A 89 7.98 5.82 8.02
N GLY A 90 8.72 6.86 7.66
CA GLY A 90 9.88 7.25 8.44
C GLY A 90 11.07 6.34 8.21
N ASP A 91 11.46 5.59 9.22
CA ASP A 91 12.59 4.67 9.12
C ASP A 91 12.13 3.22 9.25
N GLN A 92 10.85 2.99 8.97
CA GLN A 92 10.29 1.65 9.06
C GLN A 92 9.68 1.22 7.72
N ARG A 93 9.51 -0.08 7.54
CA ARG A 93 8.95 -0.61 6.30
C ARG A 93 8.26 -1.95 6.56
N ALA A 94 6.97 -2.01 6.25
CA ALA A 94 6.19 -3.22 6.44
C ALA A 94 6.28 -4.13 5.22
N SER A 95 5.71 -5.33 5.34
CA SER A 95 5.73 -6.29 4.24
C SER A 95 4.65 -7.35 4.43
N ALA A 96 3.62 -7.29 3.58
CA ALA A 96 2.52 -8.23 3.66
C ALA A 96 2.39 -9.02 2.35
N ALA A 97 2.09 -10.32 2.47
CA ALA A 97 1.95 -11.18 1.31
C ALA A 97 0.69 -10.82 0.52
N LEU A 98 0.88 -10.07 -0.56
CA LEU A 98 -0.24 -9.66 -1.41
C LEU A 98 -0.54 -10.71 -2.48
N ARG A 99 -1.46 -11.62 -2.17
CA ARG A 99 -1.83 -12.67 -3.09
C ARG A 99 -3.08 -12.29 -3.89
N VAL A 100 -3.09 -12.63 -5.17
CA VAL A 100 -4.22 -12.31 -6.03
C VAL A 100 -4.39 -13.37 -7.12
N THR A 101 -5.42 -14.21 -6.96
CA THR A 101 -5.69 -15.27 -7.92
C THR A 101 -6.67 -14.80 -8.99
N GLU A 102 -6.87 -15.63 -10.01
CA GLU A 102 -7.78 -15.30 -11.09
C GLU A 102 -9.15 -14.90 -10.55
N LYS A 103 -9.98 -14.33 -11.42
CA LYS A 103 -11.32 -13.89 -11.04
C LYS A 103 -12.36 -14.39 -12.04
N PRO A 104 -13.61 -14.48 -11.59
CA PRO A 104 -14.73 -14.95 -12.43
C PRO A 104 -15.09 -13.93 -13.51
N SER A 105 -14.88 -12.64 -13.20
CA SER A 105 -15.19 -11.57 -14.14
C SER A 105 -14.57 -10.26 -13.68
N VAL A 106 -14.13 -9.45 -14.64
CA VAL A 106 -13.52 -8.16 -14.34
C VAL A 106 -13.66 -7.20 -15.51
N PHE A 107 -13.72 -5.91 -15.20
CA PHE A 107 -13.85 -4.88 -16.24
C PHE A 107 -12.48 -4.43 -16.74
N SER A 108 -11.78 -3.67 -15.90
CA SER A 108 -10.46 -3.18 -16.26
C SER A 108 -9.83 -2.41 -15.10
N ARG A 109 -8.63 -1.89 -15.32
CA ARG A 109 -7.92 -1.14 -14.29
C ARG A 109 -7.47 0.22 -14.83
N SER A 110 -6.52 0.19 -15.77
CA SER A 110 -5.99 1.41 -16.36
C SER A 110 -6.23 1.44 -17.87
N GLY A 111 -6.29 2.63 -18.43
CA GLY A 111 -6.51 2.77 -19.86
C GLY A 111 -7.92 3.21 -20.19
N PRO A 112 -8.20 3.37 -21.50
CA PRO A 112 -9.52 3.80 -21.97
C PRO A 112 -10.58 2.72 -21.78
N SER A 113 -11.80 3.02 -22.21
CA SER A 113 -12.90 2.07 -22.08
C SER A 113 -13.37 1.59 -23.45
N SER A 114 -14.15 0.52 -23.46
CA SER A 114 -14.66 -0.04 -24.71
C SER A 114 -16.16 -0.32 -24.61
N GLY A 115 -16.87 -0.15 -25.72
CA GLY A 115 -18.30 -0.39 -25.74
C GLY A 115 -18.74 -1.21 -26.93
N GLY A 1 24.02 14.59 8.01
CA GLY A 1 22.92 15.10 8.82
C GLY A 1 23.30 16.35 9.58
N SER A 2 23.15 17.51 8.95
CA SER A 2 23.48 18.78 9.57
C SER A 2 22.37 19.80 9.34
N SER A 3 22.27 20.77 10.24
CA SER A 3 21.25 21.81 10.15
C SER A 3 21.41 22.61 8.86
N GLY A 4 20.35 23.31 8.48
CA GLY A 4 20.38 24.11 7.27
C GLY A 4 19.10 24.03 6.48
N SER A 5 19.17 23.44 5.29
CA SER A 5 18.00 23.31 4.43
C SER A 5 18.11 22.06 3.55
N SER A 6 17.04 21.28 3.49
CA SER A 6 17.02 20.07 2.69
C SER A 6 15.58 19.65 2.37
N GLY A 7 15.44 18.76 1.40
CA GLY A 7 14.12 18.29 1.01
C GLY A 7 13.74 16.99 1.68
N LEU A 8 14.15 16.82 2.93
CA LEU A 8 13.86 15.60 3.68
C LEU A 8 13.98 15.85 5.18
N VAL A 9 13.67 14.82 5.96
CA VAL A 9 13.75 14.91 7.41
C VAL A 9 14.01 13.54 8.05
N GLN A 10 14.96 13.49 8.96
CA GLN A 10 15.31 12.25 9.64
C GLN A 10 15.20 12.40 11.15
N GLY A 11 14.25 13.23 11.59
CA GLY A 11 14.07 13.45 13.01
C GLY A 11 13.05 12.51 13.62
N ARG A 12 11.78 12.68 13.23
CA ARG A 12 10.71 11.84 13.73
C ARG A 12 11.04 10.36 13.57
N ARG A 13 10.57 9.54 14.50
CA ARG A 13 10.82 8.11 14.46
C ARG A 13 9.51 7.33 14.36
N VAL A 14 9.49 6.35 13.46
CA VAL A 14 8.30 5.53 13.26
C VAL A 14 8.48 4.14 13.86
N HIS A 15 7.45 3.65 14.54
CA HIS A 15 7.49 2.33 15.16
C HIS A 15 6.32 1.47 14.70
N ILE A 16 6.62 0.45 13.89
CA ILE A 16 5.58 -0.44 13.38
C ILE A 16 4.88 -1.17 14.52
N ILE A 17 3.73 -0.65 14.93
CA ILE A 17 2.96 -1.25 16.00
C ILE A 17 2.35 -2.58 15.57
N GLU A 18 1.45 -2.52 14.59
CA GLU A 18 0.79 -3.71 14.07
C GLU A 18 1.03 -3.86 12.58
N ASP A 19 2.20 -4.39 12.21
CA ASP A 19 2.55 -4.59 10.82
C ASP A 19 1.46 -5.38 10.09
N LEU A 20 1.37 -5.17 8.78
CA LEU A 20 0.37 -5.87 7.97
C LEU A 20 0.41 -7.37 8.20
N GLU A 21 -0.58 -8.07 7.68
CA GLU A 21 -0.65 -9.52 7.83
C GLU A 21 -0.54 -10.22 6.47
N ASP A 22 -1.62 -10.20 5.72
CA ASP A 22 -1.65 -10.82 4.40
C ASP A 22 -3.02 -10.66 3.75
N VAL A 23 -3.07 -10.87 2.44
CA VAL A 23 -4.32 -10.75 1.68
C VAL A 23 -4.34 -11.71 0.51
N ASP A 24 -5.53 -12.22 0.20
CA ASP A 24 -5.69 -13.16 -0.92
C ASP A 24 -7.11 -13.07 -1.49
N VAL A 25 -7.24 -12.47 -2.66
CA VAL A 25 -8.53 -12.32 -3.32
C VAL A 25 -8.38 -12.33 -4.84
N GLN A 26 -9.49 -12.58 -5.53
CA GLN A 26 -9.49 -12.62 -6.99
C GLN A 26 -9.11 -11.26 -7.56
N GLU A 27 -8.25 -11.27 -8.58
CA GLU A 27 -7.81 -10.04 -9.22
C GLU A 27 -9.00 -9.19 -9.63
N GLY A 28 -8.81 -7.86 -9.60
CA GLY A 28 -9.88 -6.95 -9.97
C GLY A 28 -10.71 -6.52 -8.78
N SER A 29 -10.62 -7.27 -7.69
CA SER A 29 -11.36 -6.94 -6.48
C SER A 29 -10.65 -5.87 -5.66
N SER A 30 -11.19 -5.56 -4.49
CA SER A 30 -10.61 -4.56 -3.62
C SER A 30 -9.96 -5.20 -2.40
N ALA A 31 -8.63 -5.20 -2.39
CA ALA A 31 -7.87 -5.78 -1.28
C ALA A 31 -7.60 -4.74 -0.20
N THR A 32 -7.93 -5.09 1.04
CA THR A 32 -7.73 -4.19 2.18
C THR A 32 -6.46 -4.56 2.94
N PHE A 33 -5.66 -3.54 3.27
CA PHE A 33 -4.42 -3.75 4.01
C PHE A 33 -4.35 -2.85 5.23
N ARG A 34 -4.72 -3.39 6.38
CA ARG A 34 -4.69 -2.61 7.63
C ARG A 34 -3.34 -2.73 8.32
N CYS A 35 -2.88 -1.63 8.89
CA CYS A 35 -1.60 -1.61 9.58
C CYS A 35 -1.49 -0.38 10.49
N ARG A 36 -1.17 -0.61 11.75
CA ARG A 36 -1.04 0.48 12.72
C ARG A 36 0.42 0.85 12.91
N ILE A 37 0.77 2.09 12.53
CA ILE A 37 2.13 2.57 12.66
C ILE A 37 2.17 3.89 13.42
N SER A 38 3.06 3.98 14.40
CA SER A 38 3.21 5.19 15.21
C SER A 38 4.26 6.11 14.62
N PRO A 39 4.09 7.42 14.85
CA PRO A 39 2.97 7.96 15.62
C PRO A 39 1.64 7.82 14.88
N ALA A 40 0.58 7.54 15.63
CA ALA A 40 -0.75 7.39 15.05
C ALA A 40 -1.10 8.59 14.18
N ASN A 41 -0.51 9.74 14.48
CA ASN A 41 -0.76 10.96 13.72
C ASN A 41 0.31 11.17 12.66
N TYR A 42 0.81 10.07 12.10
CA TYR A 42 1.84 10.14 11.07
C TYR A 42 1.22 10.17 9.68
N GLU A 43 1.69 11.11 8.85
CA GLU A 43 1.17 11.25 7.50
C GLU A 43 1.86 12.41 6.77
N PRO A 44 1.81 12.38 5.44
CA PRO A 44 1.13 11.32 4.69
C PRO A 44 1.87 9.99 4.78
N VAL A 45 1.29 8.95 4.18
CA VAL A 45 1.89 7.63 4.19
C VAL A 45 2.18 7.14 2.78
N HIS A 46 3.24 6.36 2.63
CA HIS A 46 3.63 5.82 1.32
C HIS A 46 3.32 4.33 1.24
N TRP A 47 2.96 3.87 0.05
CA TRP A 47 2.64 2.46 -0.16
C TRP A 47 3.26 1.96 -1.46
N PHE A 48 3.89 0.79 -1.40
CA PHE A 48 4.52 0.20 -2.57
C PHE A 48 4.12 -1.27 -2.72
N LEU A 49 4.30 -1.81 -3.92
CA LEU A 49 3.96 -3.19 -4.20
C LEU A 49 5.03 -3.85 -5.08
N ASP A 50 5.86 -4.69 -4.48
CA ASP A 50 6.91 -5.39 -5.21
C ASP A 50 7.97 -4.40 -5.68
N LYS A 51 7.67 -3.67 -6.75
CA LYS A 51 8.60 -2.69 -7.29
C LYS A 51 7.86 -1.56 -8.02
N THR A 52 6.75 -1.13 -7.42
CA THR A 52 5.94 -0.06 -8.01
C THR A 52 5.22 0.73 -6.94
N PRO A 53 5.35 2.08 -7.00
CA PRO A 53 4.70 2.98 -6.04
C PRO A 53 3.19 3.00 -6.19
N LEU A 54 2.50 3.24 -5.09
CA LEU A 54 1.04 3.30 -5.09
C LEU A 54 0.54 4.61 -4.49
N HIS A 55 -0.41 5.25 -5.16
CA HIS A 55 -0.97 6.51 -4.68
C HIS A 55 -2.50 6.49 -4.78
N ALA A 56 -3.15 7.24 -3.91
CA ALA A 56 -4.60 7.31 -3.89
C ALA A 56 -5.14 7.82 -5.22
N ASN A 57 -6.12 7.12 -5.78
CA ASN A 57 -6.71 7.50 -7.05
C ASN A 57 -8.15 6.99 -7.15
N GLU A 58 -8.74 7.15 -8.33
CA GLU A 58 -10.12 6.70 -8.56
C GLU A 58 -10.27 5.23 -8.18
N LEU A 59 -9.18 4.48 -8.27
CA LEU A 59 -9.21 3.06 -7.94
C LEU A 59 -8.49 2.80 -6.61
N ASN A 60 -7.36 3.48 -6.41
CA ASN A 60 -6.60 3.33 -5.18
C ASN A 60 -7.24 4.10 -4.03
N GLU A 61 -7.42 3.43 -2.90
CA GLU A 61 -8.01 4.06 -1.72
C GLU A 61 -7.10 3.93 -0.51
N ILE A 62 -6.85 5.05 0.15
CA ILE A 62 -5.98 5.07 1.33
C ILE A 62 -6.63 5.86 2.46
N ASP A 63 -7.32 5.15 3.34
CA ASP A 63 -7.99 5.78 4.49
C ASP A 63 -7.00 6.00 5.63
N ALA A 64 -7.51 6.51 6.75
CA ALA A 64 -6.68 6.76 7.92
C ALA A 64 -7.47 6.56 9.21
N GLN A 65 -7.82 5.30 9.49
CA GLN A 65 -8.57 4.97 10.69
C GLN A 65 -7.90 5.54 11.93
N PRO A 66 -8.68 5.66 13.02
CA PRO A 66 -8.18 6.20 14.29
C PRO A 66 -7.20 5.25 14.97
N GLY A 67 -6.10 5.82 15.48
CA GLY A 67 -5.09 5.02 16.15
C GLY A 67 -3.88 4.76 15.27
N GLY A 68 -3.91 5.29 14.05
CA GLY A 68 -2.80 5.11 13.14
C GLY A 68 -3.02 3.94 12.19
N TYR A 69 -4.27 3.51 12.08
CA TYR A 69 -4.61 2.38 11.20
C TYR A 69 -4.78 2.85 9.76
N HIS A 70 -3.75 2.62 8.95
CA HIS A 70 -3.78 3.01 7.54
C HIS A 70 -4.35 1.89 6.68
N VAL A 71 -5.59 2.07 6.22
CA VAL A 71 -6.25 1.08 5.38
C VAL A 71 -6.03 1.39 3.90
N LEU A 72 -5.65 0.35 3.14
CA LEU A 72 -5.40 0.51 1.72
C LEU A 72 -6.33 -0.40 0.90
N THR A 73 -7.29 0.19 0.22
CA THR A 73 -8.24 -0.56 -0.59
C THR A 73 -7.89 -0.47 -2.07
N LEU A 74 -7.06 -1.40 -2.53
CA LEU A 74 -6.64 -1.42 -3.94
C LEU A 74 -7.74 -2.01 -4.81
N ARG A 75 -8.58 -1.14 -5.36
CA ARG A 75 -9.67 -1.58 -6.23
C ARG A 75 -9.17 -1.88 -7.63
N GLN A 76 -9.87 -2.76 -8.34
CA GLN A 76 -9.49 -3.13 -9.70
C GLN A 76 -8.02 -3.55 -9.76
N LEU A 77 -7.73 -4.71 -9.17
CA LEU A 77 -6.36 -5.23 -9.16
C LEU A 77 -6.14 -6.20 -10.31
N ALA A 78 -4.93 -6.77 -10.39
CA ALA A 78 -4.59 -7.71 -11.44
C ALA A 78 -3.72 -8.84 -10.90
N LEU A 79 -3.74 -9.97 -11.59
CA LEU A 79 -2.95 -11.13 -11.19
C LEU A 79 -1.48 -10.77 -11.07
N LYS A 80 -1.07 -9.74 -11.78
CA LYS A 80 0.32 -9.29 -11.74
C LYS A 80 0.62 -8.55 -10.44
N ASP A 81 -0.40 -7.92 -9.87
CA ASP A 81 -0.24 -7.19 -8.62
C ASP A 81 0.22 -8.10 -7.49
N SER A 82 -0.07 -9.40 -7.64
CA SER A 82 0.32 -10.38 -6.64
C SER A 82 1.80 -10.27 -6.29
N GLY A 83 2.09 -9.71 -5.13
CA GLY A 83 3.47 -9.54 -4.71
C GLY A 83 3.60 -9.37 -3.21
N THR A 84 4.03 -8.19 -2.79
CA THR A 84 4.21 -7.90 -1.36
C THR A 84 4.18 -6.40 -1.10
N ILE A 85 3.16 -5.95 -0.37
CA ILE A 85 3.02 -4.54 -0.04
C ILE A 85 4.16 -4.06 0.85
N TYR A 86 4.94 -3.10 0.34
CA TYR A 86 6.06 -2.55 1.08
C TYR A 86 5.74 -1.17 1.63
N PHE A 87 4.99 -1.13 2.72
CA PHE A 87 4.60 0.12 3.35
C PHE A 87 5.84 0.94 3.73
N GLU A 88 5.68 2.26 3.74
CA GLU A 88 6.78 3.15 4.08
C GLU A 88 6.31 4.25 5.05
N ALA A 89 7.13 4.50 6.07
CA ALA A 89 6.80 5.52 7.06
C ALA A 89 7.99 5.82 7.95
N GLY A 90 8.71 6.90 7.64
CA GLY A 90 9.87 7.28 8.43
C GLY A 90 11.09 6.43 8.10
N ASP A 91 11.54 5.66 9.08
CA ASP A 91 12.71 4.80 8.88
C ASP A 91 12.33 3.33 8.99
N GLN A 92 11.04 3.05 8.81
CA GLN A 92 10.54 1.68 8.88
C GLN A 92 10.01 1.23 7.52
N ARG A 93 9.49 0.00 7.48
CA ARG A 93 8.95 -0.56 6.24
C ARG A 93 8.27 -1.90 6.50
N ALA A 94 6.96 -1.93 6.30
CA ALA A 94 6.19 -3.15 6.52
C ALA A 94 6.30 -4.09 5.31
N SER A 95 5.76 -5.29 5.45
CA SER A 95 5.79 -6.28 4.38
C SER A 95 4.70 -7.32 4.56
N ALA A 96 3.70 -7.28 3.68
CA ALA A 96 2.59 -8.23 3.73
C ALA A 96 2.48 -9.01 2.43
N ALA A 97 2.14 -10.30 2.55
CA ALA A 97 1.99 -11.16 1.39
C ALA A 97 0.74 -10.80 0.60
N LEU A 98 0.91 -10.05 -0.47
CA LEU A 98 -0.20 -9.64 -1.32
C LEU A 98 -0.50 -10.69 -2.37
N ARG A 99 -1.43 -11.58 -2.07
CA ARG A 99 -1.80 -12.65 -3.00
C ARG A 99 -3.03 -12.25 -3.81
N VAL A 100 -3.03 -12.61 -5.09
CA VAL A 100 -4.15 -12.28 -5.98
C VAL A 100 -4.39 -13.40 -6.98
N THR A 101 -5.39 -14.23 -6.71
CA THR A 101 -5.73 -15.34 -7.59
C THR A 101 -6.59 -14.87 -8.76
N GLU A 102 -6.82 -15.77 -9.71
CA GLU A 102 -7.63 -15.45 -10.89
C GLU A 102 -9.02 -14.97 -10.47
N LYS A 103 -9.78 -14.49 -11.44
CA LYS A 103 -11.13 -14.00 -11.19
C LYS A 103 -12.13 -14.62 -12.15
N PRO A 104 -13.40 -14.67 -11.73
CA PRO A 104 -14.48 -15.25 -12.53
C PRO A 104 -14.82 -14.38 -13.75
N SER A 105 -15.01 -13.09 -13.51
CA SER A 105 -15.34 -12.15 -14.57
C SER A 105 -14.23 -11.12 -14.75
N VAL A 106 -13.95 -10.76 -16.00
CA VAL A 106 -12.92 -9.78 -16.30
C VAL A 106 -13.11 -8.50 -15.48
N PHE A 107 -12.01 -7.97 -14.97
CA PHE A 107 -12.07 -6.74 -14.17
C PHE A 107 -10.71 -6.06 -14.15
N SER A 108 -10.01 -6.08 -15.28
CA SER A 108 -8.70 -5.46 -15.40
C SER A 108 -8.73 -4.02 -14.88
N ARG A 109 -7.56 -3.47 -14.62
CA ARG A 109 -7.45 -2.10 -14.12
C ARG A 109 -7.90 -1.09 -15.17
N SER A 110 -7.43 -1.28 -16.41
CA SER A 110 -7.78 -0.40 -17.50
C SER A 110 -9.08 -0.84 -18.17
N GLY A 111 -10.16 -0.89 -17.39
CA GLY A 111 -11.45 -1.30 -17.91
C GLY A 111 -12.35 -0.12 -18.18
N PRO A 112 -13.51 -0.39 -18.79
CA PRO A 112 -14.50 0.63 -19.12
C PRO A 112 -15.19 1.21 -17.87
N SER A 113 -15.23 2.54 -17.79
CA SER A 113 -15.84 3.20 -16.64
C SER A 113 -17.08 3.97 -17.08
N SER A 114 -18.05 4.09 -16.17
CA SER A 114 -19.29 4.79 -16.46
C SER A 114 -20.04 4.13 -17.61
N GLY A 115 -20.17 2.81 -17.53
CA GLY A 115 -20.88 2.08 -18.57
C GLY A 115 -20.11 0.85 -19.03
N GLY A 1 5.87 22.99 4.91
CA GLY A 1 6.50 24.13 4.26
C GLY A 1 6.60 23.94 2.76
N SER A 2 7.81 24.11 2.22
CA SER A 2 8.04 23.97 0.79
C SER A 2 8.07 22.50 0.39
N SER A 3 7.80 22.23 -0.89
CA SER A 3 7.79 20.87 -1.40
C SER A 3 9.12 20.52 -2.05
N GLY A 4 9.27 19.25 -2.44
CA GLY A 4 10.50 18.81 -3.09
C GLY A 4 10.94 17.45 -2.60
N SER A 5 11.09 17.29 -1.29
CA SER A 5 11.51 16.03 -0.70
C SER A 5 12.83 15.57 -1.31
N SER A 6 13.76 16.50 -1.45
CA SER A 6 15.08 16.19 -2.02
C SER A 6 15.90 15.35 -1.05
N GLY A 7 16.22 14.12 -1.46
CA GLY A 7 17.01 13.23 -0.62
C GLY A 7 16.26 12.80 0.63
N LEU A 8 17.00 12.41 1.65
CA LEU A 8 16.40 11.97 2.91
C LEU A 8 15.87 13.16 3.71
N VAL A 9 14.73 12.96 4.37
CA VAL A 9 14.13 14.01 5.17
C VAL A 9 13.86 13.53 6.59
N GLN A 10 14.65 14.03 7.54
CA GLN A 10 14.49 13.66 8.94
C GLN A 10 13.21 14.23 9.53
N GLY A 11 12.60 13.48 10.44
CA GLY A 11 11.37 13.93 11.06
C GLY A 11 11.04 13.17 12.33
N ARG A 12 9.82 12.64 12.41
CA ARG A 12 9.39 11.89 13.58
C ARG A 12 9.69 10.40 13.41
N ARG A 13 10.23 9.79 14.46
CA ARG A 13 10.57 8.37 14.43
C ARG A 13 9.31 7.52 14.34
N VAL A 14 9.29 6.58 13.39
CA VAL A 14 8.14 5.70 13.19
C VAL A 14 8.41 4.33 13.80
N HIS A 15 7.38 3.77 14.43
CA HIS A 15 7.49 2.45 15.06
C HIS A 15 6.35 1.54 14.62
N ILE A 16 6.70 0.51 13.84
CA ILE A 16 5.70 -0.44 13.35
C ILE A 16 4.98 -1.13 14.50
N ILE A 17 3.81 -0.60 14.86
CA ILE A 17 3.02 -1.17 15.94
C ILE A 17 2.43 -2.52 15.55
N GLU A 18 1.56 -2.50 14.55
CA GLU A 18 0.92 -3.73 14.08
C GLU A 18 1.14 -3.91 12.58
N ASP A 19 2.28 -4.50 12.23
CA ASP A 19 2.63 -4.74 10.83
C ASP A 19 1.50 -5.48 10.11
N LEU A 20 1.39 -5.26 8.81
CA LEU A 20 0.36 -5.91 8.01
C LEU A 20 0.35 -7.41 8.24
N GLU A 21 -0.70 -8.08 7.77
CA GLU A 21 -0.82 -9.52 7.93
C GLU A 21 -0.70 -10.23 6.57
N ASP A 22 -1.77 -10.16 5.78
CA ASP A 22 -1.78 -10.79 4.47
C ASP A 22 -3.12 -10.59 3.78
N VAL A 23 -3.16 -10.86 2.48
CA VAL A 23 -4.38 -10.69 1.70
C VAL A 23 -4.42 -11.67 0.53
N ASP A 24 -5.61 -12.16 0.21
CA ASP A 24 -5.79 -13.11 -0.88
C ASP A 24 -7.20 -13.01 -1.47
N VAL A 25 -7.31 -12.39 -2.64
CA VAL A 25 -8.59 -12.23 -3.30
C VAL A 25 -8.43 -12.23 -4.82
N GLN A 26 -9.53 -12.49 -5.52
CA GLN A 26 -9.52 -12.53 -6.98
C GLN A 26 -9.12 -11.17 -7.55
N GLU A 27 -8.24 -11.19 -8.55
CA GLU A 27 -7.79 -9.96 -9.18
C GLU A 27 -8.96 -9.09 -9.61
N GLY A 28 -8.77 -7.78 -9.58
CA GLY A 28 -9.82 -6.86 -9.97
C GLY A 28 -10.68 -6.43 -8.79
N SER A 29 -10.58 -7.17 -7.69
CA SER A 29 -11.35 -6.86 -6.49
C SER A 29 -10.66 -5.78 -5.65
N SER A 30 -11.23 -5.49 -4.49
CA SER A 30 -10.67 -4.49 -3.60
C SER A 30 -9.99 -5.14 -2.40
N ALA A 31 -8.67 -5.18 -2.42
CA ALA A 31 -7.91 -5.77 -1.33
C ALA A 31 -7.61 -4.74 -0.24
N THR A 32 -7.94 -5.10 1.00
CA THR A 32 -7.72 -4.20 2.13
C THR A 32 -6.46 -4.60 2.90
N PHE A 33 -5.65 -3.60 3.25
CA PHE A 33 -4.41 -3.84 3.99
C PHE A 33 -4.34 -2.96 5.23
N ARG A 34 -4.75 -3.52 6.37
CA ARG A 34 -4.72 -2.79 7.63
C ARG A 34 -3.35 -2.89 8.30
N CYS A 35 -2.92 -1.79 8.90
CA CYS A 35 -1.63 -1.75 9.58
C CYS A 35 -1.58 -0.61 10.58
N ARG A 36 -0.94 -0.85 11.72
CA ARG A 36 -0.81 0.16 12.76
C ARG A 36 0.63 0.67 12.87
N ILE A 37 0.82 1.95 12.60
CA ILE A 37 2.16 2.54 12.67
C ILE A 37 2.12 3.88 13.41
N SER A 38 3.06 4.07 14.32
CA SER A 38 3.13 5.31 15.09
C SER A 38 4.10 6.30 14.44
N PRO A 39 3.86 7.60 14.71
CA PRO A 39 2.77 8.05 15.57
C PRO A 39 1.41 7.84 14.93
N ALA A 40 0.38 7.68 15.76
CA ALA A 40 -0.98 7.48 15.27
C ALA A 40 -1.39 8.60 14.32
N ASN A 41 -0.75 9.75 14.45
CA ASN A 41 -1.05 10.90 13.60
C ASN A 41 0.07 11.14 12.59
N TYR A 42 0.61 10.06 12.03
CA TYR A 42 1.70 10.15 11.07
C TYR A 42 1.15 10.27 9.64
N GLU A 43 1.74 11.16 8.86
CA GLU A 43 1.31 11.37 7.48
C GLU A 43 2.12 12.48 6.82
N PRO A 44 2.15 12.48 5.48
CA PRO A 44 1.44 11.48 4.68
C PRO A 44 2.08 10.10 4.79
N VAL A 45 1.46 9.11 4.13
CA VAL A 45 1.97 7.75 4.15
C VAL A 45 2.23 7.23 2.75
N HIS A 46 3.25 6.39 2.60
CA HIS A 46 3.60 5.83 1.31
C HIS A 46 3.25 4.34 1.24
N TRP A 47 2.92 3.87 0.05
CA TRP A 47 2.55 2.47 -0.15
C TRP A 47 3.13 1.94 -1.45
N PHE A 48 3.89 0.84 -1.35
CA PHE A 48 4.50 0.23 -2.52
C PHE A 48 4.08 -1.24 -2.65
N LEU A 49 4.28 -1.80 -3.83
CA LEU A 49 3.92 -3.20 -4.09
C LEU A 49 4.97 -3.87 -4.97
N ASP A 50 5.81 -4.70 -4.35
CA ASP A 50 6.86 -5.41 -5.07
C ASP A 50 7.92 -4.44 -5.59
N LYS A 51 7.61 -3.75 -6.67
CA LYS A 51 8.53 -2.80 -7.27
C LYS A 51 7.78 -1.69 -8.00
N THR A 52 6.70 -1.21 -7.40
CA THR A 52 5.90 -0.16 -7.99
C THR A 52 5.18 0.66 -6.92
N PRO A 53 5.29 1.99 -7.03
CA PRO A 53 4.65 2.91 -6.08
C PRO A 53 3.14 2.93 -6.21
N LEU A 54 2.46 3.23 -5.11
CA LEU A 54 0.99 3.29 -5.11
C LEU A 54 0.50 4.59 -4.49
N HIS A 55 -0.45 5.23 -5.17
CA HIS A 55 -1.01 6.49 -4.68
C HIS A 55 -2.53 6.49 -4.82
N ALA A 56 -3.20 7.16 -3.88
CA ALA A 56 -4.65 7.24 -3.89
C ALA A 56 -5.16 7.78 -5.22
N ASN A 57 -6.16 7.10 -5.79
CA ASN A 57 -6.74 7.52 -7.06
C ASN A 57 -8.16 6.98 -7.22
N GLU A 58 -8.71 7.12 -8.42
CA GLU A 58 -10.06 6.64 -8.69
C GLU A 58 -10.23 5.19 -8.28
N LEU A 59 -9.13 4.43 -8.34
CA LEU A 59 -9.16 3.02 -7.96
C LEU A 59 -8.46 2.80 -6.62
N ASN A 60 -7.31 3.44 -6.45
CA ASN A 60 -6.55 3.32 -5.21
C ASN A 60 -7.23 4.08 -4.08
N GLU A 61 -7.31 3.45 -2.90
CA GLU A 61 -7.93 4.07 -1.75
C GLU A 61 -7.04 3.93 -0.50
N ILE A 62 -6.80 5.05 0.17
CA ILE A 62 -5.97 5.05 1.37
C ILE A 62 -6.65 5.82 2.50
N ASP A 63 -7.34 5.09 3.37
CA ASP A 63 -8.02 5.71 4.50
C ASP A 63 -7.07 5.93 5.67
N ALA A 64 -7.59 6.44 6.78
CA ALA A 64 -6.78 6.70 7.95
C ALA A 64 -7.58 6.47 9.23
N GLN A 65 -7.95 5.21 9.47
CA GLN A 65 -8.71 4.85 10.66
C GLN A 65 -8.05 5.40 11.92
N PRO A 66 -8.83 5.49 13.01
CA PRO A 66 -8.34 5.99 14.29
C PRO A 66 -7.37 5.03 14.96
N GLY A 67 -6.31 5.57 15.56
CA GLY A 67 -5.32 4.74 16.22
C GLY A 67 -4.12 4.46 15.34
N GLY A 68 -3.95 5.27 14.30
CA GLY A 68 -2.83 5.08 13.40
C GLY A 68 -3.02 3.90 12.49
N TYR A 69 -4.26 3.65 12.09
CA TYR A 69 -4.56 2.52 11.21
C TYR A 69 -4.71 2.98 9.76
N HIS A 70 -3.74 2.62 8.93
CA HIS A 70 -3.75 2.99 7.52
C HIS A 70 -4.31 1.86 6.66
N VAL A 71 -5.54 2.06 6.17
CA VAL A 71 -6.19 1.06 5.34
C VAL A 71 -5.97 1.35 3.85
N LEU A 72 -5.58 0.34 3.09
CA LEU A 72 -5.35 0.48 1.67
C LEU A 72 -6.28 -0.42 0.86
N THR A 73 -7.24 0.19 0.17
CA THR A 73 -8.19 -0.56 -0.64
C THR A 73 -7.84 -0.49 -2.11
N LEU A 74 -7.00 -1.41 -2.57
CA LEU A 74 -6.58 -1.45 -3.96
C LEU A 74 -7.69 -2.03 -4.85
N ARG A 75 -8.52 -1.16 -5.39
CA ARG A 75 -9.61 -1.59 -6.26
C ARG A 75 -9.11 -1.89 -7.67
N GLN A 76 -9.79 -2.80 -8.35
CA GLN A 76 -9.40 -3.17 -9.71
C GLN A 76 -7.94 -3.61 -9.77
N LEU A 77 -7.64 -4.73 -9.13
CA LEU A 77 -6.28 -5.26 -9.12
C LEU A 77 -6.04 -6.20 -10.29
N ALA A 78 -4.85 -6.78 -10.34
CA ALA A 78 -4.49 -7.71 -11.40
C ALA A 78 -3.63 -8.85 -10.88
N LEU A 79 -3.65 -9.97 -11.58
CA LEU A 79 -2.88 -11.15 -11.19
C LEU A 79 -1.40 -10.80 -11.05
N LYS A 80 -0.98 -9.75 -11.76
CA LYS A 80 0.41 -9.31 -11.72
C LYS A 80 0.70 -8.55 -10.43
N ASP A 81 -0.33 -7.95 -9.86
CA ASP A 81 -0.19 -7.19 -8.63
C ASP A 81 0.27 -8.10 -7.48
N SER A 82 -0.03 -9.39 -7.61
CA SER A 82 0.36 -10.36 -6.58
C SER A 82 1.83 -10.25 -6.24
N GLY A 83 2.12 -9.66 -5.08
CA GLY A 83 3.50 -9.50 -4.66
C GLY A 83 3.64 -9.35 -3.16
N THR A 84 4.06 -8.17 -2.72
CA THR A 84 4.23 -7.90 -1.30
C THR A 84 4.17 -6.41 -1.00
N ILE A 85 3.11 -5.99 -0.31
CA ILE A 85 2.95 -4.58 0.03
C ILE A 85 4.09 -4.08 0.90
N TYR A 86 4.85 -3.12 0.39
CA TYR A 86 5.98 -2.57 1.12
C TYR A 86 5.65 -1.18 1.65
N PHE A 87 4.97 -1.13 2.78
CA PHE A 87 4.59 0.15 3.39
C PHE A 87 5.81 0.95 3.79
N GLU A 88 5.68 2.27 3.77
CA GLU A 88 6.79 3.16 4.13
C GLU A 88 6.33 4.23 5.10
N ALA A 89 7.14 4.48 6.13
CA ALA A 89 6.82 5.49 7.13
C ALA A 89 8.03 5.81 8.00
N GLY A 90 8.68 6.93 7.70
CA GLY A 90 9.84 7.34 8.45
C GLY A 90 11.05 6.47 8.17
N ASP A 91 11.50 5.73 9.19
CA ASP A 91 12.65 4.85 9.04
C ASP A 91 12.23 3.38 9.17
N GLN A 92 10.95 3.12 8.95
CA GLN A 92 10.43 1.76 9.04
C GLN A 92 9.87 1.29 7.70
N ARG A 93 9.34 0.08 7.67
CA ARG A 93 8.77 -0.48 6.45
C ARG A 93 8.11 -1.82 6.73
N ALA A 94 6.81 -1.91 6.44
CA ALA A 94 6.06 -3.13 6.65
C ALA A 94 6.10 -4.03 5.42
N SER A 95 5.71 -5.28 5.60
CA SER A 95 5.71 -6.25 4.50
C SER A 95 4.60 -7.28 4.68
N ALA A 96 3.68 -7.33 3.73
CA ALA A 96 2.58 -8.28 3.79
C ALA A 96 2.46 -9.07 2.50
N ALA A 97 2.08 -10.34 2.60
CA ALA A 97 1.93 -11.21 1.44
C ALA A 97 0.68 -10.84 0.65
N LEU A 98 0.87 -10.10 -0.44
CA LEU A 98 -0.24 -9.69 -1.28
C LEU A 98 -0.55 -10.75 -2.34
N ARG A 99 -1.50 -11.63 -2.03
CA ARG A 99 -1.88 -12.69 -2.95
C ARG A 99 -3.10 -12.27 -3.79
N VAL A 100 -3.08 -12.65 -5.06
CA VAL A 100 -4.18 -12.32 -5.96
C VAL A 100 -4.39 -13.41 -7.00
N THR A 101 -5.44 -14.20 -6.82
CA THR A 101 -5.75 -15.28 -7.74
C THR A 101 -6.65 -14.81 -8.88
N GLU A 102 -6.88 -15.67 -9.85
CA GLU A 102 -7.73 -15.33 -11.00
C GLU A 102 -9.10 -14.84 -10.53
N LYS A 103 -9.86 -14.27 -11.47
CA LYS A 103 -11.19 -13.76 -11.16
C LYS A 103 -12.20 -14.23 -12.19
N PRO A 104 -13.49 -14.25 -11.80
CA PRO A 104 -14.58 -14.67 -12.68
C PRO A 104 -14.84 -13.69 -13.80
N SER A 105 -14.57 -12.40 -13.53
CA SER A 105 -14.78 -11.35 -14.53
C SER A 105 -14.01 -10.09 -14.14
N VAL A 106 -13.67 -9.29 -15.14
CA VAL A 106 -12.95 -8.04 -14.90
C VAL A 106 -12.88 -7.20 -16.18
N PHE A 107 -12.88 -5.88 -16.02
CA PHE A 107 -12.80 -4.97 -17.15
C PHE A 107 -11.81 -3.84 -16.87
N SER A 108 -10.64 -4.21 -16.37
CA SER A 108 -9.60 -3.22 -16.06
C SER A 108 -8.33 -3.91 -15.61
N ARG A 109 -7.21 -3.19 -15.72
CA ARG A 109 -5.91 -3.73 -15.33
C ARG A 109 -5.66 -5.09 -15.99
N SER A 110 -6.06 -5.20 -17.25
CA SER A 110 -5.88 -6.45 -18.00
C SER A 110 -5.01 -6.22 -19.23
N GLY A 111 -3.71 -6.18 -19.04
CA GLY A 111 -2.79 -5.97 -20.14
C GLY A 111 -1.64 -5.05 -19.78
N PRO A 112 -0.64 -4.97 -20.66
CA PRO A 112 0.53 -4.12 -20.46
C PRO A 112 0.19 -2.63 -20.55
N SER A 113 -0.15 -2.03 -19.42
CA SER A 113 -0.50 -0.61 -19.38
C SER A 113 0.68 0.22 -18.90
N SER A 114 1.87 -0.10 -19.41
CA SER A 114 3.08 0.61 -19.02
C SER A 114 3.04 2.05 -19.54
N GLY A 115 2.92 3.00 -18.62
CA GLY A 115 2.88 4.41 -19.00
C GLY A 115 1.46 4.94 -19.08
N GLY A 1 18.46 11.88 -21.21
CA GLY A 1 18.38 10.75 -20.29
C GLY A 1 19.37 10.85 -19.16
N SER A 2 19.04 10.23 -18.03
CA SER A 2 19.91 10.25 -16.86
C SER A 2 19.51 9.17 -15.87
N SER A 3 20.37 8.94 -14.87
CA SER A 3 20.11 7.92 -13.86
C SER A 3 20.83 8.26 -12.55
N GLY A 4 20.16 7.99 -11.43
CA GLY A 4 20.75 8.28 -10.14
C GLY A 4 19.77 8.96 -9.20
N SER A 5 19.58 8.36 -8.02
CA SER A 5 18.66 8.90 -7.03
C SER A 5 19.19 8.68 -5.62
N SER A 6 18.81 9.55 -4.70
CA SER A 6 19.24 9.45 -3.31
C SER A 6 18.40 10.34 -2.41
N GLY A 7 18.21 9.91 -1.17
CA GLY A 7 17.41 10.67 -0.22
C GLY A 7 17.83 10.43 1.21
N LEU A 8 17.26 11.20 2.13
CA LEU A 8 17.57 11.07 3.55
C LEU A 8 16.32 11.19 4.41
N VAL A 9 16.47 11.00 5.71
CA VAL A 9 15.35 11.10 6.64
C VAL A 9 15.82 11.06 8.08
N GLN A 10 15.23 11.91 8.92
CA GLN A 10 15.60 11.97 10.33
C GLN A 10 14.58 12.78 11.13
N GLY A 11 14.39 12.41 12.39
CA GLY A 11 13.44 13.11 13.23
C GLY A 11 12.48 12.17 13.93
N ARG A 12 11.19 12.31 13.65
CA ARG A 12 10.17 11.46 14.26
C ARG A 12 10.39 10.00 13.89
N ARG A 13 10.86 9.21 14.84
CA ARG A 13 11.11 7.79 14.62
C ARG A 13 9.80 7.01 14.56
N VAL A 14 9.60 6.28 13.46
CA VAL A 14 8.39 5.49 13.28
C VAL A 14 8.55 4.09 13.87
N HIS A 15 7.52 3.63 14.59
CA HIS A 15 7.55 2.31 15.21
C HIS A 15 6.38 1.47 14.73
N ILE A 16 6.67 0.42 13.96
CA ILE A 16 5.64 -0.47 13.45
C ILE A 16 4.89 -1.16 14.59
N ILE A 17 3.75 -0.60 14.96
CA ILE A 17 2.94 -1.17 16.04
C ILE A 17 2.30 -2.48 15.61
N GLU A 18 1.43 -2.41 14.61
CA GLU A 18 0.75 -3.60 14.10
C GLU A 18 0.99 -3.76 12.60
N ASP A 19 2.12 -4.36 12.25
CA ASP A 19 2.47 -4.57 10.84
C ASP A 19 1.36 -5.35 10.13
N LEU A 20 1.29 -5.18 8.82
CA LEU A 20 0.28 -5.86 8.01
C LEU A 20 0.31 -7.36 8.25
N GLU A 21 -0.65 -8.08 7.70
CA GLU A 21 -0.74 -9.52 7.85
C GLU A 21 -0.61 -10.22 6.50
N ASP A 22 -1.69 -10.20 5.73
CA ASP A 22 -1.71 -10.83 4.42
C ASP A 22 -3.08 -10.65 3.74
N VAL A 23 -3.12 -10.88 2.44
CA VAL A 23 -4.36 -10.75 1.68
C VAL A 23 -4.37 -11.71 0.49
N ASP A 24 -5.55 -12.23 0.18
CA ASP A 24 -5.71 -13.15 -0.94
C ASP A 24 -7.12 -13.09 -1.52
N VAL A 25 -7.24 -12.47 -2.69
CA VAL A 25 -8.53 -12.33 -3.34
C VAL A 25 -8.39 -12.31 -4.86
N GLN A 26 -9.48 -12.58 -5.56
CA GLN A 26 -9.47 -12.59 -7.02
C GLN A 26 -9.12 -11.22 -7.58
N GLU A 27 -8.24 -11.19 -8.58
CA GLU A 27 -7.82 -9.94 -9.20
C GLU A 27 -9.04 -9.11 -9.62
N GLY A 28 -8.89 -7.80 -9.55
CA GLY A 28 -9.97 -6.91 -9.93
C GLY A 28 -10.82 -6.49 -8.74
N SER A 29 -10.67 -7.21 -7.63
CA SER A 29 -11.42 -6.92 -6.43
C SER A 29 -10.74 -5.84 -5.59
N SER A 30 -11.29 -5.56 -4.41
CA SER A 30 -10.72 -4.55 -3.52
C SER A 30 -10.03 -5.20 -2.33
N ALA A 31 -8.71 -5.19 -2.34
CA ALA A 31 -7.93 -5.77 -1.26
C ALA A 31 -7.61 -4.74 -0.19
N THR A 32 -7.96 -5.07 1.05
CA THR A 32 -7.73 -4.16 2.18
C THR A 32 -6.45 -4.53 2.92
N PHE A 33 -5.67 -3.52 3.30
CA PHE A 33 -4.43 -3.74 4.02
C PHE A 33 -4.34 -2.83 5.25
N ARG A 34 -4.74 -3.36 6.40
CA ARG A 34 -4.72 -2.60 7.64
C ARG A 34 -3.36 -2.73 8.32
N CYS A 35 -2.91 -1.65 8.94
CA CYS A 35 -1.62 -1.65 9.63
C CYS A 35 -1.48 -0.40 10.49
N ARG A 36 -1.12 -0.60 11.75
CA ARG A 36 -0.95 0.51 12.69
C ARG A 36 0.52 0.89 12.82
N ILE A 37 0.82 2.17 12.63
CA ILE A 37 2.19 2.66 12.73
C ILE A 37 2.25 3.98 13.47
N SER A 38 3.14 4.06 14.46
CA SER A 38 3.29 5.27 15.25
C SER A 38 4.37 6.17 14.66
N PRO A 39 4.23 7.49 14.88
CA PRO A 39 3.11 8.05 15.63
C PRO A 39 1.78 7.92 14.88
N ALA A 40 0.70 7.68 15.62
CA ALA A 40 -0.62 7.55 15.02
C ALA A 40 -0.96 8.74 14.15
N ASN A 41 -0.33 9.88 14.45
CA ASN A 41 -0.56 11.10 13.69
C ASN A 41 0.51 11.29 12.61
N TYR A 42 0.99 10.18 12.07
CA TYR A 42 2.02 10.23 11.04
C TYR A 42 1.41 10.28 9.66
N GLU A 43 1.89 11.19 8.82
CA GLU A 43 1.38 11.35 7.46
C GLU A 43 2.09 12.49 6.74
N PRO A 44 2.03 12.47 5.40
CA PRO A 44 1.33 11.41 4.66
C PRO A 44 2.05 10.06 4.75
N VAL A 45 1.43 9.05 4.16
CA VAL A 45 2.01 7.70 4.17
C VAL A 45 2.28 7.21 2.76
N HIS A 46 3.30 6.37 2.61
CA HIS A 46 3.66 5.82 1.31
C HIS A 46 3.33 4.33 1.24
N TRP A 47 2.92 3.88 0.05
CA TRP A 47 2.57 2.48 -0.15
C TRP A 47 3.16 1.95 -1.45
N PHE A 48 3.88 0.84 -1.37
CA PHE A 48 4.50 0.23 -2.54
C PHE A 48 4.09 -1.23 -2.68
N LEU A 49 4.28 -1.79 -3.86
CA LEU A 49 3.94 -3.18 -4.12
C LEU A 49 5.00 -3.85 -4.99
N ASP A 50 5.82 -4.69 -4.36
CA ASP A 50 6.89 -5.40 -5.07
C ASP A 50 7.95 -4.42 -5.56
N LYS A 51 7.66 -3.74 -6.67
CA LYS A 51 8.59 -2.78 -7.25
C LYS A 51 7.84 -1.68 -7.99
N THR A 52 6.75 -1.21 -7.40
CA THR A 52 5.94 -0.15 -8.00
C THR A 52 5.21 0.66 -6.94
N PRO A 53 5.30 1.99 -7.05
CA PRO A 53 4.66 2.91 -6.10
C PRO A 53 3.13 2.90 -6.23
N LEU A 54 2.45 3.19 -5.14
CA LEU A 54 0.99 3.22 -5.13
C LEU A 54 0.48 4.53 -4.56
N HIS A 55 -0.47 5.15 -5.27
CA HIS A 55 -1.05 6.41 -4.83
C HIS A 55 -2.57 6.38 -4.94
N ALA A 56 -3.25 7.01 -3.99
CA ALA A 56 -4.70 7.06 -3.97
C ALA A 56 -5.24 7.71 -5.24
N ASN A 57 -6.28 7.10 -5.81
CA ASN A 57 -6.89 7.63 -7.03
C ASN A 57 -8.29 7.06 -7.22
N GLU A 58 -8.85 7.25 -8.41
CA GLU A 58 -10.18 6.76 -8.72
C GLU A 58 -10.32 5.28 -8.35
N LEU A 59 -9.21 4.54 -8.45
CA LEU A 59 -9.21 3.13 -8.12
C LEU A 59 -8.61 2.89 -6.74
N ASN A 60 -7.35 3.30 -6.57
CA ASN A 60 -6.66 3.14 -5.30
C ASN A 60 -7.39 3.88 -4.18
N GLU A 61 -7.32 3.34 -2.96
CA GLU A 61 -7.98 3.95 -1.82
C GLU A 61 -7.10 3.84 -0.57
N ILE A 62 -6.86 4.98 0.08
CA ILE A 62 -6.04 5.01 1.28
C ILE A 62 -6.73 5.80 2.39
N ASP A 63 -7.34 5.11 3.33
CA ASP A 63 -8.03 5.75 4.45
C ASP A 63 -7.05 6.03 5.60
N ALA A 64 -7.58 6.55 6.70
CA ALA A 64 -6.76 6.86 7.87
C ALA A 64 -7.55 6.67 9.16
N GLN A 65 -7.91 5.42 9.44
CA GLN A 65 -8.68 5.11 10.65
C GLN A 65 -7.99 5.68 11.88
N PRO A 66 -8.76 5.81 12.98
CA PRO A 66 -8.25 6.35 14.24
C PRO A 66 -7.27 5.40 14.92
N GLY A 67 -6.15 5.94 15.40
CA GLY A 67 -5.15 5.13 16.06
C GLY A 67 -4.00 4.76 15.15
N GLY A 68 -3.88 5.47 14.04
CA GLY A 68 -2.81 5.21 13.09
C GLY A 68 -3.11 4.02 12.21
N TYR A 69 -4.38 3.65 12.12
CA TYR A 69 -4.80 2.51 11.31
C TYR A 69 -4.89 2.90 9.84
N HIS A 70 -3.82 2.63 9.08
CA HIS A 70 -3.78 2.96 7.67
C HIS A 70 -4.39 1.83 6.83
N VAL A 71 -5.54 2.11 6.22
CA VAL A 71 -6.22 1.13 5.39
C VAL A 71 -6.01 1.41 3.91
N LEU A 72 -5.66 0.37 3.16
CA LEU A 72 -5.43 0.50 1.73
C LEU A 72 -6.34 -0.42 0.94
N THR A 73 -7.35 0.16 0.30
CA THR A 73 -8.30 -0.62 -0.48
C THR A 73 -7.99 -0.52 -1.98
N LEU A 74 -7.14 -1.41 -2.46
CA LEU A 74 -6.75 -1.41 -3.87
C LEU A 74 -7.88 -1.98 -4.73
N ARG A 75 -8.70 -1.09 -5.27
CA ARG A 75 -9.82 -1.49 -6.12
C ARG A 75 -9.34 -1.79 -7.54
N GLN A 76 -9.98 -2.77 -8.18
CA GLN A 76 -9.62 -3.14 -9.55
C GLN A 76 -8.15 -3.55 -9.63
N LEU A 77 -7.83 -4.69 -9.02
CA LEU A 77 -6.45 -5.19 -9.03
C LEU A 77 -6.21 -6.09 -10.23
N ALA A 78 -5.01 -6.66 -10.31
CA ALA A 78 -4.64 -7.54 -11.40
C ALA A 78 -3.74 -8.67 -10.92
N LEU A 79 -3.71 -9.76 -11.68
CA LEU A 79 -2.88 -10.91 -11.33
C LEU A 79 -1.41 -10.51 -11.22
N LYS A 80 -1.05 -9.41 -11.88
CA LYS A 80 0.32 -8.91 -11.86
C LYS A 80 0.62 -8.19 -10.55
N ASP A 81 -0.43 -7.77 -9.85
CA ASP A 81 -0.27 -7.08 -8.59
C ASP A 81 0.21 -8.03 -7.49
N SER A 82 -0.03 -9.32 -7.69
CA SER A 82 0.37 -10.34 -6.73
C SER A 82 1.84 -10.18 -6.36
N GLY A 83 2.10 -9.69 -5.15
CA GLY A 83 3.47 -9.50 -4.70
C GLY A 83 3.57 -9.35 -3.21
N THR A 84 3.99 -8.17 -2.75
CA THR A 84 4.14 -7.91 -1.33
C THR A 84 4.13 -6.41 -1.05
N ILE A 85 3.09 -5.95 -0.36
CA ILE A 85 2.96 -4.54 -0.02
C ILE A 85 4.12 -4.08 0.87
N TYR A 86 4.88 -3.10 0.37
CA TYR A 86 6.01 -2.57 1.11
C TYR A 86 5.71 -1.18 1.65
N PHE A 87 4.95 -1.14 2.75
CA PHE A 87 4.58 0.13 3.38
C PHE A 87 5.83 0.93 3.75
N GLU A 88 5.70 2.24 3.77
CA GLU A 88 6.80 3.13 4.12
C GLU A 88 6.36 4.22 5.08
N ALA A 89 7.17 4.47 6.10
CA ALA A 89 6.86 5.49 7.09
C ALA A 89 8.06 5.78 7.98
N GLY A 90 8.78 6.84 7.67
CA GLY A 90 9.96 7.20 8.45
C GLY A 90 11.16 6.34 8.12
N ASP A 91 11.62 5.57 9.09
CA ASP A 91 12.77 4.70 8.90
C ASP A 91 12.37 3.24 9.00
N GLN A 92 11.08 2.96 8.82
CA GLN A 92 10.57 1.60 8.89
C GLN A 92 10.03 1.15 7.54
N ARG A 93 9.48 -0.06 7.51
CA ARG A 93 8.93 -0.60 6.27
C ARG A 93 8.24 -1.94 6.53
N ALA A 94 6.91 -1.96 6.35
CA ALA A 94 6.13 -3.18 6.56
C ALA A 94 6.24 -4.11 5.36
N SER A 95 5.69 -5.32 5.50
CA SER A 95 5.72 -6.31 4.43
C SER A 95 4.61 -7.33 4.61
N ALA A 96 3.64 -7.31 3.69
CA ALA A 96 2.52 -8.25 3.75
C ALA A 96 2.39 -9.03 2.44
N ALA A 97 2.08 -10.31 2.55
CA ALA A 97 1.92 -11.16 1.37
C ALA A 97 0.68 -10.78 0.58
N LEU A 98 0.87 -10.02 -0.49
CA LEU A 98 -0.24 -9.59 -1.33
C LEU A 98 -0.55 -10.62 -2.41
N ARG A 99 -1.44 -11.55 -2.09
CA ARG A 99 -1.82 -12.59 -3.04
C ARG A 99 -3.05 -12.18 -3.85
N VAL A 100 -3.02 -12.48 -5.14
CA VAL A 100 -4.13 -12.14 -6.03
C VAL A 100 -4.31 -13.19 -7.11
N THR A 101 -5.27 -14.09 -6.89
CA THR A 101 -5.56 -15.15 -7.84
C THR A 101 -6.45 -14.66 -8.97
N GLU A 102 -6.80 -15.57 -9.88
CA GLU A 102 -7.65 -15.22 -11.02
C GLU A 102 -9.03 -14.76 -10.55
N LYS A 103 -9.82 -14.24 -11.47
CA LYS A 103 -11.17 -13.77 -11.15
C LYS A 103 -12.15 -14.17 -12.24
N PRO A 104 -13.45 -14.18 -11.88
CA PRO A 104 -14.52 -14.55 -12.81
C PRO A 104 -14.73 -13.51 -13.90
N SER A 105 -14.74 -12.24 -13.50
CA SER A 105 -14.95 -11.14 -14.43
C SER A 105 -14.29 -9.86 -13.92
N VAL A 106 -13.83 -9.03 -14.85
CA VAL A 106 -13.18 -7.77 -14.49
C VAL A 106 -13.10 -6.83 -15.68
N PHE A 107 -13.11 -5.53 -15.41
CA PHE A 107 -13.04 -4.52 -16.47
C PHE A 107 -11.59 -4.30 -16.91
N SER A 108 -10.82 -3.62 -16.07
CA SER A 108 -9.43 -3.33 -16.37
C SER A 108 -8.75 -2.63 -15.20
N ARG A 109 -7.50 -2.20 -15.41
CA ARG A 109 -6.75 -1.52 -14.37
C ARG A 109 -5.98 -0.33 -14.95
N SER A 110 -6.59 0.84 -14.91
CA SER A 110 -5.96 2.05 -15.45
C SER A 110 -6.73 3.30 -15.01
N GLY A 111 -6.02 4.43 -14.99
CA GLY A 111 -6.66 5.68 -14.60
C GLY A 111 -7.04 6.53 -15.78
N PRO A 112 -7.84 7.57 -15.53
CA PRO A 112 -8.31 8.49 -16.58
C PRO A 112 -7.18 9.38 -17.12
N SER A 113 -6.42 8.83 -18.07
CA SER A 113 -5.30 9.57 -18.66
C SER A 113 -4.75 8.82 -19.88
N SER A 114 -4.52 9.56 -20.95
CA SER A 114 -4.00 8.97 -22.18
C SER A 114 -2.47 8.96 -22.17
N GLY A 115 -1.87 10.16 -22.20
CA GLY A 115 -0.43 10.26 -22.19
C GLY A 115 0.05 11.70 -22.30
N GLY A 1 11.62 25.38 -6.79
CA GLY A 1 12.57 25.95 -5.83
C GLY A 1 13.74 25.03 -5.55
N SER A 2 13.48 23.73 -5.56
CA SER A 2 14.53 22.74 -5.30
C SER A 2 14.09 21.35 -5.75
N SER A 3 15.06 20.46 -5.94
CA SER A 3 14.78 19.11 -6.37
C SER A 3 15.62 18.10 -5.59
N GLY A 4 14.95 17.11 -4.99
CA GLY A 4 15.65 16.10 -4.22
C GLY A 4 15.16 14.70 -4.52
N SER A 5 14.37 14.14 -3.60
CA SER A 5 13.84 12.79 -3.77
C SER A 5 14.97 11.77 -3.86
N SER A 6 16.08 12.07 -3.20
CA SER A 6 17.23 11.18 -3.21
C SER A 6 17.27 10.33 -1.95
N GLY A 7 16.09 10.06 -1.39
CA GLY A 7 16.01 9.25 -0.19
C GLY A 7 16.55 9.98 1.03
N LEU A 8 15.70 10.80 1.64
CA LEU A 8 16.11 11.56 2.83
C LEU A 8 14.94 11.69 3.81
N VAL A 9 15.20 11.39 5.07
CA VAL A 9 14.18 11.48 6.11
C VAL A 9 14.79 11.76 7.48
N GLN A 10 14.15 12.62 8.26
CA GLN A 10 14.63 12.96 9.59
C GLN A 10 13.63 13.84 10.33
N GLY A 11 13.56 13.66 11.64
CA GLY A 11 12.64 14.44 12.44
C GLY A 11 11.82 13.58 13.39
N ARG A 12 10.82 12.90 12.84
CA ARG A 12 9.96 12.04 13.64
C ARG A 12 10.41 10.59 13.55
N ARG A 13 10.11 9.82 14.60
CA ARG A 13 10.48 8.41 14.64
C ARG A 13 9.25 7.52 14.53
N VAL A 14 9.21 6.70 13.49
CA VAL A 14 8.10 5.79 13.25
C VAL A 14 8.34 4.43 13.89
N HIS A 15 7.30 3.84 14.47
CA HIS A 15 7.42 2.54 15.11
C HIS A 15 6.30 1.61 14.66
N ILE A 16 6.67 0.55 13.94
CA ILE A 16 5.70 -0.41 13.44
C ILE A 16 4.96 -1.11 14.59
N ILE A 17 3.79 -0.59 14.93
CA ILE A 17 3.00 -1.16 16.01
C ILE A 17 2.44 -2.52 15.62
N GLU A 18 1.63 -2.54 14.56
CA GLU A 18 1.03 -3.78 14.08
C GLU A 18 1.25 -3.95 12.58
N ASP A 19 2.38 -4.55 12.22
CA ASP A 19 2.70 -4.78 10.81
C ASP A 19 1.60 -5.54 10.11
N LEU A 20 1.46 -5.32 8.80
CA LEU A 20 0.44 -5.99 8.02
C LEU A 20 0.48 -7.50 8.23
N GLU A 21 -0.54 -8.19 7.74
CA GLU A 21 -0.63 -9.64 7.88
C GLU A 21 -0.53 -10.32 6.51
N ASP A 22 -1.62 -10.27 5.75
CA ASP A 22 -1.66 -10.88 4.44
C ASP A 22 -3.02 -10.68 3.78
N VAL A 23 -3.08 -10.89 2.47
CA VAL A 23 -4.33 -10.74 1.73
C VAL A 23 -4.38 -11.68 0.54
N ASP A 24 -5.58 -12.18 0.25
CA ASP A 24 -5.77 -13.11 -0.87
C ASP A 24 -7.18 -13.01 -1.42
N VAL A 25 -7.32 -12.39 -2.59
CA VAL A 25 -8.62 -12.22 -3.23
C VAL A 25 -8.48 -12.24 -4.76
N GLN A 26 -9.60 -12.50 -5.43
CA GLN A 26 -9.62 -12.55 -6.88
C GLN A 26 -9.22 -11.20 -7.48
N GLU A 27 -8.38 -11.23 -8.50
CA GLU A 27 -7.93 -10.01 -9.16
C GLU A 27 -9.12 -9.14 -9.56
N GLY A 28 -8.91 -7.83 -9.53
CA GLY A 28 -9.97 -6.89 -9.90
C GLY A 28 -10.78 -6.45 -8.70
N SER A 29 -10.70 -7.22 -7.62
CA SER A 29 -11.44 -6.90 -6.40
C SER A 29 -10.71 -5.83 -5.58
N SER A 30 -11.24 -5.53 -4.41
CA SER A 30 -10.65 -4.52 -3.53
C SER A 30 -9.96 -5.17 -2.35
N ALA A 31 -8.63 -5.21 -2.39
CA ALA A 31 -7.84 -5.80 -1.32
C ALA A 31 -7.55 -4.78 -0.23
N THR A 32 -7.89 -5.14 1.01
CA THR A 32 -7.67 -4.24 2.14
C THR A 32 -6.37 -4.60 2.87
N PHE A 33 -5.60 -3.57 3.21
CA PHE A 33 -4.33 -3.77 3.91
C PHE A 33 -4.23 -2.85 5.12
N ARG A 34 -4.58 -3.36 6.28
CA ARG A 34 -4.52 -2.58 7.52
C ARG A 34 -3.14 -2.68 8.16
N CYS A 35 -2.70 -1.59 8.79
CA CYS A 35 -1.40 -1.56 9.44
C CYS A 35 -1.35 -0.46 10.50
N ARG A 36 -0.87 -0.81 11.68
CA ARG A 36 -0.77 0.14 12.78
C ARG A 36 0.66 0.66 12.93
N ILE A 37 0.86 1.92 12.54
CA ILE A 37 2.18 2.54 12.62
C ILE A 37 2.11 3.88 13.34
N SER A 38 3.00 4.09 14.30
CA SER A 38 3.05 5.32 15.06
C SER A 38 4.00 6.32 14.43
N PRO A 39 3.75 7.61 14.68
CA PRO A 39 2.63 8.06 15.53
C PRO A 39 1.28 7.82 14.87
N ALA A 40 0.25 7.62 15.68
CA ALA A 40 -1.10 7.39 15.18
C ALA A 40 -1.51 8.48 14.19
N ASN A 41 -0.94 9.67 14.36
CA ASN A 41 -1.25 10.79 13.48
C ASN A 41 -0.10 11.05 12.51
N TYR A 42 0.48 9.97 11.98
CA TYR A 42 1.58 10.09 11.03
C TYR A 42 1.06 10.22 9.60
N GLU A 43 1.67 11.12 8.83
CA GLU A 43 1.28 11.33 7.45
C GLU A 43 2.11 12.44 6.81
N PRO A 44 2.16 12.45 5.47
CA PRO A 44 1.46 11.46 4.65
C PRO A 44 2.08 10.06 4.77
N VAL A 45 1.46 9.09 4.09
CA VAL A 45 1.96 7.73 4.12
C VAL A 45 2.22 7.20 2.71
N HIS A 46 3.25 6.38 2.57
CA HIS A 46 3.61 5.82 1.27
C HIS A 46 3.23 4.34 1.21
N TRP A 47 2.92 3.86 0.01
CA TRP A 47 2.56 2.47 -0.19
C TRP A 47 3.13 1.93 -1.50
N PHE A 48 3.86 0.83 -1.40
CA PHE A 48 4.47 0.21 -2.58
C PHE A 48 4.04 -1.24 -2.72
N LEU A 49 4.25 -1.81 -3.91
CA LEU A 49 3.88 -3.19 -4.17
C LEU A 49 4.94 -3.88 -5.03
N ASP A 50 5.75 -4.72 -4.40
CA ASP A 50 6.80 -5.44 -5.10
C ASP A 50 7.89 -4.49 -5.61
N LYS A 51 7.59 -3.79 -6.70
CA LYS A 51 8.53 -2.84 -7.29
C LYS A 51 7.80 -1.71 -8.00
N THR A 52 6.71 -1.25 -7.39
CA THR A 52 5.92 -0.17 -7.97
C THR A 52 5.18 0.61 -6.88
N PRO A 53 5.25 1.95 -6.97
CA PRO A 53 4.59 2.84 -6.01
C PRO A 53 3.08 2.81 -6.12
N LEU A 54 2.39 3.36 -5.13
CA LEU A 54 0.94 3.40 -5.13
C LEU A 54 0.42 4.70 -4.53
N HIS A 55 -0.49 5.35 -5.24
CA HIS A 55 -1.07 6.61 -4.77
C HIS A 55 -2.59 6.59 -4.88
N ALA A 56 -3.25 7.21 -3.91
CA ALA A 56 -4.71 7.26 -3.90
C ALA A 56 -5.25 7.80 -5.22
N ASN A 57 -6.28 7.16 -5.74
CA ASN A 57 -6.88 7.58 -7.01
C ASN A 57 -8.28 6.99 -7.15
N GLU A 58 -8.85 7.14 -8.35
CA GLU A 58 -10.19 6.62 -8.62
C GLU A 58 -10.30 5.15 -8.22
N LEU A 59 -9.19 4.43 -8.31
CA LEU A 59 -9.16 3.02 -7.96
C LEU A 59 -8.45 2.80 -6.62
N ASN A 60 -7.30 3.44 -6.46
CA ASN A 60 -6.53 3.32 -5.22
C ASN A 60 -7.21 4.08 -4.08
N GLU A 61 -7.29 3.43 -2.92
CA GLU A 61 -7.91 4.03 -1.76
C GLU A 61 -7.02 3.90 -0.52
N ILE A 62 -6.80 5.01 0.15
CA ILE A 62 -5.96 5.03 1.35
C ILE A 62 -6.63 5.78 2.49
N ASP A 63 -7.26 5.04 3.40
CA ASP A 63 -7.94 5.64 4.54
C ASP A 63 -6.97 5.87 5.69
N ALA A 64 -7.49 6.37 6.81
CA ALA A 64 -6.67 6.64 7.98
C ALA A 64 -7.45 6.38 9.27
N GLN A 65 -7.80 5.11 9.49
CA GLN A 65 -8.55 4.73 10.69
C GLN A 65 -7.86 5.26 11.95
N PRO A 66 -8.63 5.33 13.04
CA PRO A 66 -8.12 5.81 14.33
C PRO A 66 -7.14 4.83 14.96
N GLY A 67 -6.06 5.37 15.52
CA GLY A 67 -5.06 4.53 16.15
C GLY A 67 -3.88 4.24 15.24
N GLY A 68 -3.73 5.06 14.20
CA GLY A 68 -2.63 4.87 13.26
C GLY A 68 -2.87 3.71 12.33
N TYR A 69 -4.14 3.38 12.10
CA TYR A 69 -4.50 2.27 11.22
C TYR A 69 -4.70 2.76 9.78
N HIS A 70 -3.67 2.58 8.96
CA HIS A 70 -3.73 3.01 7.56
C HIS A 70 -4.26 1.89 6.68
N VAL A 71 -5.50 2.03 6.23
CA VAL A 71 -6.11 1.02 5.37
C VAL A 71 -5.90 1.35 3.90
N LEU A 72 -5.54 0.33 3.12
CA LEU A 72 -5.31 0.51 1.69
C LEU A 72 -6.21 -0.41 0.87
N THR A 73 -7.21 0.19 0.22
CA THR A 73 -8.14 -0.58 -0.60
C THR A 73 -7.79 -0.47 -2.09
N LEU A 74 -6.96 -1.40 -2.56
CA LEU A 74 -6.54 -1.40 -3.96
C LEU A 74 -7.64 -2.00 -4.85
N ARG A 75 -8.47 -1.14 -5.42
CA ARG A 75 -9.54 -1.58 -6.29
C ARG A 75 -9.03 -1.88 -7.70
N GLN A 76 -9.77 -2.69 -8.43
CA GLN A 76 -9.39 -3.05 -9.79
C GLN A 76 -7.94 -3.57 -9.83
N LEU A 77 -7.71 -4.70 -9.17
CA LEU A 77 -6.38 -5.29 -9.13
C LEU A 77 -6.17 -6.25 -10.31
N ALA A 78 -4.98 -6.83 -10.39
CA ALA A 78 -4.66 -7.77 -11.45
C ALA A 78 -3.77 -8.89 -10.94
N LEU A 79 -3.76 -10.00 -11.67
CA LEU A 79 -2.95 -11.16 -11.28
C LEU A 79 -1.48 -10.78 -11.18
N LYS A 80 -1.10 -9.71 -11.86
CA LYS A 80 0.28 -9.23 -11.84
C LYS A 80 0.59 -8.48 -10.55
N ASP A 81 -0.46 -7.93 -9.94
CA ASP A 81 -0.31 -7.18 -8.70
C ASP A 81 0.18 -8.08 -7.58
N SER A 82 -0.05 -9.38 -7.72
CA SER A 82 0.36 -10.36 -6.72
C SER A 82 1.85 -10.19 -6.37
N GLY A 83 2.11 -9.64 -5.19
CA GLY A 83 3.48 -9.43 -4.76
C GLY A 83 3.61 -9.31 -3.26
N THR A 84 4.03 -8.13 -2.80
CA THR A 84 4.20 -7.89 -1.37
C THR A 84 4.13 -6.40 -1.06
N ILE A 85 3.06 -5.99 -0.39
CA ILE A 85 2.89 -4.59 -0.02
C ILE A 85 4.04 -4.08 0.83
N TYR A 86 4.74 -3.07 0.33
CA TYR A 86 5.88 -2.51 1.04
C TYR A 86 5.55 -1.12 1.59
N PHE A 87 4.92 -1.09 2.75
CA PHE A 87 4.54 0.16 3.38
C PHE A 87 5.77 0.95 3.82
N GLU A 88 5.67 2.27 3.77
CA GLU A 88 6.79 3.14 4.15
C GLU A 88 6.31 4.22 5.12
N ALA A 89 7.09 4.45 6.17
CA ALA A 89 6.76 5.47 7.17
C ALA A 89 7.97 5.80 8.03
N GLY A 90 8.63 6.92 7.71
CA GLY A 90 9.79 7.33 8.48
C GLY A 90 10.99 6.46 8.20
N ASP A 91 11.44 5.74 9.21
CA ASP A 91 12.59 4.85 9.08
C ASP A 91 12.19 3.39 9.23
N GLN A 92 10.91 3.11 8.97
CA GLN A 92 10.39 1.76 9.07
C GLN A 92 9.91 1.25 7.72
N ARG A 93 9.36 0.04 7.70
CA ARG A 93 8.86 -0.56 6.46
C ARG A 93 8.17 -1.88 6.75
N ALA A 94 6.88 -1.96 6.41
CA ALA A 94 6.11 -3.18 6.62
C ALA A 94 6.07 -4.03 5.37
N SER A 95 5.77 -5.32 5.54
CA SER A 95 5.71 -6.25 4.42
C SER A 95 4.59 -7.26 4.61
N ALA A 96 3.69 -7.33 3.64
CA ALA A 96 2.56 -8.25 3.70
C ALA A 96 2.43 -9.04 2.41
N ALA A 97 2.10 -10.32 2.53
CA ALA A 97 1.95 -11.19 1.36
C ALA A 97 0.68 -10.83 0.59
N LEU A 98 0.85 -10.11 -0.51
CA LEU A 98 -0.28 -9.71 -1.34
C LEU A 98 -0.58 -10.76 -2.41
N ARG A 99 -1.53 -11.64 -2.11
CA ARG A 99 -1.91 -12.69 -3.04
C ARG A 99 -3.13 -12.27 -3.86
N VAL A 100 -3.13 -12.63 -5.14
CA VAL A 100 -4.24 -12.30 -6.02
C VAL A 100 -4.42 -13.37 -7.11
N THR A 101 -5.44 -14.19 -6.95
CA THR A 101 -5.71 -15.26 -7.90
C THR A 101 -6.72 -14.80 -8.96
N GLU A 102 -6.92 -15.63 -9.98
CA GLU A 102 -7.85 -15.31 -11.05
C GLU A 102 -9.21 -14.91 -10.49
N LYS A 103 -10.06 -14.35 -11.34
CA LYS A 103 -11.39 -13.91 -10.93
C LYS A 103 -12.46 -14.43 -11.90
N PRO A 104 -13.70 -14.54 -11.41
CA PRO A 104 -14.83 -15.02 -12.21
C PRO A 104 -15.24 -14.01 -13.29
N SER A 105 -15.39 -12.76 -12.90
CA SER A 105 -15.79 -11.71 -13.83
C SER A 105 -14.56 -11.03 -14.42
N VAL A 106 -14.38 -11.17 -15.73
CA VAL A 106 -13.25 -10.56 -16.42
C VAL A 106 -13.11 -9.09 -16.06
N PHE A 107 -11.87 -8.62 -15.95
CA PHE A 107 -11.60 -7.22 -15.61
C PHE A 107 -10.14 -6.88 -15.85
N SER A 108 -9.78 -5.62 -15.59
CA SER A 108 -8.41 -5.16 -15.78
C SER A 108 -8.10 -4.01 -14.83
N ARG A 109 -6.87 -3.49 -14.94
CA ARG A 109 -6.45 -2.38 -14.09
C ARG A 109 -6.74 -1.04 -14.76
N SER A 110 -6.32 -0.91 -16.02
CA SER A 110 -6.54 0.32 -16.77
C SER A 110 -6.32 0.10 -18.25
N GLY A 111 -7.41 0.11 -19.01
CA GLY A 111 -7.33 -0.10 -20.45
C GLY A 111 -7.96 -1.39 -20.89
N PRO A 112 -9.31 -1.42 -20.93
CA PRO A 112 -10.07 -2.61 -21.33
C PRO A 112 -9.93 -2.91 -22.82
N SER A 113 -9.45 -1.92 -23.58
CA SER A 113 -9.27 -2.08 -25.01
C SER A 113 -7.91 -2.71 -25.32
N SER A 114 -7.83 -3.37 -26.48
CA SER A 114 -6.59 -4.03 -26.89
C SER A 114 -5.74 -3.09 -27.74
N GLY A 115 -5.50 -1.88 -27.22
CA GLY A 115 -4.70 -0.92 -27.94
C GLY A 115 -3.67 -0.24 -27.05
N GLY A 1 4.33 28.07 22.45
CA GLY A 1 4.00 27.39 21.21
C GLY A 1 5.01 26.31 20.87
N SER A 2 5.16 26.04 19.58
CA SER A 2 6.10 25.02 19.11
C SER A 2 6.50 25.26 17.67
N SER A 3 7.43 24.44 17.17
CA SER A 3 7.90 24.57 15.80
C SER A 3 8.17 23.20 15.19
N GLY A 4 8.27 23.16 13.86
CA GLY A 4 8.53 21.91 13.17
C GLY A 4 9.41 22.08 11.95
N SER A 5 9.35 21.13 11.04
CA SER A 5 10.15 21.18 9.83
C SER A 5 9.56 20.28 8.74
N SER A 6 9.49 20.80 7.52
CA SER A 6 8.94 20.05 6.40
C SER A 6 10.07 19.47 5.53
N GLY A 7 9.69 18.62 4.58
CA GLY A 7 10.67 18.02 3.69
C GLY A 7 11.70 17.21 4.45
N LEU A 8 12.86 17.82 4.70
CA LEU A 8 13.94 17.14 5.41
C LEU A 8 13.65 17.10 6.91
N VAL A 9 12.56 16.44 7.28
CA VAL A 9 12.17 16.34 8.69
C VAL A 9 13.07 15.35 9.43
N GLN A 10 13.32 15.62 10.71
CA GLN A 10 14.16 14.75 11.52
C GLN A 10 13.60 14.62 12.93
N GLY A 11 14.26 13.83 13.77
CA GLY A 11 13.82 13.64 15.13
C GLY A 11 12.71 12.60 15.24
N ARG A 12 11.62 12.84 14.52
CA ARG A 12 10.48 11.93 14.53
C ARG A 12 10.93 10.50 14.23
N ARG A 13 10.39 9.54 14.99
CA ARG A 13 10.73 8.14 14.82
C ARG A 13 9.48 7.29 14.68
N VAL A 14 9.39 6.55 13.58
CA VAL A 14 8.24 5.69 13.32
C VAL A 14 8.46 4.29 13.90
N HIS A 15 7.41 3.75 14.52
CA HIS A 15 7.49 2.41 15.12
C HIS A 15 6.33 1.54 14.65
N ILE A 16 6.65 0.47 13.95
CA ILE A 16 5.63 -0.46 13.45
C ILE A 16 4.89 -1.13 14.60
N ILE A 17 3.73 -0.58 14.95
CA ILE A 17 2.92 -1.13 16.03
C ILE A 17 2.30 -2.47 15.62
N GLU A 18 1.44 -2.41 14.62
CA GLU A 18 0.77 -3.62 14.13
C GLU A 18 0.99 -3.80 12.63
N ASP A 19 2.13 -4.37 12.28
CA ASP A 19 2.47 -4.60 10.88
C ASP A 19 1.37 -5.38 10.17
N LEU A 20 1.28 -5.23 8.85
CA LEU A 20 0.28 -5.92 8.06
C LEU A 20 0.31 -7.42 8.33
N GLU A 21 -0.67 -8.14 7.78
CA GLU A 21 -0.74 -9.59 7.95
C GLU A 21 -0.64 -10.31 6.62
N ASP A 22 -1.73 -10.28 5.84
CA ASP A 22 -1.76 -10.92 4.54
C ASP A 22 -3.13 -10.74 3.88
N VAL A 23 -3.18 -10.98 2.57
CA VAL A 23 -4.42 -10.84 1.82
C VAL A 23 -4.46 -11.81 0.64
N ASP A 24 -5.65 -12.33 0.35
CA ASP A 24 -5.82 -13.26 -0.75
C ASP A 24 -7.21 -13.12 -1.37
N VAL A 25 -7.27 -12.48 -2.53
CA VAL A 25 -8.54 -12.28 -3.23
C VAL A 25 -8.34 -12.25 -4.74
N GLN A 26 -9.41 -12.51 -5.48
CA GLN A 26 -9.36 -12.51 -6.93
C GLN A 26 -8.98 -11.13 -7.46
N GLU A 27 -8.30 -11.10 -8.60
CA GLU A 27 -7.88 -9.84 -9.21
C GLU A 27 -9.10 -9.00 -9.57
N GLY A 28 -8.95 -7.67 -9.44
CA GLY A 28 -10.04 -6.78 -9.76
C GLY A 28 -10.84 -6.38 -8.53
N SER A 29 -10.72 -7.17 -7.47
CA SER A 29 -11.43 -6.90 -6.22
C SER A 29 -10.72 -5.84 -5.39
N SER A 30 -11.22 -5.60 -4.19
CA SER A 30 -10.63 -4.61 -3.29
C SER A 30 -9.89 -5.29 -2.14
N ALA A 31 -8.57 -5.29 -2.21
CA ALA A 31 -7.74 -5.90 -1.17
C ALA A 31 -7.40 -4.90 -0.07
N THR A 32 -7.98 -5.11 1.10
CA THR A 32 -7.74 -4.22 2.24
C THR A 32 -6.44 -4.58 2.94
N PHE A 33 -5.65 -3.56 3.26
CA PHE A 33 -4.37 -3.75 3.94
C PHE A 33 -4.25 -2.81 5.14
N ARG A 34 -4.60 -3.31 6.32
CA ARG A 34 -4.52 -2.53 7.54
C ARG A 34 -3.13 -2.61 8.15
N CYS A 35 -2.74 -1.55 8.86
CA CYS A 35 -1.43 -1.50 9.50
C CYS A 35 -1.36 -0.36 10.51
N ARG A 36 -0.92 -0.67 11.72
CA ARG A 36 -0.81 0.33 12.77
C ARG A 36 0.64 0.80 12.93
N ILE A 37 0.91 2.03 12.51
CA ILE A 37 2.24 2.59 12.60
C ILE A 37 2.23 3.93 13.34
N SER A 38 3.13 4.08 14.30
CA SER A 38 3.22 5.31 15.09
C SER A 38 4.18 6.29 14.44
N PRO A 39 3.97 7.58 14.71
CA PRO A 39 2.88 8.05 15.57
C PRO A 39 1.51 7.86 14.92
N ALA A 40 0.48 7.72 15.75
CA ALA A 40 -0.88 7.53 15.26
C ALA A 40 -1.27 8.65 14.30
N ASN A 41 -0.61 9.80 14.44
CA ASN A 41 -0.90 10.95 13.59
C ASN A 41 0.24 11.18 12.58
N TYR A 42 0.75 10.09 12.04
CA TYR A 42 1.84 10.16 11.06
C TYR A 42 1.29 10.29 9.64
N GLU A 43 1.89 11.18 8.86
CA GLU A 43 1.46 11.39 7.48
C GLU A 43 2.29 12.49 6.82
N PRO A 44 2.30 12.49 5.47
CA PRO A 44 1.58 11.50 4.68
C PRO A 44 2.20 10.11 4.78
N VAL A 45 1.57 9.14 4.13
CA VAL A 45 2.05 7.76 4.15
C VAL A 45 2.32 7.25 2.74
N HIS A 46 3.32 6.40 2.60
CA HIS A 46 3.68 5.83 1.30
C HIS A 46 3.29 4.36 1.22
N TRP A 47 2.96 3.91 0.02
CA TRP A 47 2.57 2.51 -0.19
C TRP A 47 3.15 1.97 -1.49
N PHE A 48 3.84 0.85 -1.40
CA PHE A 48 4.46 0.23 -2.57
C PHE A 48 4.03 -1.23 -2.69
N LEU A 49 4.22 -1.80 -3.88
CA LEU A 49 3.86 -3.19 -4.13
C LEU A 49 4.92 -3.88 -4.97
N ASP A 50 5.75 -4.70 -4.33
CA ASP A 50 6.80 -5.43 -5.02
C ASP A 50 7.87 -4.48 -5.54
N LYS A 51 7.57 -3.82 -6.66
CA LYS A 51 8.51 -2.87 -7.26
C LYS A 51 7.76 -1.78 -8.01
N THR A 52 6.66 -1.30 -7.43
CA THR A 52 5.86 -0.25 -8.04
C THR A 52 5.16 0.59 -6.98
N PRO A 53 5.28 1.92 -7.11
CA PRO A 53 4.66 2.86 -6.16
C PRO A 53 3.14 2.89 -6.29
N LEU A 54 2.46 3.18 -5.18
CA LEU A 54 1.01 3.24 -5.17
C LEU A 54 0.52 4.56 -4.59
N HIS A 55 -0.45 5.17 -5.25
CA HIS A 55 -1.01 6.44 -4.79
C HIS A 55 -2.53 6.44 -4.92
N ALA A 56 -3.20 7.09 -3.97
CA ALA A 56 -4.66 7.17 -3.99
C ALA A 56 -5.17 7.67 -5.34
N ASN A 57 -6.18 7.00 -5.85
CA ASN A 57 -6.77 7.38 -7.14
C ASN A 57 -8.19 6.84 -7.27
N GLU A 58 -8.75 6.94 -8.47
CA GLU A 58 -10.10 6.46 -8.74
C GLU A 58 -10.26 5.01 -8.30
N LEU A 59 -9.16 4.27 -8.32
CA LEU A 59 -9.17 2.86 -7.93
C LEU A 59 -8.46 2.66 -6.59
N ASN A 60 -7.33 3.33 -6.43
CA ASN A 60 -6.55 3.22 -5.20
C ASN A 60 -7.19 4.04 -4.08
N GLU A 61 -7.36 3.40 -2.92
CA GLU A 61 -7.97 4.06 -1.77
C GLU A 61 -7.08 3.93 -0.54
N ILE A 62 -6.84 5.05 0.13
CA ILE A 62 -5.99 5.06 1.32
C ILE A 62 -6.66 5.84 2.45
N ASP A 63 -7.28 5.13 3.39
CA ASP A 63 -7.95 5.75 4.52
C ASP A 63 -6.97 6.02 5.65
N ALA A 64 -7.47 6.53 6.76
CA ALA A 64 -6.64 6.82 7.92
C ALA A 64 -7.42 6.60 9.22
N GLN A 65 -7.78 5.36 9.49
CA GLN A 65 -8.52 5.02 10.70
C GLN A 65 -7.82 5.58 11.94
N PRO A 66 -8.57 5.69 13.04
CA PRO A 66 -8.06 6.20 14.31
C PRO A 66 -7.07 5.23 14.96
N GLY A 67 -5.97 5.76 15.48
CA GLY A 67 -4.97 4.94 16.13
C GLY A 67 -3.82 4.59 15.21
N GLY A 68 -3.67 5.37 14.13
CA GLY A 68 -2.59 5.13 13.19
C GLY A 68 -2.87 3.95 12.28
N TYR A 69 -4.15 3.62 12.11
CA TYR A 69 -4.54 2.50 11.26
C TYR A 69 -4.71 2.94 9.82
N HIS A 70 -3.69 2.73 9.00
CA HIS A 70 -3.72 3.11 7.60
C HIS A 70 -4.28 1.96 6.75
N VAL A 71 -5.51 2.14 6.27
CA VAL A 71 -6.16 1.14 5.45
C VAL A 71 -5.97 1.43 3.96
N LEU A 72 -5.64 0.40 3.21
CA LEU A 72 -5.43 0.53 1.76
C LEU A 72 -6.37 -0.38 0.98
N THR A 73 -7.33 0.22 0.29
CA THR A 73 -8.29 -0.54 -0.50
C THR A 73 -7.97 -0.44 -2.00
N LEU A 74 -7.15 -1.37 -2.49
CA LEU A 74 -6.78 -1.39 -3.89
C LEU A 74 -7.89 -1.98 -4.75
N ARG A 75 -8.72 -1.11 -5.31
CA ARG A 75 -9.83 -1.54 -6.16
C ARG A 75 -9.34 -1.84 -7.57
N GLN A 76 -10.07 -2.72 -8.27
CA GLN A 76 -9.72 -3.08 -9.64
C GLN A 76 -8.26 -3.54 -9.71
N LEU A 77 -7.94 -4.60 -8.99
CA LEU A 77 -6.58 -5.14 -8.98
C LEU A 77 -6.34 -6.02 -10.19
N ALA A 78 -5.12 -6.54 -10.30
CA ALA A 78 -4.76 -7.41 -11.42
C ALA A 78 -3.84 -8.54 -10.96
N LEU A 79 -3.80 -9.62 -11.74
CA LEU A 79 -2.97 -10.77 -11.41
C LEU A 79 -1.51 -10.36 -11.27
N LYS A 80 -1.17 -9.21 -11.84
CA LYS A 80 0.21 -8.71 -11.79
C LYS A 80 0.47 -8.05 -10.43
N ASP A 81 -0.58 -7.58 -9.79
CA ASP A 81 -0.46 -6.93 -8.48
C ASP A 81 -0.02 -7.93 -7.42
N SER A 82 -0.21 -9.22 -7.70
CA SER A 82 0.16 -10.27 -6.76
C SER A 82 1.63 -10.18 -6.39
N GLY A 83 1.91 -9.70 -5.18
CA GLY A 83 3.28 -9.57 -4.73
C GLY A 83 3.38 -9.42 -3.23
N THR A 84 3.78 -8.23 -2.78
CA THR A 84 3.93 -7.95 -1.36
C THR A 84 3.90 -6.46 -1.08
N ILE A 85 2.92 -6.01 -0.31
CA ILE A 85 2.79 -4.60 0.03
C ILE A 85 3.95 -4.13 0.89
N TYR A 86 4.69 -3.14 0.40
CA TYR A 86 5.83 -2.60 1.13
C TYR A 86 5.53 -1.20 1.66
N PHE A 87 4.86 -1.14 2.81
CA PHE A 87 4.51 0.13 3.42
C PHE A 87 5.77 0.91 3.82
N GLU A 88 5.66 2.23 3.80
CA GLU A 88 6.79 3.09 4.15
C GLU A 88 6.34 4.21 5.10
N ALA A 89 7.13 4.43 6.15
CA ALA A 89 6.82 5.47 7.12
C ALA A 89 8.03 5.78 8.00
N GLY A 90 8.76 6.82 7.63
CA GLY A 90 9.94 7.21 8.39
C GLY A 90 11.12 6.29 8.14
N ASP A 91 11.51 5.54 9.16
CA ASP A 91 12.63 4.62 9.05
C ASP A 91 12.17 3.17 9.18
N GLN A 92 10.87 2.95 8.94
CA GLN A 92 10.31 1.61 9.03
C GLN A 92 9.75 1.16 7.68
N ARG A 93 9.45 -0.13 7.56
CA ARG A 93 8.91 -0.68 6.33
C ARG A 93 8.22 -2.01 6.59
N ALA A 94 6.91 -2.04 6.36
CA ALA A 94 6.13 -3.26 6.56
C ALA A 94 6.21 -4.18 5.35
N SER A 95 5.64 -5.38 5.48
CA SER A 95 5.65 -6.36 4.40
C SER A 95 4.55 -7.39 4.59
N ALA A 96 3.56 -7.36 3.69
CA ALA A 96 2.45 -8.30 3.76
C ALA A 96 2.32 -9.08 2.46
N ALA A 97 2.01 -10.37 2.58
CA ALA A 97 1.87 -11.23 1.42
C ALA A 97 0.61 -10.87 0.62
N LEU A 98 0.80 -10.17 -0.50
CA LEU A 98 -0.32 -9.77 -1.33
C LEU A 98 -0.58 -10.79 -2.43
N ARG A 99 -1.45 -11.75 -2.12
CA ARG A 99 -1.80 -12.80 -3.08
C ARG A 99 -3.05 -12.43 -3.86
N VAL A 100 -2.98 -12.56 -5.18
CA VAL A 100 -4.11 -12.24 -6.05
C VAL A 100 -4.26 -13.26 -7.16
N THR A 101 -5.31 -14.08 -7.09
CA THR A 101 -5.55 -15.10 -8.10
C THR A 101 -6.56 -14.62 -9.13
N GLU A 102 -6.76 -15.41 -10.17
CA GLU A 102 -7.70 -15.07 -11.24
C GLU A 102 -9.09 -14.81 -10.67
N LYS A 103 -9.97 -14.26 -11.50
CA LYS A 103 -11.34 -13.97 -11.08
C LYS A 103 -12.35 -14.57 -12.06
N PRO A 104 -13.56 -14.83 -11.57
CA PRO A 104 -14.63 -15.41 -12.38
C PRO A 104 -15.17 -14.43 -13.42
N SER A 105 -14.72 -13.18 -13.33
CA SER A 105 -15.14 -12.14 -14.26
C SER A 105 -13.98 -11.67 -15.13
N VAL A 106 -14.23 -10.63 -15.91
CA VAL A 106 -13.20 -10.08 -16.79
C VAL A 106 -13.19 -8.56 -16.75
N PHE A 107 -12.03 -7.99 -16.42
CA PHE A 107 -11.89 -6.54 -16.34
C PHE A 107 -10.45 -6.16 -16.01
N SER A 108 -9.76 -5.59 -17.00
CA SER A 108 -8.37 -5.18 -16.83
C SER A 108 -8.29 -3.74 -16.32
N ARG A 109 -7.11 -3.35 -15.87
CA ARG A 109 -6.90 -2.00 -15.35
C ARG A 109 -6.60 -1.03 -16.50
N SER A 110 -5.41 -1.12 -17.05
CA SER A 110 -4.99 -0.24 -18.14
C SER A 110 -4.34 -1.04 -19.26
N GLY A 111 -5.14 -1.81 -20.00
CA GLY A 111 -4.61 -2.61 -21.08
C GLY A 111 -4.11 -1.76 -22.25
N PRO A 112 -3.37 -2.39 -23.16
CA PRO A 112 -2.81 -1.70 -24.33
C PRO A 112 -3.89 -1.31 -25.33
N SER A 113 -3.55 -0.39 -26.23
CA SER A 113 -4.48 0.07 -27.25
C SER A 113 -4.25 -0.64 -28.58
N SER A 114 -5.34 -0.89 -29.31
CA SER A 114 -5.25 -1.57 -30.60
C SER A 114 -4.73 -0.63 -31.68
N GLY A 115 -3.41 -0.62 -31.85
CA GLY A 115 -2.81 0.24 -32.85
C GLY A 115 -2.24 -0.53 -34.02
N GLY A 1 27.09 9.39 -17.21
CA GLY A 1 26.05 9.23 -16.21
C GLY A 1 25.14 8.06 -16.50
N SER A 2 25.05 7.12 -15.55
CA SER A 2 24.21 5.95 -15.71
C SER A 2 23.13 5.90 -14.64
N SER A 3 23.55 6.09 -13.39
CA SER A 3 22.62 6.06 -12.26
C SER A 3 23.22 6.73 -11.03
N GLY A 4 22.48 6.73 -9.94
CA GLY A 4 22.96 7.34 -8.71
C GLY A 4 22.41 6.66 -7.47
N SER A 5 22.53 7.34 -6.33
CA SER A 5 22.05 6.80 -5.06
C SER A 5 21.83 7.91 -4.04
N SER A 6 21.20 7.56 -2.93
CA SER A 6 20.92 8.53 -1.87
C SER A 6 20.52 7.84 -0.58
N GLY A 7 20.84 8.46 0.55
CA GLY A 7 20.50 7.88 1.84
C GLY A 7 19.05 8.08 2.20
N LEU A 8 18.78 8.22 3.50
CA LEU A 8 17.42 8.42 3.99
C LEU A 8 17.26 9.81 4.61
N VAL A 9 16.05 10.11 5.05
CA VAL A 9 15.77 11.41 5.67
C VAL A 9 15.61 11.26 7.18
N GLN A 10 16.02 12.30 7.91
CA GLN A 10 15.93 12.29 9.37
C GLN A 10 14.65 12.97 9.84
N GLY A 11 14.43 12.96 11.14
CA GLY A 11 13.24 13.58 11.70
C GLY A 11 12.54 12.70 12.72
N ARG A 12 11.21 12.72 12.69
CA ARG A 12 10.43 11.92 13.62
C ARG A 12 10.85 10.46 13.58
N ARG A 13 10.36 9.67 14.52
CA ARG A 13 10.69 8.25 14.59
C ARG A 13 9.43 7.39 14.47
N VAL A 14 9.39 6.54 13.45
CA VAL A 14 8.25 5.67 13.24
C VAL A 14 8.48 4.29 13.86
N HIS A 15 7.43 3.72 14.43
CA HIS A 15 7.52 2.41 15.07
C HIS A 15 6.35 1.52 14.65
N ILE A 16 6.64 0.52 13.83
CA ILE A 16 5.61 -0.40 13.36
C ILE A 16 4.90 -1.07 14.53
N ILE A 17 3.71 -0.58 14.87
CA ILE A 17 2.93 -1.14 15.95
C ILE A 17 2.30 -2.47 15.56
N GLU A 18 1.44 -2.44 14.55
CA GLU A 18 0.78 -3.65 14.07
C GLU A 18 1.03 -3.86 12.59
N ASP A 19 2.16 -4.47 12.26
CA ASP A 19 2.52 -4.73 10.87
C ASP A 19 1.41 -5.49 10.16
N LEU A 20 1.34 -5.34 8.84
CA LEU A 20 0.33 -6.01 8.03
C LEU A 20 0.35 -7.51 8.29
N GLU A 21 -0.60 -8.22 7.69
CA GLU A 21 -0.69 -9.66 7.85
C GLU A 21 -0.58 -10.37 6.50
N ASP A 22 -1.66 -10.33 5.72
CA ASP A 22 -1.68 -10.96 4.41
C ASP A 22 -3.05 -10.79 3.75
N VAL A 23 -3.09 -10.98 2.43
CA VAL A 23 -4.33 -10.85 1.68
C VAL A 23 -4.34 -11.77 0.46
N ASP A 24 -5.51 -12.30 0.14
CA ASP A 24 -5.66 -13.20 -1.00
C ASP A 24 -7.07 -13.14 -1.56
N VAL A 25 -7.23 -12.48 -2.70
CA VAL A 25 -8.53 -12.34 -3.34
C VAL A 25 -8.40 -12.27 -4.85
N GLN A 26 -9.49 -12.56 -5.56
CA GLN A 26 -9.50 -12.54 -7.01
C GLN A 26 -9.14 -11.15 -7.53
N GLU A 27 -8.28 -11.10 -8.54
CA GLU A 27 -7.86 -9.83 -9.13
C GLU A 27 -9.07 -8.98 -9.50
N GLY A 28 -8.89 -7.66 -9.43
CA GLY A 28 -9.97 -6.75 -9.76
C GLY A 28 -10.79 -6.36 -8.55
N SER A 29 -10.64 -7.12 -7.47
CA SER A 29 -11.37 -6.84 -6.24
C SER A 29 -10.67 -5.78 -5.40
N SER A 30 -11.19 -5.53 -4.20
CA SER A 30 -10.61 -4.53 -3.30
C SER A 30 -9.92 -5.21 -2.13
N ALA A 31 -8.59 -5.28 -2.20
CA ALA A 31 -7.80 -5.89 -1.14
C ALA A 31 -7.48 -4.88 -0.04
N THR A 32 -7.99 -5.15 1.17
CA THR A 32 -7.76 -4.26 2.30
C THR A 32 -6.45 -4.59 3.00
N PHE A 33 -5.66 -3.56 3.29
CA PHE A 33 -4.38 -3.75 3.97
C PHE A 33 -4.25 -2.81 5.16
N ARG A 34 -4.55 -3.32 6.35
CA ARG A 34 -4.48 -2.52 7.57
C ARG A 34 -3.09 -2.63 8.20
N CYS A 35 -2.67 -1.57 8.88
CA CYS A 35 -1.37 -1.56 9.53
C CYS A 35 -1.27 -0.39 10.51
N ARG A 36 -0.98 -0.71 11.77
CA ARG A 36 -0.86 0.31 12.80
C ARG A 36 0.60 0.79 12.93
N ILE A 37 0.84 2.03 12.51
CA ILE A 37 2.18 2.61 12.59
C ILE A 37 2.17 3.93 13.35
N SER A 38 3.11 4.06 14.28
CA SER A 38 3.22 5.28 15.09
C SER A 38 4.18 6.28 14.45
N PRO A 39 3.96 7.57 14.72
CA PRO A 39 2.86 8.02 15.58
C PRO A 39 1.49 7.82 14.93
N ALA A 40 0.44 7.91 15.74
CA ALA A 40 -0.92 7.74 15.25
C ALA A 40 -1.32 8.90 14.33
N ASN A 41 -0.50 9.95 14.33
CA ASN A 41 -0.77 11.13 13.51
C ASN A 41 0.32 11.32 12.46
N TYR A 42 0.83 10.21 11.93
CA TYR A 42 1.87 10.25 10.92
C TYR A 42 1.27 10.29 9.51
N GLU A 43 1.78 11.20 8.68
CA GLU A 43 1.29 11.34 7.31
C GLU A 43 2.03 12.47 6.59
N PRO A 44 1.99 12.44 5.26
CA PRO A 44 1.30 11.38 4.51
C PRO A 44 2.00 10.03 4.63
N VAL A 45 1.41 9.00 4.03
CA VAL A 45 1.98 7.66 4.07
C VAL A 45 2.30 7.16 2.66
N HIS A 46 3.36 6.36 2.55
CA HIS A 46 3.76 5.81 1.26
C HIS A 46 3.45 4.31 1.18
N TRP A 47 2.98 3.88 0.03
CA TRP A 47 2.64 2.48 -0.18
C TRP A 47 3.24 1.97 -1.49
N PHE A 48 3.94 0.84 -1.40
CA PHE A 48 4.57 0.24 -2.57
C PHE A 48 4.13 -1.22 -2.74
N LEU A 49 4.33 -1.75 -3.95
CA LEU A 49 3.95 -3.13 -4.24
C LEU A 49 5.02 -3.82 -5.07
N ASP A 50 5.83 -4.64 -4.41
CA ASP A 50 6.90 -5.37 -5.09
C ASP A 50 7.96 -4.40 -5.62
N LYS A 51 7.69 -3.79 -6.77
CA LYS A 51 8.62 -2.85 -7.37
C LYS A 51 7.88 -1.72 -8.08
N THR A 52 6.78 -1.27 -7.46
CA THR A 52 5.98 -0.20 -8.02
C THR A 52 5.25 0.57 -6.93
N PRO A 53 5.32 1.91 -7.01
CA PRO A 53 4.67 2.79 -6.02
C PRO A 53 3.16 2.76 -6.14
N LEU A 54 2.48 3.30 -5.12
CA LEU A 54 1.02 3.33 -5.11
C LEU A 54 0.52 4.64 -4.51
N HIS A 55 -0.42 5.28 -5.20
CA HIS A 55 -0.99 6.54 -4.72
C HIS A 55 -2.51 6.52 -4.82
N ALA A 56 -3.17 7.21 -3.90
CA ALA A 56 -4.63 7.27 -3.88
C ALA A 56 -5.18 7.76 -5.21
N ASN A 57 -6.13 7.02 -5.76
CA ASN A 57 -6.74 7.38 -7.04
C ASN A 57 -8.16 6.83 -7.15
N GLU A 58 -8.76 6.99 -8.31
CA GLU A 58 -10.13 6.50 -8.54
C GLU A 58 -10.24 5.03 -8.15
N LEU A 59 -9.14 4.30 -8.26
CA LEU A 59 -9.13 2.88 -7.92
C LEU A 59 -8.40 2.65 -6.60
N ASN A 60 -7.30 3.36 -6.40
CA ASN A 60 -6.51 3.23 -5.17
C ASN A 60 -7.15 4.02 -4.02
N GLU A 61 -7.37 3.34 -2.90
CA GLU A 61 -7.98 3.98 -1.74
C GLU A 61 -7.07 3.87 -0.52
N ILE A 62 -6.84 4.99 0.15
CA ILE A 62 -5.99 5.01 1.34
C ILE A 62 -6.66 5.77 2.48
N ASP A 63 -7.29 5.04 3.38
CA ASP A 63 -7.97 5.64 4.53
C ASP A 63 -6.98 5.96 5.63
N ALA A 64 -7.50 6.46 6.76
CA ALA A 64 -6.66 6.80 7.89
C ALA A 64 -7.41 6.61 9.20
N GLN A 65 -7.79 5.37 9.49
CA GLN A 65 -8.51 5.06 10.72
C GLN A 65 -7.80 5.62 11.94
N PRO A 66 -8.53 5.76 13.05
CA PRO A 66 -7.99 6.29 14.30
C PRO A 66 -7.01 5.33 14.96
N GLY A 67 -5.93 5.86 15.52
CA GLY A 67 -4.92 5.04 16.16
C GLY A 67 -3.78 4.68 15.23
N GLY A 68 -3.60 5.47 14.18
CA GLY A 68 -2.54 5.21 13.22
C GLY A 68 -2.82 4.01 12.35
N TYR A 69 -4.10 3.73 12.13
CA TYR A 69 -4.51 2.59 11.31
C TYR A 69 -4.71 3.01 9.86
N HIS A 70 -3.66 2.84 9.05
CA HIS A 70 -3.71 3.20 7.64
C HIS A 70 -4.25 2.03 6.80
N VAL A 71 -5.47 2.18 6.31
CA VAL A 71 -6.10 1.15 5.50
C VAL A 71 -5.92 1.44 4.01
N LEU A 72 -5.56 0.41 3.26
CA LEU A 72 -5.36 0.55 1.81
C LEU A 72 -6.27 -0.40 1.04
N THR A 73 -7.24 0.17 0.33
CA THR A 73 -8.18 -0.63 -0.45
C THR A 73 -7.90 -0.48 -1.95
N LEU A 74 -7.07 -1.38 -2.47
CA LEU A 74 -6.72 -1.35 -3.89
C LEU A 74 -7.86 -1.93 -4.74
N ARG A 75 -8.67 -1.04 -5.31
CA ARG A 75 -9.79 -1.46 -6.14
C ARG A 75 -9.32 -1.75 -7.57
N GLN A 76 -9.99 -2.70 -8.21
CA GLN A 76 -9.65 -3.08 -9.58
C GLN A 76 -8.18 -3.50 -9.68
N LEU A 77 -7.83 -4.59 -9.00
CA LEU A 77 -6.46 -5.09 -9.01
C LEU A 77 -6.23 -6.02 -10.20
N ALA A 78 -5.01 -6.55 -10.31
CA ALA A 78 -4.67 -7.45 -11.39
C ALA A 78 -3.77 -8.58 -10.91
N LEU A 79 -3.79 -9.69 -11.63
CA LEU A 79 -2.98 -10.85 -11.27
C LEU A 79 -1.51 -10.47 -11.15
N LYS A 80 -1.11 -9.42 -11.85
CA LYS A 80 0.27 -8.94 -11.82
C LYS A 80 0.57 -8.23 -10.50
N ASP A 81 -0.45 -7.62 -9.91
CA ASP A 81 -0.29 -6.92 -8.65
C ASP A 81 0.15 -7.87 -7.54
N SER A 82 -0.15 -9.15 -7.71
CA SER A 82 0.22 -10.17 -6.73
C SER A 82 1.70 -10.08 -6.40
N GLY A 83 2.01 -9.59 -5.21
CA GLY A 83 3.40 -9.47 -4.79
C GLY A 83 3.54 -9.33 -3.28
N THR A 84 3.92 -8.15 -2.82
CA THR A 84 4.10 -7.90 -1.40
C THR A 84 4.08 -6.40 -1.10
N ILE A 85 3.04 -5.96 -0.40
CA ILE A 85 2.91 -4.56 -0.05
C ILE A 85 4.07 -4.09 0.82
N TYR A 86 4.82 -3.12 0.32
CA TYR A 86 5.96 -2.58 1.05
C TYR A 86 5.65 -1.19 1.61
N PHE A 87 4.90 -1.15 2.70
CA PHE A 87 4.54 0.12 3.33
C PHE A 87 5.77 0.90 3.73
N GLU A 88 5.66 2.22 3.73
CA GLU A 88 6.78 3.09 4.09
C GLU A 88 6.33 4.19 5.05
N ALA A 89 7.12 4.43 6.08
CA ALA A 89 6.81 5.47 7.07
C ALA A 89 8.02 5.78 7.93
N GLY A 90 8.73 6.85 7.57
CA GLY A 90 9.90 7.25 8.33
C GLY A 90 11.10 6.36 8.06
N ASP A 91 11.52 5.60 9.08
CA ASP A 91 12.66 4.71 8.94
C ASP A 91 12.22 3.25 9.05
N GLN A 92 10.91 3.03 8.93
CA GLN A 92 10.36 1.68 9.02
C GLN A 92 9.82 1.22 7.67
N ARG A 93 9.25 0.02 7.64
CA ARG A 93 8.70 -0.53 6.40
C ARG A 93 8.01 -1.86 6.68
N ALA A 94 6.71 -1.92 6.36
CA ALA A 94 5.93 -3.14 6.56
C ALA A 94 5.98 -4.03 5.33
N SER A 95 5.66 -5.31 5.52
CA SER A 95 5.67 -6.27 4.44
C SER A 95 4.56 -7.30 4.60
N ALA A 96 3.63 -7.32 3.65
CA ALA A 96 2.51 -8.25 3.69
C ALA A 96 2.39 -9.03 2.38
N ALA A 97 2.10 -10.32 2.48
CA ALA A 97 1.96 -11.17 1.31
C ALA A 97 0.69 -10.81 0.52
N LEU A 98 0.87 -10.03 -0.54
CA LEU A 98 -0.25 -9.61 -1.37
C LEU A 98 -0.54 -10.65 -2.46
N ARG A 99 -1.46 -11.57 -2.16
CA ARG A 99 -1.84 -12.62 -3.09
C ARG A 99 -3.06 -12.20 -3.90
N VAL A 100 -3.06 -12.56 -5.19
CA VAL A 100 -4.17 -12.23 -6.07
C VAL A 100 -4.35 -13.30 -7.15
N THR A 101 -5.41 -14.10 -7.00
CA THR A 101 -5.70 -15.16 -7.95
C THR A 101 -6.64 -14.68 -9.05
N GLU A 102 -6.87 -15.53 -10.04
CA GLU A 102 -7.75 -15.18 -11.15
C GLU A 102 -9.13 -14.78 -10.65
N LYS A 103 -9.89 -14.10 -11.49
CA LYS A 103 -11.23 -13.66 -11.13
C LYS A 103 -12.24 -14.07 -12.18
N PRO A 104 -13.53 -14.12 -11.79
CA PRO A 104 -14.62 -14.50 -12.70
C PRO A 104 -14.88 -13.44 -13.76
N SER A 105 -13.89 -13.19 -14.59
CA SER A 105 -14.02 -12.19 -15.65
C SER A 105 -12.73 -12.09 -16.46
N VAL A 106 -12.69 -11.13 -17.39
CA VAL A 106 -11.51 -10.93 -18.22
C VAL A 106 -10.90 -9.56 -17.98
N PHE A 107 -11.75 -8.55 -17.81
CA PHE A 107 -11.28 -7.18 -17.58
C PHE A 107 -10.33 -7.14 -16.38
N SER A 108 -9.23 -6.42 -16.55
CA SER A 108 -8.22 -6.30 -15.50
C SER A 108 -7.74 -4.85 -15.37
N ARG A 109 -7.80 -4.33 -14.16
CA ARG A 109 -7.36 -2.96 -13.89
C ARG A 109 -8.05 -1.99 -14.85
N SER A 110 -9.32 -2.24 -15.15
CA SER A 110 -10.09 -1.40 -16.05
C SER A 110 -10.01 0.07 -15.62
N GLY A 111 -9.55 0.91 -16.53
CA GLY A 111 -9.44 2.34 -16.23
C GLY A 111 -8.91 3.14 -17.40
N PRO A 112 -7.62 2.94 -17.73
CA PRO A 112 -6.98 3.65 -18.84
C PRO A 112 -7.49 3.20 -20.20
N SER A 113 -6.98 3.80 -21.26
CA SER A 113 -7.39 3.45 -22.61
C SER A 113 -6.20 2.93 -23.43
N SER A 114 -6.07 1.60 -23.46
CA SER A 114 -4.97 0.96 -24.20
C SER A 114 -5.50 0.29 -25.47
N GLY A 115 -4.89 0.64 -26.60
CA GLY A 115 -5.30 0.05 -27.86
C GLY A 115 -6.26 0.95 -28.62
N GLY A 1 26.94 29.69 1.37
CA GLY A 1 27.99 28.70 1.22
C GLY A 1 28.39 28.06 2.53
N SER A 2 28.46 26.73 2.54
CA SER A 2 28.83 25.99 3.74
C SER A 2 29.03 24.52 3.44
N SER A 3 29.51 23.77 4.43
CA SER A 3 29.75 22.34 4.27
C SER A 3 29.90 21.66 5.62
N GLY A 4 29.82 20.33 5.62
CA GLY A 4 29.95 19.58 6.85
C GLY A 4 28.82 18.57 7.05
N SER A 5 29.16 17.41 7.58
CA SER A 5 28.17 16.36 7.80
C SER A 5 28.58 15.47 8.97
N SER A 6 27.68 15.32 9.95
CA SER A 6 27.95 14.50 11.12
C SER A 6 27.16 13.20 11.06
N GLY A 7 25.84 13.32 10.97
CA GLY A 7 24.99 12.15 10.91
C GLY A 7 23.54 12.49 10.65
N LEU A 8 22.90 11.76 9.74
CA LEU A 8 21.51 12.00 9.41
C LEU A 8 20.60 10.98 10.09
N VAL A 9 20.44 11.12 11.40
CA VAL A 9 19.59 10.22 12.17
C VAL A 9 18.49 10.97 12.90
N GLN A 10 18.82 12.18 13.36
CA GLN A 10 17.85 13.00 14.07
C GLN A 10 16.58 13.20 13.26
N GLY A 11 15.47 13.47 13.94
CA GLY A 11 14.21 13.67 13.26
C GLY A 11 13.11 12.78 13.80
N ARG A 12 11.94 12.84 13.16
CA ARG A 12 10.80 12.03 13.58
C ARG A 12 11.20 10.56 13.70
N ARG A 13 10.33 9.76 14.32
CA ARG A 13 10.59 8.34 14.50
C ARG A 13 9.29 7.54 14.37
N VAL A 14 9.35 6.47 13.56
CA VAL A 14 8.18 5.62 13.34
C VAL A 14 8.40 4.23 13.93
N HIS A 15 7.37 3.70 14.58
CA HIS A 15 7.45 2.38 15.20
C HIS A 15 6.28 1.51 14.75
N ILE A 16 6.56 0.55 13.87
CA ILE A 16 5.53 -0.35 13.38
C ILE A 16 4.83 -1.07 14.52
N ILE A 17 3.64 -0.58 14.89
CA ILE A 17 2.88 -1.18 15.97
C ILE A 17 2.28 -2.52 15.54
N GLU A 18 1.40 -2.47 14.53
CA GLU A 18 0.77 -3.69 14.02
C GLU A 18 1.01 -3.85 12.52
N ASP A 19 2.18 -4.36 12.18
CA ASP A 19 2.53 -4.56 10.78
C ASP A 19 1.44 -5.34 10.05
N LEU A 20 1.40 -5.19 8.72
CA LEU A 20 0.41 -5.87 7.92
C LEU A 20 0.41 -7.38 8.19
N GLU A 21 -0.57 -8.08 7.65
CA GLU A 21 -0.68 -9.52 7.84
C GLU A 21 -0.56 -10.26 6.51
N ASP A 22 -1.63 -10.22 5.72
CA ASP A 22 -1.64 -10.88 4.42
C ASP A 22 -2.99 -10.69 3.73
N VAL A 23 -3.02 -10.96 2.43
CA VAL A 23 -4.24 -10.81 1.64
C VAL A 23 -4.30 -11.84 0.52
N ASP A 24 -5.49 -12.34 0.24
CA ASP A 24 -5.69 -13.33 -0.81
C ASP A 24 -7.10 -13.25 -1.38
N VAL A 25 -7.22 -12.69 -2.57
CA VAL A 25 -8.52 -12.56 -3.23
C VAL A 25 -8.38 -12.61 -4.75
N GLN A 26 -9.50 -12.46 -5.45
CA GLN A 26 -9.49 -12.50 -6.91
C GLN A 26 -9.12 -11.13 -7.48
N GLU A 27 -8.36 -11.14 -8.57
CA GLU A 27 -7.94 -9.90 -9.22
C GLU A 27 -9.15 -9.05 -9.59
N GLY A 28 -8.98 -7.73 -9.52
CA GLY A 28 -10.06 -6.83 -9.86
C GLY A 28 -10.86 -6.39 -8.65
N SER A 29 -10.70 -7.14 -7.55
CA SER A 29 -11.42 -6.83 -6.31
C SER A 29 -10.68 -5.78 -5.50
N SER A 30 -11.19 -5.49 -4.30
CA SER A 30 -10.57 -4.50 -3.43
C SER A 30 -9.92 -5.17 -2.22
N ALA A 31 -8.59 -5.21 -2.23
CA ALA A 31 -7.84 -5.83 -1.14
C ALA A 31 -7.53 -4.81 -0.05
N THR A 32 -7.83 -5.17 1.19
CA THR A 32 -7.58 -4.29 2.34
C THR A 32 -6.28 -4.64 3.03
N PHE A 33 -5.45 -3.63 3.28
CA PHE A 33 -4.16 -3.84 3.94
C PHE A 33 -4.04 -2.95 5.18
N ARG A 34 -4.57 -3.43 6.29
CA ARG A 34 -4.51 -2.69 7.54
C ARG A 34 -3.15 -2.81 8.21
N CYS A 35 -2.68 -1.72 8.81
CA CYS A 35 -1.39 -1.72 9.48
C CYS A 35 -1.27 -0.54 10.44
N ARG A 36 -1.00 -0.83 11.71
CA ARG A 36 -0.86 0.20 12.72
C ARG A 36 0.58 0.68 12.83
N ILE A 37 0.80 1.96 12.60
CA ILE A 37 2.13 2.54 12.68
C ILE A 37 2.14 3.83 13.48
N SER A 38 3.09 3.97 14.39
CA SER A 38 3.19 5.16 15.23
C SER A 38 4.12 6.18 14.60
N PRO A 39 3.87 7.47 14.88
CA PRO A 39 2.77 7.88 15.75
C PRO A 39 1.40 7.66 15.12
N ALA A 40 0.35 7.94 15.88
CA ALA A 40 -1.01 7.77 15.38
C ALA A 40 -1.43 8.95 14.50
N ASN A 41 -0.52 9.90 14.34
CA ASN A 41 -0.79 11.09 13.54
C ASN A 41 0.30 11.29 12.48
N TYR A 42 0.83 10.18 11.98
CA TYR A 42 1.88 10.24 10.96
C TYR A 42 1.28 10.28 9.56
N GLU A 43 1.76 11.22 8.74
CA GLU A 43 1.27 11.36 7.38
C GLU A 43 1.99 12.50 6.66
N PRO A 44 1.95 12.48 5.33
CA PRO A 44 1.27 11.43 4.58
C PRO A 44 1.99 10.08 4.67
N VAL A 45 1.40 9.05 4.07
CA VAL A 45 1.99 7.72 4.09
C VAL A 45 2.27 7.22 2.68
N HIS A 46 3.31 6.41 2.54
CA HIS A 46 3.69 5.86 1.25
C HIS A 46 3.36 4.37 1.17
N TRP A 47 2.99 3.92 -0.02
CA TRP A 47 2.64 2.51 -0.23
C TRP A 47 3.25 1.99 -1.53
N PHE A 48 3.82 0.79 -1.47
CA PHE A 48 4.43 0.18 -2.65
C PHE A 48 4.02 -1.28 -2.78
N LEU A 49 4.21 -1.84 -3.97
CA LEU A 49 3.86 -3.23 -4.22
C LEU A 49 4.90 -3.90 -5.12
N ASP A 50 5.74 -4.75 -4.52
CA ASP A 50 6.77 -5.46 -5.28
C ASP A 50 7.83 -4.48 -5.78
N LYS A 51 7.51 -3.78 -6.86
CA LYS A 51 8.45 -2.82 -7.45
C LYS A 51 7.69 -1.69 -8.15
N THR A 52 6.61 -1.23 -7.53
CA THR A 52 5.80 -0.16 -8.09
C THR A 52 5.10 0.64 -6.99
N PRO A 53 5.19 1.97 -7.08
CA PRO A 53 4.57 2.87 -6.11
C PRO A 53 3.05 2.87 -6.20
N LEU A 54 2.39 3.31 -5.12
CA LEU A 54 0.94 3.36 -5.08
C LEU A 54 0.45 4.67 -4.50
N HIS A 55 -0.50 5.31 -5.19
CA HIS A 55 -1.05 6.57 -4.73
C HIS A 55 -2.57 6.59 -4.88
N ALA A 56 -3.24 7.21 -3.92
CA ALA A 56 -4.70 7.30 -3.94
C ALA A 56 -5.19 7.86 -5.27
N ASN A 57 -6.25 7.27 -5.81
CA ASN A 57 -6.83 7.71 -7.08
C ASN A 57 -8.22 7.13 -7.28
N GLU A 58 -8.76 7.29 -8.48
CA GLU A 58 -10.09 6.79 -8.79
C GLU A 58 -10.22 5.33 -8.42
N LEU A 59 -9.11 4.60 -8.48
CA LEU A 59 -9.10 3.18 -8.14
C LEU A 59 -8.45 2.95 -6.78
N ASN A 60 -7.26 3.53 -6.59
CA ASN A 60 -6.53 3.38 -5.34
C ASN A 60 -7.25 4.11 -4.21
N GLU A 61 -7.31 3.47 -3.05
CA GLU A 61 -7.96 4.06 -1.88
C GLU A 61 -7.09 3.94 -0.65
N ILE A 62 -6.85 5.08 0.01
CA ILE A 62 -6.01 5.10 1.21
C ILE A 62 -6.68 5.91 2.32
N ASP A 63 -7.15 5.22 3.36
CA ASP A 63 -7.81 5.87 4.48
C ASP A 63 -6.82 6.10 5.63
N ALA A 64 -7.31 6.66 6.73
CA ALA A 64 -6.48 6.92 7.89
C ALA A 64 -7.28 6.77 9.18
N GLN A 65 -7.63 5.53 9.51
CA GLN A 65 -8.39 5.24 10.72
C GLN A 65 -7.69 5.80 11.95
N PRO A 66 -8.45 5.98 13.04
CA PRO A 66 -7.93 6.51 14.30
C PRO A 66 -6.99 5.53 14.99
N GLY A 67 -5.88 6.05 15.51
CA GLY A 67 -4.91 5.21 16.19
C GLY A 67 -3.75 4.82 15.30
N GLY A 68 -3.56 5.56 14.21
CA GLY A 68 -2.49 5.27 13.29
C GLY A 68 -2.77 4.04 12.44
N TYR A 69 -4.04 3.84 12.10
CA TYR A 69 -4.44 2.69 11.29
C TYR A 69 -4.64 3.09 9.83
N HIS A 70 -3.59 2.90 9.03
CA HIS A 70 -3.65 3.24 7.61
C HIS A 70 -4.16 2.06 6.80
N VAL A 71 -5.37 2.19 6.27
CA VAL A 71 -5.98 1.14 5.47
C VAL A 71 -5.82 1.43 3.98
N LEU A 72 -5.42 0.41 3.22
CA LEU A 72 -5.23 0.56 1.78
C LEU A 72 -6.17 -0.37 1.02
N THR A 73 -7.12 0.21 0.30
CA THR A 73 -8.08 -0.56 -0.48
C THR A 73 -7.81 -0.44 -1.98
N LEU A 74 -6.93 -1.30 -2.49
CA LEU A 74 -6.58 -1.29 -3.90
C LEU A 74 -7.72 -1.86 -4.74
N ARG A 75 -8.54 -0.98 -5.30
CA ARG A 75 -9.67 -1.40 -6.13
C ARG A 75 -9.20 -1.71 -7.55
N GLN A 76 -9.91 -2.62 -8.22
CA GLN A 76 -9.57 -3.00 -9.58
C GLN A 76 -8.12 -3.48 -9.67
N LEU A 77 -7.86 -4.65 -9.09
CA LEU A 77 -6.51 -5.22 -9.10
C LEU A 77 -6.31 -6.12 -10.32
N ALA A 78 -5.12 -6.69 -10.44
CA ALA A 78 -4.81 -7.58 -11.54
C ALA A 78 -3.89 -8.72 -11.10
N LEU A 79 -3.92 -9.82 -11.84
CA LEU A 79 -3.09 -10.98 -11.52
C LEU A 79 -1.63 -10.61 -11.49
N LYS A 80 -1.29 -9.49 -12.12
CA LYS A 80 0.10 -9.02 -12.17
C LYS A 80 0.41 -8.12 -10.98
N ASP A 81 -0.48 -8.13 -9.99
CA ASP A 81 -0.30 -7.31 -8.80
C ASP A 81 0.08 -8.17 -7.60
N SER A 82 -0.08 -9.48 -7.75
CA SER A 82 0.24 -10.42 -6.68
C SER A 82 1.72 -10.36 -6.33
N GLY A 83 2.03 -9.71 -5.21
CA GLY A 83 3.41 -9.58 -4.79
C GLY A 83 3.54 -9.41 -3.29
N THR A 84 4.00 -8.24 -2.87
CA THR A 84 4.18 -7.95 -1.45
C THR A 84 4.11 -6.44 -1.18
N ILE A 85 3.13 -6.03 -0.39
CA ILE A 85 2.96 -4.62 -0.07
C ILE A 85 4.12 -4.11 0.79
N TYR A 86 4.79 -3.08 0.30
CA TYR A 86 5.92 -2.50 1.02
C TYR A 86 5.58 -1.10 1.54
N PHE A 87 5.00 -1.06 2.74
CA PHE A 87 4.62 0.20 3.36
C PHE A 87 5.85 0.99 3.78
N GLU A 88 5.74 2.32 3.76
CA GLU A 88 6.85 3.18 4.13
C GLU A 88 6.38 4.29 5.07
N ALA A 89 7.13 4.53 6.14
CA ALA A 89 6.79 5.56 7.10
C ALA A 89 7.97 5.86 8.03
N GLY A 90 8.71 6.92 7.72
CA GLY A 90 9.85 7.29 8.53
C GLY A 90 11.06 6.42 8.25
N ASP A 91 11.46 5.65 9.26
CA ASP A 91 12.61 4.76 9.12
C ASP A 91 12.19 3.30 9.23
N GLN A 92 10.91 3.05 8.99
CA GLN A 92 10.37 1.69 9.07
C GLN A 92 9.84 1.23 7.70
N ARG A 93 9.47 -0.03 7.61
CA ARG A 93 8.94 -0.58 6.37
C ARG A 93 8.21 -1.91 6.62
N ALA A 94 6.93 -1.93 6.32
CA ALA A 94 6.12 -3.13 6.51
C ALA A 94 6.21 -4.05 5.29
N SER A 95 5.77 -5.29 5.46
CA SER A 95 5.79 -6.28 4.38
C SER A 95 4.70 -7.31 4.57
N ALA A 96 3.76 -7.35 3.62
CA ALA A 96 2.66 -8.30 3.67
C ALA A 96 2.53 -9.06 2.36
N ALA A 97 2.21 -10.34 2.45
CA ALA A 97 2.06 -11.18 1.27
C ALA A 97 0.77 -10.85 0.52
N LEU A 98 0.91 -10.12 -0.59
CA LEU A 98 -0.24 -9.73 -1.40
C LEU A 98 -0.54 -10.78 -2.46
N ARG A 99 -1.47 -11.68 -2.15
CA ARG A 99 -1.85 -12.74 -3.08
C ARG A 99 -3.11 -12.35 -3.85
N VAL A 100 -3.08 -12.54 -5.17
CA VAL A 100 -4.21 -12.22 -6.02
C VAL A 100 -4.44 -13.30 -7.07
N THR A 101 -5.46 -14.12 -6.84
CA THR A 101 -5.79 -15.20 -7.77
C THR A 101 -6.69 -14.71 -8.90
N GLU A 102 -7.03 -15.60 -9.82
CA GLU A 102 -7.88 -15.25 -10.95
C GLU A 102 -9.26 -14.82 -10.48
N LYS A 103 -10.05 -14.25 -11.39
CA LYS A 103 -11.39 -13.80 -11.07
C LYS A 103 -12.42 -14.41 -12.01
N PRO A 104 -13.68 -14.48 -11.56
CA PRO A 104 -14.78 -15.04 -12.34
C PRO A 104 -15.14 -14.15 -13.53
N SER A 105 -14.94 -12.86 -13.38
CA SER A 105 -15.26 -11.90 -14.44
C SER A 105 -14.23 -11.98 -15.56
N VAL A 106 -14.29 -11.02 -16.48
CA VAL A 106 -13.37 -10.98 -17.61
C VAL A 106 -12.51 -9.73 -17.57
N PHE A 107 -13.14 -8.59 -17.29
CA PHE A 107 -12.42 -7.32 -17.22
C PHE A 107 -11.21 -7.42 -16.30
N SER A 108 -10.31 -6.45 -16.40
CA SER A 108 -9.10 -6.43 -15.59
C SER A 108 -8.49 -5.03 -15.55
N ARG A 109 -7.45 -4.87 -14.75
CA ARG A 109 -6.77 -3.59 -14.61
C ARG A 109 -5.91 -3.30 -15.83
N SER A 110 -6.51 -2.71 -16.85
CA SER A 110 -5.79 -2.38 -18.09
C SER A 110 -5.94 -0.92 -18.43
N GLY A 111 -4.82 -0.26 -18.70
CA GLY A 111 -4.84 1.16 -19.04
C GLY A 111 -4.60 2.04 -17.83
N PRO A 112 -3.34 2.11 -17.38
CA PRO A 112 -2.96 2.94 -16.23
C PRO A 112 -3.05 4.43 -16.52
N SER A 113 -4.17 5.03 -16.16
CA SER A 113 -4.38 6.46 -16.38
C SER A 113 -3.23 7.28 -15.78
N SER A 114 -3.18 7.31 -14.45
CA SER A 114 -2.15 8.07 -13.74
C SER A 114 -0.76 7.60 -14.17
N GLY A 115 -0.59 6.29 -14.29
CA GLY A 115 0.69 5.74 -14.69
C GLY A 115 1.49 5.20 -13.52
N GLY A 1 30.63 3.52 -17.76
CA GLY A 1 30.44 4.56 -16.76
C GLY A 1 29.00 4.97 -16.62
N SER A 2 28.51 4.99 -15.39
CA SER A 2 27.11 5.36 -15.12
C SER A 2 27.00 6.12 -13.81
N SER A 3 26.55 7.37 -13.89
CA SER A 3 26.41 8.22 -12.71
C SER A 3 25.30 7.69 -11.81
N GLY A 4 25.32 8.11 -10.55
CA GLY A 4 24.31 7.68 -9.59
C GLY A 4 23.72 8.82 -8.80
N SER A 5 22.96 8.49 -7.76
CA SER A 5 22.34 9.50 -6.92
C SER A 5 22.20 9.00 -5.49
N SER A 6 22.55 9.85 -4.53
CA SER A 6 22.48 9.51 -3.12
C SER A 6 21.12 9.91 -2.54
N GLY A 7 20.97 9.71 -1.23
CA GLY A 7 19.73 10.06 -0.57
C GLY A 7 19.86 10.11 0.94
N LEU A 8 19.29 11.14 1.55
CA LEU A 8 19.35 11.29 3.00
C LEU A 8 18.11 12.02 3.53
N VAL A 9 17.71 11.68 4.74
CA VAL A 9 16.54 12.30 5.36
C VAL A 9 16.46 11.97 6.85
N GLN A 10 15.87 12.88 7.61
CA GLN A 10 15.74 12.68 9.05
C GLN A 10 14.52 13.43 9.59
N GLY A 11 14.15 13.13 10.84
CA GLY A 11 13.01 13.78 11.45
C GLY A 11 12.35 12.93 12.51
N ARG A 12 11.02 12.93 12.54
CA ARG A 12 10.28 12.15 13.51
C ARG A 12 10.70 10.69 13.48
N ARG A 13 10.24 9.92 14.46
CA ARG A 13 10.57 8.50 14.55
C ARG A 13 9.32 7.64 14.40
N VAL A 14 9.38 6.65 13.51
CA VAL A 14 8.27 5.76 13.28
C VAL A 14 8.53 4.37 13.86
N HIS A 15 7.51 3.79 14.48
CA HIS A 15 7.63 2.47 15.08
C HIS A 15 6.46 1.58 14.67
N ILE A 16 6.75 0.56 13.86
CA ILE A 16 5.73 -0.36 13.40
C ILE A 16 5.03 -1.05 14.59
N ILE A 17 3.79 -0.64 14.84
CA ILE A 17 3.02 -1.23 15.94
C ILE A 17 2.36 -2.54 15.51
N GLU A 18 1.50 -2.47 14.52
CA GLU A 18 0.80 -3.64 14.02
C GLU A 18 1.06 -3.84 12.53
N ASP A 19 2.17 -4.49 12.21
CA ASP A 19 2.54 -4.74 10.82
C ASP A 19 1.44 -5.52 10.11
N LEU A 20 1.35 -5.34 8.80
CA LEU A 20 0.34 -6.02 8.00
C LEU A 20 0.40 -7.53 8.22
N GLU A 21 -0.55 -8.25 7.65
CA GLU A 21 -0.61 -9.70 7.79
C GLU A 21 -0.52 -10.39 6.42
N ASP A 22 -1.61 -10.36 5.68
CA ASP A 22 -1.65 -10.98 4.36
C ASP A 22 -3.03 -10.84 3.73
N VAL A 23 -3.09 -10.99 2.41
CA VAL A 23 -4.35 -10.88 1.70
C VAL A 23 -4.38 -11.79 0.47
N ASP A 24 -5.55 -12.32 0.16
CA ASP A 24 -5.71 -13.21 -0.99
C ASP A 24 -7.13 -13.16 -1.52
N VAL A 25 -7.30 -12.51 -2.68
CA VAL A 25 -8.61 -12.39 -3.30
C VAL A 25 -8.50 -12.35 -4.82
N GLN A 26 -9.62 -12.57 -5.50
CA GLN A 26 -9.64 -12.55 -6.96
C GLN A 26 -9.22 -11.19 -7.50
N GLU A 27 -8.55 -11.19 -8.65
CA GLU A 27 -8.09 -9.96 -9.26
C GLU A 27 -9.27 -9.05 -9.61
N GLY A 28 -9.05 -7.74 -9.53
CA GLY A 28 -10.10 -6.80 -9.84
C GLY A 28 -10.88 -6.37 -8.61
N SER A 29 -10.76 -7.15 -7.53
CA SER A 29 -11.46 -6.85 -6.30
C SER A 29 -10.71 -5.81 -5.48
N SER A 30 -11.16 -5.59 -4.25
CA SER A 30 -10.53 -4.62 -3.36
C SER A 30 -9.85 -5.31 -2.19
N ALA A 31 -8.53 -5.37 -2.22
CA ALA A 31 -7.76 -6.00 -1.16
C ALA A 31 -7.43 -5.00 -0.05
N THR A 32 -8.07 -5.18 1.10
CA THR A 32 -7.85 -4.28 2.24
C THR A 32 -6.54 -4.60 2.94
N PHE A 33 -5.77 -3.57 3.25
CA PHE A 33 -4.49 -3.75 3.92
C PHE A 33 -4.36 -2.79 5.11
N ARG A 34 -4.59 -3.32 6.31
CA ARG A 34 -4.50 -2.50 7.52
C ARG A 34 -3.11 -2.62 8.15
N CYS A 35 -2.72 -1.59 8.89
CA CYS A 35 -1.42 -1.57 9.55
C CYS A 35 -1.32 -0.41 10.53
N ARG A 36 -0.92 -0.71 11.76
CA ARG A 36 -0.78 0.32 12.79
C ARG A 36 0.66 0.78 12.91
N ILE A 37 0.91 2.03 12.54
CA ILE A 37 2.25 2.60 12.62
C ILE A 37 2.25 3.93 13.36
N SER A 38 3.16 4.07 14.32
CA SER A 38 3.28 5.29 15.10
C SER A 38 4.21 6.29 14.43
N PRO A 39 3.99 7.59 14.69
CA PRO A 39 2.90 8.04 15.58
C PRO A 39 1.52 7.82 14.96
N ALA A 40 0.52 7.69 15.81
CA ALA A 40 -0.85 7.48 15.35
C ALA A 40 -1.29 8.59 14.41
N ASN A 41 -0.62 9.74 14.51
CA ASN A 41 -0.95 10.89 13.66
C ASN A 41 0.16 11.13 12.63
N TYR A 42 0.68 10.05 12.06
CA TYR A 42 1.74 10.15 11.07
C TYR A 42 1.16 10.25 9.67
N GLU A 43 1.72 11.16 8.87
CA GLU A 43 1.27 11.35 7.50
C GLU A 43 2.05 12.47 6.81
N PRO A 44 2.05 12.46 5.48
CA PRO A 44 1.34 11.44 4.69
C PRO A 44 1.99 10.07 4.80
N VAL A 45 1.38 9.08 4.16
CA VAL A 45 1.90 7.72 4.18
C VAL A 45 2.18 7.21 2.77
N HIS A 46 3.22 6.39 2.64
CA HIS A 46 3.59 5.85 1.34
C HIS A 46 3.24 4.36 1.25
N TRP A 47 2.90 3.90 0.06
CA TRP A 47 2.55 2.50 -0.15
C TRP A 47 3.15 1.97 -1.45
N PHE A 48 3.81 0.82 -1.37
CA PHE A 48 4.43 0.22 -2.54
C PHE A 48 3.98 -1.24 -2.70
N LEU A 49 4.18 -1.78 -3.89
CA LEU A 49 3.80 -3.16 -4.17
C LEU A 49 4.86 -3.86 -5.02
N ASP A 50 5.65 -4.72 -4.37
CA ASP A 50 6.71 -5.44 -5.07
C ASP A 50 7.82 -4.50 -5.52
N LYS A 51 7.57 -3.79 -6.61
CA LYS A 51 8.55 -2.84 -7.14
C LYS A 51 7.86 -1.71 -7.89
N THR A 52 6.75 -1.22 -7.33
CA THR A 52 6.01 -0.13 -7.94
C THR A 52 5.28 0.69 -6.89
N PRO A 53 5.44 2.02 -6.98
CA PRO A 53 4.81 2.96 -6.04
C PRO A 53 3.29 3.02 -6.21
N LEU A 54 2.58 3.28 -5.12
CA LEU A 54 1.13 3.37 -5.15
C LEU A 54 0.65 4.69 -4.59
N HIS A 55 -0.42 5.24 -5.17
CA HIS A 55 -0.97 6.51 -4.72
C HIS A 55 -2.49 6.51 -4.86
N ALA A 56 -3.17 7.15 -3.91
CA ALA A 56 -4.62 7.23 -3.93
C ALA A 56 -5.13 7.76 -5.27
N ASN A 57 -6.12 7.10 -5.83
CA ASN A 57 -6.71 7.52 -7.10
C ASN A 57 -8.10 6.94 -7.28
N GLU A 58 -8.63 7.06 -8.49
CA GLU A 58 -9.97 6.55 -8.80
C GLU A 58 -10.10 5.09 -8.37
N LEU A 59 -8.98 4.36 -8.40
CA LEU A 59 -8.98 2.95 -8.03
C LEU A 59 -8.31 2.76 -6.67
N ASN A 60 -7.15 3.39 -6.49
CA ASN A 60 -6.41 3.28 -5.24
C ASN A 60 -7.13 4.02 -4.12
N GLU A 61 -7.21 3.39 -2.96
CA GLU A 61 -7.88 3.98 -1.81
C GLU A 61 -7.01 3.88 -0.55
N ILE A 62 -6.77 5.01 0.09
CA ILE A 62 -5.96 5.04 1.30
C ILE A 62 -6.64 5.84 2.40
N ASP A 63 -7.24 5.14 3.35
CA ASP A 63 -7.92 5.79 4.47
C ASP A 63 -6.97 6.05 5.63
N ALA A 64 -7.48 6.66 6.68
CA ALA A 64 -6.66 6.97 7.86
C ALA A 64 -7.48 6.83 9.14
N GLN A 65 -7.90 5.61 9.44
CA GLN A 65 -8.68 5.35 10.64
C GLN A 65 -8.00 5.92 11.88
N PRO A 66 -8.78 6.10 12.95
CA PRO A 66 -8.27 6.64 14.22
C PRO A 66 -7.35 5.66 14.93
N GLY A 67 -6.22 6.17 15.42
CA GLY A 67 -5.27 5.32 16.13
C GLY A 67 -4.15 4.84 15.23
N GLY A 68 -3.82 5.64 14.21
CA GLY A 68 -2.76 5.28 13.30
C GLY A 68 -3.09 4.05 12.47
N TYR A 69 -4.38 3.89 12.16
CA TYR A 69 -4.84 2.75 11.37
C TYR A 69 -4.95 3.13 9.89
N HIS A 70 -3.86 2.89 9.16
CA HIS A 70 -3.83 3.20 7.73
C HIS A 70 -4.36 2.03 6.91
N VAL A 71 -5.56 2.20 6.36
CA VAL A 71 -6.18 1.15 5.55
C VAL A 71 -5.99 1.43 4.06
N LEU A 72 -5.64 0.39 3.31
CA LEU A 72 -5.44 0.51 1.87
C LEU A 72 -6.34 -0.44 1.11
N THR A 73 -7.24 0.13 0.30
CA THR A 73 -8.17 -0.67 -0.49
C THR A 73 -7.89 -0.51 -1.98
N LEU A 74 -7.06 -1.40 -2.52
CA LEU A 74 -6.71 -1.36 -3.94
C LEU A 74 -7.85 -1.93 -4.79
N ARG A 75 -8.70 -1.05 -5.28
CA ARG A 75 -9.83 -1.46 -6.12
C ARG A 75 -9.38 -1.75 -7.54
N GLN A 76 -10.07 -2.66 -8.22
CA GLN A 76 -9.73 -3.02 -9.58
C GLN A 76 -8.28 -3.47 -9.69
N LEU A 77 -7.97 -4.61 -9.08
CA LEU A 77 -6.62 -5.15 -9.11
C LEU A 77 -6.42 -6.06 -10.31
N ALA A 78 -5.22 -6.62 -10.42
CA ALA A 78 -4.91 -7.52 -11.52
C ALA A 78 -3.94 -8.62 -11.09
N LEU A 79 -3.88 -9.69 -11.86
CA LEU A 79 -3.00 -10.81 -11.55
C LEU A 79 -1.54 -10.37 -11.54
N LYS A 80 -1.27 -9.23 -12.17
CA LYS A 80 0.09 -8.70 -12.23
C LYS A 80 0.39 -7.86 -11.00
N ASP A 81 -0.54 -7.83 -10.05
CA ASP A 81 -0.37 -7.07 -8.82
C ASP A 81 0.10 -7.98 -7.68
N SER A 82 -0.16 -9.27 -7.81
CA SER A 82 0.23 -10.24 -6.79
C SER A 82 1.72 -10.10 -6.46
N GLY A 83 2.01 -9.62 -5.25
CA GLY A 83 3.39 -9.44 -4.82
C GLY A 83 3.51 -9.31 -3.33
N THR A 84 3.94 -8.13 -2.87
CA THR A 84 4.11 -7.87 -1.45
C THR A 84 4.06 -6.37 -1.15
N ILE A 85 3.03 -5.95 -0.44
CA ILE A 85 2.87 -4.55 -0.09
C ILE A 85 4.01 -4.07 0.81
N TYR A 86 4.77 -3.09 0.32
CA TYR A 86 5.88 -2.54 1.09
C TYR A 86 5.56 -1.15 1.62
N PHE A 87 4.88 -1.11 2.77
CA PHE A 87 4.51 0.16 3.39
C PHE A 87 5.74 0.95 3.80
N GLU A 88 5.62 2.27 3.79
CA GLU A 88 6.72 3.15 4.15
C GLU A 88 6.26 4.23 5.14
N ALA A 89 7.06 4.45 6.17
CA ALA A 89 6.74 5.46 7.17
C ALA A 89 7.96 5.80 8.03
N GLY A 90 8.61 6.92 7.70
CA GLY A 90 9.78 7.33 8.44
C GLY A 90 10.99 6.44 8.17
N ASP A 91 11.43 5.72 9.19
CA ASP A 91 12.58 4.82 9.07
C ASP A 91 12.14 3.37 9.20
N GLN A 92 10.86 3.11 8.97
CA GLN A 92 10.32 1.76 9.06
C GLN A 92 9.77 1.30 7.71
N ARG A 93 9.24 0.08 7.69
CA ARG A 93 8.68 -0.48 6.45
C ARG A 93 8.02 -1.83 6.73
N ALA A 94 6.72 -1.92 6.43
CA ALA A 94 5.98 -3.15 6.64
C ALA A 94 5.96 -4.00 5.39
N SER A 95 5.67 -5.29 5.54
CA SER A 95 5.62 -6.21 4.43
C SER A 95 4.48 -7.22 4.59
N ALA A 96 3.59 -7.28 3.61
CA ALA A 96 2.46 -8.19 3.65
C ALA A 96 2.37 -9.00 2.36
N ALA A 97 1.96 -10.26 2.47
CA ALA A 97 1.82 -11.13 1.32
C ALA A 97 0.56 -10.80 0.53
N LEU A 98 0.73 -10.04 -0.56
CA LEU A 98 -0.39 -9.65 -1.41
C LEU A 98 -0.64 -10.70 -2.49
N ARG A 99 -1.57 -11.61 -2.20
CA ARG A 99 -1.91 -12.66 -3.14
C ARG A 99 -3.14 -12.29 -3.97
N VAL A 100 -3.13 -12.66 -5.25
CA VAL A 100 -4.24 -12.35 -6.14
C VAL A 100 -4.39 -13.42 -7.21
N THR A 101 -5.45 -14.22 -7.10
CA THR A 101 -5.71 -15.29 -8.06
C THR A 101 -6.68 -14.83 -9.13
N GLU A 102 -6.74 -15.58 -10.24
CA GLU A 102 -7.63 -15.25 -11.34
C GLU A 102 -9.06 -15.04 -10.84
N LYS A 103 -9.91 -14.51 -11.72
CA LYS A 103 -11.30 -14.28 -11.37
C LYS A 103 -12.23 -14.67 -12.52
N PRO A 104 -13.52 -14.87 -12.20
CA PRO A 104 -14.53 -15.25 -13.19
C PRO A 104 -14.84 -14.13 -14.17
N SER A 105 -15.08 -12.94 -13.64
CA SER A 105 -15.40 -11.78 -14.47
C SER A 105 -15.25 -10.49 -13.68
N VAL A 106 -14.36 -9.61 -14.15
CA VAL A 106 -14.12 -8.33 -13.49
C VAL A 106 -13.54 -7.32 -14.46
N PHE A 107 -13.66 -6.04 -14.11
CA PHE A 107 -13.14 -4.96 -14.96
C PHE A 107 -11.64 -4.80 -14.77
N SER A 108 -10.87 -5.38 -15.69
CA SER A 108 -9.42 -5.30 -15.63
C SER A 108 -8.96 -3.85 -15.49
N ARG A 109 -7.86 -3.65 -14.76
CA ARG A 109 -7.31 -2.32 -14.55
C ARG A 109 -6.75 -1.75 -15.85
N SER A 110 -7.60 -1.10 -16.63
CA SER A 110 -7.20 -0.51 -17.89
C SER A 110 -7.37 1.00 -17.87
N GLY A 111 -6.26 1.72 -17.71
CA GLY A 111 -6.31 3.17 -17.67
C GLY A 111 -4.94 3.80 -17.77
N PRO A 112 -4.30 3.68 -18.94
CA PRO A 112 -2.97 4.24 -19.17
C PRO A 112 -2.97 5.76 -19.22
N SER A 113 -1.89 6.36 -18.76
CA SER A 113 -1.78 7.82 -18.75
C SER A 113 -1.89 8.39 -20.16
N SER A 114 -2.73 9.40 -20.32
CA SER A 114 -2.93 10.03 -21.62
C SER A 114 -2.49 11.49 -21.59
N GLY A 115 -2.04 11.98 -22.74
CA GLY A 115 -1.58 13.36 -22.84
C GLY A 115 -2.67 14.29 -23.33
N GLY A 1 19.56 26.10 -2.97
CA GLY A 1 18.25 25.74 -2.44
C GLY A 1 17.97 24.26 -2.57
N SER A 2 18.49 23.47 -1.62
CA SER A 2 18.28 22.02 -1.65
C SER A 2 18.30 21.46 -0.23
N SER A 3 17.29 20.65 0.09
CA SER A 3 17.18 20.04 1.41
C SER A 3 17.78 18.63 1.42
N GLY A 4 17.50 17.87 0.36
CA GLY A 4 18.02 16.52 0.26
C GLY A 4 17.09 15.50 0.90
N SER A 5 16.72 14.48 0.14
CA SER A 5 15.83 13.44 0.63
C SER A 5 16.59 12.13 0.83
N SER A 6 17.45 11.80 -0.12
CA SER A 6 18.23 10.57 -0.05
C SER A 6 19.62 10.84 0.55
N GLY A 7 19.73 10.69 1.86
CA GLY A 7 21.00 10.92 2.52
C GLY A 7 21.01 10.41 3.95
N LEU A 8 21.47 11.26 4.87
CA LEU A 8 21.53 10.88 6.28
C LEU A 8 20.62 11.76 7.12
N VAL A 9 19.40 12.01 6.62
CA VAL A 9 18.43 12.83 7.32
C VAL A 9 18.10 12.25 8.69
N GLN A 10 17.21 12.92 9.41
CA GLN A 10 16.81 12.46 10.74
C GLN A 10 15.65 13.31 11.27
N GLY A 11 15.00 12.82 12.32
CA GLY A 11 13.89 13.54 12.91
C GLY A 11 12.89 12.62 13.59
N ARG A 12 11.64 12.68 13.16
CA ARG A 12 10.59 11.85 13.74
C ARG A 12 11.00 10.38 13.73
N ARG A 13 10.39 9.59 14.62
CA ARG A 13 10.69 8.17 14.71
C ARG A 13 9.41 7.34 14.60
N VAL A 14 9.36 6.49 13.58
CA VAL A 14 8.20 5.64 13.36
C VAL A 14 8.42 4.25 13.95
N HIS A 15 7.37 3.70 14.57
CA HIS A 15 7.44 2.39 15.18
C HIS A 15 6.26 1.51 14.74
N ILE A 16 6.54 0.55 13.87
CA ILE A 16 5.50 -0.35 13.37
C ILE A 16 4.80 -1.05 14.52
N ILE A 17 3.61 -0.55 14.88
CA ILE A 17 2.84 -1.14 15.96
C ILE A 17 2.21 -2.47 15.53
N GLU A 18 1.35 -2.41 14.52
CA GLU A 18 0.69 -3.61 14.02
C GLU A 18 0.93 -3.78 12.52
N ASP A 19 2.10 -4.31 12.16
CA ASP A 19 2.45 -4.53 10.77
C ASP A 19 1.36 -5.29 10.04
N LEU A 20 1.31 -5.15 8.72
CA LEU A 20 0.31 -5.83 7.91
C LEU A 20 0.30 -7.33 8.19
N GLU A 21 -0.69 -8.03 7.65
CA GLU A 21 -0.80 -9.47 7.84
C GLU A 21 -0.68 -10.20 6.51
N ASP A 22 -1.74 -10.16 5.71
CA ASP A 22 -1.75 -10.82 4.41
C ASP A 22 -3.08 -10.62 3.71
N VAL A 23 -3.11 -10.89 2.40
CA VAL A 23 -4.33 -10.74 1.62
C VAL A 23 -4.36 -11.72 0.45
N ASP A 24 -5.55 -12.22 0.14
CA ASP A 24 -5.72 -13.17 -0.96
C ASP A 24 -7.14 -13.13 -1.50
N VAL A 25 -7.31 -12.51 -2.66
CA VAL A 25 -8.62 -12.40 -3.29
C VAL A 25 -8.51 -12.37 -4.81
N GLN A 26 -9.61 -12.62 -5.49
CA GLN A 26 -9.63 -12.63 -6.95
C GLN A 26 -9.31 -11.25 -7.50
N GLU A 27 -8.47 -11.19 -8.52
CA GLU A 27 -8.08 -9.94 -9.14
C GLU A 27 -9.31 -9.12 -9.53
N GLY A 28 -9.18 -7.80 -9.47
CA GLY A 28 -10.29 -6.93 -9.82
C GLY A 28 -11.07 -6.47 -8.60
N SER A 29 -10.92 -7.19 -7.50
CA SER A 29 -11.62 -6.85 -6.27
C SER A 29 -10.84 -5.81 -5.47
N SER A 30 -11.34 -5.49 -4.27
CA SER A 30 -10.69 -4.51 -3.42
C SER A 30 -10.02 -5.21 -2.23
N ALA A 31 -8.69 -5.24 -2.25
CA ALA A 31 -7.92 -5.86 -1.18
C ALA A 31 -7.55 -4.85 -0.10
N THR A 32 -7.93 -5.14 1.14
CA THR A 32 -7.64 -4.25 2.26
C THR A 32 -6.31 -4.61 2.92
N PHE A 33 -5.56 -3.58 3.31
CA PHE A 33 -4.27 -3.80 3.96
C PHE A 33 -4.13 -2.90 5.19
N ARG A 34 -4.65 -3.36 6.31
CA ARG A 34 -4.58 -2.61 7.56
C ARG A 34 -3.20 -2.73 8.19
N CYS A 35 -2.74 -1.63 8.81
CA CYS A 35 -1.44 -1.61 9.45
C CYS A 35 -1.33 -0.45 10.41
N ARG A 36 -1.03 -0.74 11.67
CA ARG A 36 -0.90 0.29 12.70
C ARG A 36 0.56 0.75 12.82
N ILE A 37 0.78 2.04 12.58
CA ILE A 37 2.12 2.61 12.66
C ILE A 37 2.12 3.90 13.46
N SER A 38 3.07 4.03 14.39
CA SER A 38 3.18 5.22 15.22
C SER A 38 4.12 6.24 14.60
N PRO A 39 3.89 7.53 14.89
CA PRO A 39 2.78 7.95 15.75
C PRO A 39 1.42 7.74 15.09
N ALA A 40 0.36 8.02 15.84
CA ALA A 40 -1.00 7.87 15.34
C ALA A 40 -1.39 9.05 14.46
N ASN A 41 -0.47 10.01 14.31
CA ASN A 41 -0.73 11.19 13.50
C ASN A 41 0.36 11.37 12.45
N TYR A 42 0.89 10.26 11.95
CA TYR A 42 1.94 10.31 10.95
C TYR A 42 1.34 10.34 9.54
N GLU A 43 1.84 11.27 8.72
CA GLU A 43 1.35 11.41 7.35
C GLU A 43 2.07 12.55 6.63
N PRO A 44 2.05 12.52 5.29
CA PRO A 44 1.36 11.46 4.54
C PRO A 44 2.07 10.11 4.65
N VAL A 45 1.47 9.08 4.07
CA VAL A 45 2.05 7.75 4.10
C VAL A 45 2.35 7.25 2.69
N HIS A 46 3.39 6.43 2.56
CA HIS A 46 3.79 5.89 1.27
C HIS A 46 3.44 4.40 1.18
N TRP A 47 3.10 3.95 -0.01
CA TRP A 47 2.74 2.55 -0.23
C TRP A 47 3.35 2.03 -1.53
N PHE A 48 3.97 0.86 -1.46
CA PHE A 48 4.59 0.25 -2.64
C PHE A 48 4.15 -1.20 -2.80
N LEU A 49 4.31 -1.73 -4.01
CA LEU A 49 3.92 -3.11 -4.29
C LEU A 49 4.98 -3.80 -5.14
N ASP A 50 5.79 -4.63 -4.48
CA ASP A 50 6.85 -5.37 -5.17
C ASP A 50 7.93 -4.41 -5.68
N LYS A 51 7.65 -3.76 -6.80
CA LYS A 51 8.59 -2.81 -7.39
C LYS A 51 7.86 -1.68 -8.09
N THR A 52 6.76 -1.22 -7.49
CA THR A 52 5.97 -0.14 -8.06
C THR A 52 5.24 0.63 -6.97
N PRO A 53 5.30 1.97 -7.03
CA PRO A 53 4.64 2.84 -6.05
C PRO A 53 3.12 2.82 -6.18
N LEU A 54 2.43 3.29 -5.16
CA LEU A 54 0.97 3.31 -5.16
C LEU A 54 0.45 4.63 -4.58
N HIS A 55 -0.45 5.27 -5.32
CA HIS A 55 -1.03 6.54 -4.88
C HIS A 55 -2.55 6.51 -4.99
N ALA A 56 -3.22 7.16 -4.05
CA ALA A 56 -4.68 7.21 -4.05
C ALA A 56 -5.21 7.66 -5.41
N ASN A 57 -6.20 6.93 -5.93
CA ASN A 57 -6.79 7.26 -7.21
C ASN A 57 -8.21 6.71 -7.31
N GLU A 58 -8.77 6.75 -8.52
CA GLU A 58 -10.12 6.25 -8.75
C GLU A 58 -10.22 4.76 -8.39
N LEU A 59 -9.07 4.10 -8.32
CA LEU A 59 -9.03 2.68 -7.99
C LEU A 59 -8.28 2.45 -6.68
N ASN A 60 -7.33 3.31 -6.39
CA ASN A 60 -6.54 3.21 -5.16
C ASN A 60 -7.20 3.98 -4.03
N GLU A 61 -7.36 3.32 -2.89
CA GLU A 61 -7.99 3.94 -1.72
C GLU A 61 -7.07 3.85 -0.51
N ILE A 62 -6.83 4.99 0.13
CA ILE A 62 -5.97 5.04 1.31
C ILE A 62 -6.62 5.84 2.42
N ASP A 63 -7.30 5.13 3.33
CA ASP A 63 -7.97 5.78 4.45
C ASP A 63 -6.99 6.06 5.59
N ALA A 64 -7.50 6.60 6.69
CA ALA A 64 -6.66 6.91 7.85
C ALA A 64 -7.44 6.72 9.15
N GLN A 65 -7.80 5.48 9.44
CA GLN A 65 -8.54 5.17 10.66
C GLN A 65 -7.86 5.76 11.88
N PRO A 66 -8.62 5.90 12.97
CA PRO A 66 -8.10 6.45 14.24
C PRO A 66 -7.10 5.51 14.92
N GLY A 67 -5.94 6.05 15.27
CA GLY A 67 -4.92 5.25 15.93
C GLY A 67 -3.83 4.81 14.97
N GLY A 68 -3.47 5.69 14.05
CA GLY A 68 -2.43 5.37 13.09
C GLY A 68 -2.75 4.13 12.28
N TYR A 69 -4.03 3.92 12.01
CA TYR A 69 -4.46 2.75 11.25
C TYR A 69 -4.68 3.12 9.78
N HIS A 70 -3.62 3.00 8.99
CA HIS A 70 -3.68 3.31 7.57
C HIS A 70 -4.21 2.12 6.77
N VAL A 71 -5.41 2.26 6.21
CA VAL A 71 -6.02 1.19 5.44
C VAL A 71 -5.85 1.45 3.94
N LEU A 72 -5.41 0.42 3.22
CA LEU A 72 -5.21 0.54 1.78
C LEU A 72 -6.14 -0.42 1.03
N THR A 73 -7.15 0.13 0.38
CA THR A 73 -8.10 -0.68 -0.38
C THR A 73 -7.84 -0.56 -1.88
N LEU A 74 -6.98 -1.44 -2.38
CA LEU A 74 -6.64 -1.44 -3.81
C LEU A 74 -7.79 -2.01 -4.64
N ARG A 75 -8.63 -1.12 -5.16
CA ARG A 75 -9.76 -1.53 -5.97
C ARG A 75 -9.33 -1.82 -7.40
N GLN A 76 -10.07 -2.70 -8.07
CA GLN A 76 -9.76 -3.08 -9.45
C GLN A 76 -8.32 -3.59 -9.55
N LEU A 77 -8.03 -4.66 -8.82
CA LEU A 77 -6.69 -5.25 -8.84
C LEU A 77 -6.48 -6.09 -10.10
N ALA A 78 -5.29 -6.66 -10.23
CA ALA A 78 -4.97 -7.49 -11.38
C ALA A 78 -4.03 -8.63 -11.00
N LEU A 79 -4.02 -9.68 -11.82
CA LEU A 79 -3.17 -10.84 -11.55
C LEU A 79 -1.70 -10.45 -11.59
N LYS A 80 -1.41 -9.29 -12.16
CA LYS A 80 -0.03 -8.80 -12.26
C LYS A 80 0.29 -7.87 -11.09
N ASP A 81 -0.46 -8.00 -10.01
CA ASP A 81 -0.24 -7.18 -8.83
C ASP A 81 0.23 -8.03 -7.64
N SER A 82 -0.06 -9.32 -7.71
CA SER A 82 0.33 -10.24 -6.64
C SER A 82 1.82 -10.10 -6.32
N GLY A 83 2.12 -9.48 -5.19
CA GLY A 83 3.50 -9.29 -4.79
C GLY A 83 3.66 -9.17 -3.28
N THR A 84 4.07 -8.00 -2.83
CA THR A 84 4.26 -7.75 -1.41
C THR A 84 4.21 -6.26 -1.09
N ILE A 85 3.16 -5.85 -0.39
CA ILE A 85 2.99 -4.44 -0.02
C ILE A 85 4.15 -3.95 0.83
N TYR A 86 4.92 -3.01 0.29
CA TYR A 86 6.07 -2.46 1.01
C TYR A 86 5.75 -1.08 1.56
N PHE A 87 5.05 -1.05 2.69
CA PHE A 87 4.69 0.22 3.32
C PHE A 87 5.92 1.00 3.73
N GLU A 88 5.79 2.33 3.76
CA GLU A 88 6.91 3.19 4.13
C GLU A 88 6.44 4.31 5.06
N ALA A 89 7.18 4.52 6.14
CA ALA A 89 6.84 5.56 7.11
C ALA A 89 8.01 5.86 8.03
N GLY A 90 8.75 6.91 7.70
CA GLY A 90 9.90 7.30 8.50
C GLY A 90 11.13 6.43 8.22
N ASP A 91 11.52 5.64 9.20
CA ASP A 91 12.68 4.76 9.05
C ASP A 91 12.27 3.29 9.14
N GLN A 92 10.98 3.03 8.94
CA GLN A 92 10.46 1.67 9.00
C GLN A 92 9.95 1.22 7.64
N ARG A 93 9.43 -0.01 7.58
CA ARG A 93 8.91 -0.56 6.34
C ARG A 93 8.21 -1.89 6.58
N ALA A 94 6.91 -1.94 6.29
CA ALA A 94 6.14 -3.16 6.47
C ALA A 94 6.26 -4.08 5.27
N SER A 95 5.72 -5.28 5.39
CA SER A 95 5.76 -6.26 4.30
C SER A 95 4.67 -7.32 4.47
N ALA A 96 3.68 -7.28 3.60
CA ALA A 96 2.58 -8.23 3.65
C ALA A 96 2.46 -9.01 2.35
N ALA A 97 2.11 -10.29 2.45
CA ALA A 97 1.97 -11.14 1.27
C ALA A 97 0.69 -10.79 0.52
N LEU A 98 0.85 -10.04 -0.56
CA LEU A 98 -0.29 -9.63 -1.39
C LEU A 98 -0.56 -10.67 -2.47
N ARG A 99 -1.51 -11.56 -2.22
CA ARG A 99 -1.86 -12.60 -3.18
C ARG A 99 -3.12 -12.22 -3.95
N VAL A 100 -3.13 -12.54 -5.24
CA VAL A 100 -4.27 -12.23 -6.10
C VAL A 100 -4.45 -13.28 -7.18
N THR A 101 -5.45 -14.13 -7.00
CA THR A 101 -5.74 -15.19 -7.97
C THR A 101 -6.70 -14.72 -9.04
N GLU A 102 -6.88 -15.54 -10.07
CA GLU A 102 -7.78 -15.20 -11.17
C GLU A 102 -9.17 -14.85 -10.65
N LYS A 103 -9.99 -14.27 -11.51
CA LYS A 103 -11.35 -13.88 -11.14
C LYS A 103 -12.37 -14.49 -12.11
N PRO A 104 -13.62 -14.63 -11.63
CA PRO A 104 -14.71 -15.20 -12.43
C PRO A 104 -15.14 -14.27 -13.56
N SER A 105 -14.98 -12.96 -13.34
CA SER A 105 -15.35 -11.97 -14.34
C SER A 105 -14.36 -11.97 -15.50
N VAL A 106 -14.48 -10.96 -16.36
CA VAL A 106 -13.60 -10.84 -17.52
C VAL A 106 -12.85 -9.51 -17.50
N PHE A 107 -13.59 -8.43 -17.24
CA PHE A 107 -13.00 -7.10 -17.19
C PHE A 107 -11.77 -7.08 -16.28
N SER A 108 -10.81 -6.23 -16.60
CA SER A 108 -9.58 -6.11 -15.81
C SER A 108 -9.19 -4.65 -15.64
N ARG A 109 -8.17 -4.42 -14.82
CA ARG A 109 -7.70 -3.06 -14.57
C ARG A 109 -7.37 -2.34 -15.88
N SER A 110 -6.52 -2.95 -16.69
CA SER A 110 -6.13 -2.38 -17.97
C SER A 110 -6.29 -3.39 -19.10
N GLY A 111 -6.85 -2.95 -20.22
CA GLY A 111 -7.04 -3.83 -21.35
C GLY A 111 -7.21 -3.06 -22.65
N PRO A 112 -8.36 -2.39 -22.80
CA PRO A 112 -8.68 -1.62 -23.99
C PRO A 112 -7.81 -0.37 -24.11
N SER A 113 -6.88 -0.39 -25.05
CA SER A 113 -5.99 0.75 -25.27
C SER A 113 -6.15 1.31 -26.68
N SER A 114 -7.39 1.63 -27.04
CA SER A 114 -7.68 2.18 -28.36
C SER A 114 -7.19 3.61 -28.48
N GLY A 115 -6.39 3.88 -29.51
CA GLY A 115 -5.87 5.22 -29.72
C GLY A 115 -4.92 5.29 -30.90
N GLY A 1 6.78 23.07 4.32
CA GLY A 1 7.51 22.05 3.57
C GLY A 1 7.14 22.03 2.11
N SER A 2 7.02 20.83 1.55
CA SER A 2 6.68 20.69 0.13
C SER A 2 7.69 21.41 -0.75
N SER A 3 8.92 21.55 -0.25
CA SER A 3 9.97 22.23 -0.99
C SER A 3 10.46 21.37 -2.15
N GLY A 4 10.68 20.09 -1.89
CA GLY A 4 11.13 19.18 -2.92
C GLY A 4 12.61 18.84 -2.77
N SER A 5 13.04 18.61 -1.53
CA SER A 5 14.43 18.27 -1.26
C SER A 5 14.52 17.04 -0.38
N SER A 6 15.75 16.60 -0.10
CA SER A 6 15.98 15.43 0.73
C SER A 6 17.42 15.39 1.22
N GLY A 7 17.74 14.36 2.01
CA GLY A 7 19.09 14.22 2.54
C GLY A 7 19.29 12.92 3.30
N LEU A 8 18.85 12.90 4.55
CA LEU A 8 18.98 11.70 5.38
C LEU A 8 17.73 11.49 6.23
N VAL A 9 17.72 10.39 6.98
CA VAL A 9 16.59 10.07 7.84
C VAL A 9 16.92 10.31 9.31
N GLN A 10 16.36 11.38 9.87
CA GLN A 10 16.60 11.73 11.26
C GLN A 10 15.40 12.44 11.87
N GLY A 11 15.51 12.79 13.15
CA GLY A 11 14.41 13.46 13.82
C GLY A 11 13.19 12.58 13.98
N ARG A 12 12.20 12.79 13.12
CA ARG A 12 10.96 12.01 13.17
C ARG A 12 11.28 10.51 13.16
N ARG A 13 10.67 9.78 14.09
CA ARG A 13 10.88 8.35 14.19
C ARG A 13 9.56 7.59 14.08
N VAL A 14 9.59 6.42 13.46
CA VAL A 14 8.40 5.60 13.29
C VAL A 14 8.61 4.20 13.84
N HIS A 15 7.60 3.66 14.50
CA HIS A 15 7.67 2.33 15.07
C HIS A 15 6.46 1.49 14.67
N ILE A 16 6.70 0.47 13.84
CA ILE A 16 5.63 -0.40 13.38
C ILE A 16 4.95 -1.10 14.54
N ILE A 17 3.77 -0.61 14.92
CA ILE A 17 3.01 -1.18 16.02
C ILE A 17 2.33 -2.48 15.59
N GLU A 18 1.43 -2.38 14.62
CA GLU A 18 0.71 -3.55 14.12
C GLU A 18 0.93 -3.72 12.62
N ASP A 19 2.08 -4.27 12.25
CA ASP A 19 2.40 -4.50 10.85
C ASP A 19 1.29 -5.26 10.15
N LEU A 20 1.24 -5.13 8.83
CA LEU A 20 0.22 -5.82 8.04
C LEU A 20 0.20 -7.31 8.33
N GLU A 21 -0.78 -8.00 7.77
CA GLU A 21 -0.91 -9.45 7.97
C GLU A 21 -0.77 -10.20 6.65
N ASP A 22 -1.83 -10.17 5.85
CA ASP A 22 -1.82 -10.84 4.56
C ASP A 22 -3.16 -10.65 3.85
N VAL A 23 -3.18 -10.90 2.54
CA VAL A 23 -4.38 -10.76 1.75
C VAL A 23 -4.38 -11.73 0.57
N ASP A 24 -5.55 -12.27 0.26
CA ASP A 24 -5.69 -13.22 -0.85
C ASP A 24 -7.11 -13.17 -1.43
N VAL A 25 -7.25 -12.53 -2.58
CA VAL A 25 -8.55 -12.42 -3.24
C VAL A 25 -8.38 -12.37 -4.75
N GLN A 26 -9.49 -12.62 -5.47
CA GLN A 26 -9.46 -12.60 -6.92
C GLN A 26 -9.12 -11.21 -7.44
N GLU A 27 -8.24 -11.16 -8.44
CA GLU A 27 -7.83 -9.89 -9.03
C GLU A 27 -9.04 -9.05 -9.42
N GLY A 28 -8.89 -7.73 -9.35
CA GLY A 28 -9.98 -6.84 -9.71
C GLY A 28 -10.80 -6.43 -8.50
N SER A 29 -10.66 -7.16 -7.40
CA SER A 29 -11.40 -6.87 -6.19
C SER A 29 -10.67 -5.84 -5.34
N SER A 30 -11.20 -5.57 -4.15
CA SER A 30 -10.60 -4.59 -3.25
C SER A 30 -9.90 -5.29 -2.08
N ALA A 31 -8.57 -5.30 -2.12
CA ALA A 31 -7.79 -5.93 -1.07
C ALA A 31 -7.41 -4.92 0.01
N THR A 32 -8.05 -5.04 1.17
CA THR A 32 -7.78 -4.13 2.28
C THR A 32 -6.49 -4.51 2.99
N PHE A 33 -5.66 -3.51 3.28
CA PHE A 33 -4.39 -3.74 3.95
C PHE A 33 -4.27 -2.84 5.19
N ARG A 34 -4.76 -3.34 6.33
CA ARG A 34 -4.71 -2.58 7.57
C ARG A 34 -3.34 -2.75 8.24
N CYS A 35 -2.89 -1.68 8.90
CA CYS A 35 -1.60 -1.70 9.58
C CYS A 35 -1.45 -0.48 10.50
N ARG A 36 -1.12 -0.74 11.75
CA ARG A 36 -0.96 0.33 12.73
C ARG A 36 0.51 0.72 12.85
N ILE A 37 0.78 2.03 12.87
CA ILE A 37 2.14 2.55 12.98
C ILE A 37 2.18 3.82 13.80
N SER A 38 3.20 3.96 14.64
CA SER A 38 3.36 5.13 15.48
C SER A 38 4.32 6.13 14.84
N PRO A 39 4.02 7.43 15.01
CA PRO A 39 2.85 7.89 15.77
C PRO A 39 1.54 7.57 15.04
N ALA A 40 0.46 7.44 15.80
CA ALA A 40 -0.85 7.14 15.23
C ALA A 40 -1.28 8.24 14.27
N ASN A 41 -0.66 9.41 14.40
CA ASN A 41 -0.98 10.54 13.53
C ASN A 41 0.17 10.86 12.59
N TYR A 42 0.78 9.81 12.05
CA TYR A 42 1.90 9.96 11.12
C TYR A 42 1.39 10.13 9.69
N GLU A 43 2.00 11.07 8.96
CA GLU A 43 1.61 11.33 7.58
C GLU A 43 2.46 12.44 6.98
N PRO A 44 2.50 12.50 5.64
CA PRO A 44 1.78 11.55 4.78
C PRO A 44 2.38 10.15 4.85
N VAL A 45 1.74 9.21 4.16
CA VAL A 45 2.21 7.83 4.14
C VAL A 45 2.48 7.36 2.71
N HIS A 46 3.35 6.37 2.56
CA HIS A 46 3.70 5.84 1.25
C HIS A 46 3.36 4.35 1.17
N TRP A 47 3.03 3.89 -0.03
CA TRP A 47 2.68 2.49 -0.25
C TRP A 47 3.29 1.97 -1.54
N PHE A 48 3.91 0.80 -1.48
CA PHE A 48 4.53 0.20 -2.66
C PHE A 48 4.16 -1.28 -2.77
N LEU A 49 4.33 -1.83 -3.97
CA LEU A 49 4.01 -3.24 -4.21
C LEU A 49 5.05 -3.88 -5.11
N ASP A 50 5.92 -4.70 -4.53
CA ASP A 50 6.96 -5.38 -5.29
C ASP A 50 7.99 -4.39 -5.80
N LYS A 51 7.63 -3.69 -6.87
CA LYS A 51 8.53 -2.70 -7.47
C LYS A 51 7.74 -1.62 -8.19
N THR A 52 6.65 -1.17 -7.56
CA THR A 52 5.81 -0.13 -8.14
C THR A 52 5.12 0.69 -7.06
N PRO A 53 5.22 2.03 -7.16
CA PRO A 53 4.61 2.94 -6.19
C PRO A 53 3.09 2.96 -6.28
N LEU A 54 2.43 3.20 -5.16
CA LEU A 54 0.97 3.24 -5.12
C LEU A 54 0.48 4.57 -4.56
N HIS A 55 -0.44 5.21 -5.29
CA HIS A 55 -1.00 6.49 -4.88
C HIS A 55 -2.52 6.48 -4.99
N ALA A 56 -3.18 7.19 -4.08
CA ALA A 56 -4.63 7.27 -4.08
C ALA A 56 -5.15 7.74 -5.44
N ASN A 57 -6.13 7.01 -5.97
CA ASN A 57 -6.73 7.35 -7.26
C ASN A 57 -8.15 6.82 -7.38
N GLU A 58 -8.74 6.96 -8.56
CA GLU A 58 -10.10 6.48 -8.79
C GLU A 58 -10.24 5.02 -8.38
N LEU A 59 -9.14 4.29 -8.45
CA LEU A 59 -9.14 2.87 -8.09
C LEU A 59 -8.42 2.64 -6.76
N ASN A 60 -7.33 3.37 -6.55
CA ASN A 60 -6.56 3.26 -5.33
C ASN A 60 -7.20 4.07 -4.20
N GLU A 61 -7.42 3.41 -3.06
CA GLU A 61 -8.02 4.07 -1.91
C GLU A 61 -7.12 3.95 -0.68
N ILE A 62 -6.90 5.08 -0.01
CA ILE A 62 -6.06 5.11 1.18
C ILE A 62 -6.73 5.88 2.30
N ASP A 63 -7.36 5.15 3.22
CA ASP A 63 -8.04 5.78 4.35
C ASP A 63 -7.05 6.10 5.46
N ALA A 64 -7.56 6.60 6.58
CA ALA A 64 -6.73 6.96 7.73
C ALA A 64 -7.48 6.77 9.04
N GLN A 65 -7.87 5.53 9.32
CA GLN A 65 -8.59 5.22 10.54
C GLN A 65 -7.88 5.77 11.76
N PRO A 66 -8.61 5.91 12.88
CA PRO A 66 -8.06 6.43 14.13
C PRO A 66 -7.07 5.46 14.78
N GLY A 67 -5.94 5.97 15.21
CA GLY A 67 -4.93 5.14 15.85
C GLY A 67 -3.81 4.75 14.90
N GLY A 68 -3.74 5.43 13.77
CA GLY A 68 -2.71 5.14 12.78
C GLY A 68 -3.01 3.90 11.99
N TYR A 69 -4.29 3.56 11.85
CA TYR A 69 -4.71 2.38 11.11
C TYR A 69 -4.85 2.70 9.61
N HIS A 70 -3.72 2.86 8.94
CA HIS A 70 -3.72 3.17 7.52
C HIS A 70 -4.30 2.01 6.71
N VAL A 71 -5.45 2.24 6.09
CA VAL A 71 -6.11 1.21 5.29
C VAL A 71 -5.95 1.49 3.80
N LEU A 72 -5.55 0.47 3.04
CA LEU A 72 -5.37 0.61 1.61
C LEU A 72 -6.30 -0.32 0.84
N THR A 73 -7.31 0.26 0.20
CA THR A 73 -8.27 -0.51 -0.57
C THR A 73 -7.98 -0.44 -2.06
N LEU A 74 -7.13 -1.34 -2.54
CA LEU A 74 -6.75 -1.37 -3.95
C LEU A 74 -7.89 -1.96 -4.79
N ARG A 75 -8.71 -1.08 -5.36
CA ARG A 75 -9.83 -1.50 -6.19
C ARG A 75 -9.37 -1.81 -7.61
N GLN A 76 -9.98 -2.82 -8.21
CA GLN A 76 -9.63 -3.22 -9.57
C GLN A 76 -8.17 -3.66 -9.65
N LEU A 77 -7.83 -4.68 -8.87
CA LEU A 77 -6.47 -5.21 -8.85
C LEU A 77 -6.20 -6.10 -10.06
N ALA A 78 -4.99 -6.62 -10.15
CA ALA A 78 -4.61 -7.50 -11.26
C ALA A 78 -3.71 -8.63 -10.78
N LEU A 79 -3.67 -9.71 -11.54
CA LEU A 79 -2.84 -10.87 -11.21
C LEU A 79 -1.37 -10.47 -11.11
N LYS A 80 -1.01 -9.39 -11.77
CA LYS A 80 0.37 -8.90 -11.76
C LYS A 80 0.68 -8.19 -10.44
N ASP A 81 -0.37 -7.79 -9.73
CA ASP A 81 -0.21 -7.10 -8.45
C ASP A 81 0.26 -8.08 -7.37
N SER A 82 0.00 -9.37 -7.59
CA SER A 82 0.39 -10.39 -6.63
C SER A 82 1.86 -10.26 -6.26
N GLY A 83 2.12 -9.74 -5.06
CA GLY A 83 3.50 -9.57 -4.61
C GLY A 83 3.58 -9.38 -3.11
N THR A 84 4.04 -8.20 -2.69
CA THR A 84 4.18 -7.89 -1.27
C THR A 84 4.14 -6.39 -1.03
N ILE A 85 3.12 -5.93 -0.32
CA ILE A 85 2.97 -4.51 -0.02
C ILE A 85 4.09 -4.03 0.89
N TYR A 86 4.93 -3.13 0.38
CA TYR A 86 6.04 -2.59 1.15
C TYR A 86 5.71 -1.20 1.67
N PHE A 87 4.96 -1.14 2.76
CA PHE A 87 4.57 0.13 3.36
C PHE A 87 5.80 0.93 3.78
N GLU A 88 5.69 2.25 3.75
CA GLU A 88 6.79 3.13 4.12
C GLU A 88 6.32 4.21 5.09
N ALA A 89 7.09 4.44 6.15
CA ALA A 89 6.76 5.45 7.14
C ALA A 89 7.97 5.81 7.99
N GLY A 90 8.62 6.92 7.64
CA GLY A 90 9.80 7.35 8.38
C GLY A 90 11.03 6.54 8.04
N ASP A 91 11.40 5.63 8.93
CA ASP A 91 12.57 4.79 8.71
C ASP A 91 12.20 3.31 8.75
N GLN A 92 10.92 3.03 8.98
CA GLN A 92 10.43 1.66 9.05
C GLN A 92 9.92 1.21 7.68
N ARG A 93 9.38 -0.01 7.64
CA ARG A 93 8.86 -0.57 6.40
C ARG A 93 8.17 -1.90 6.65
N ALA A 94 6.89 -1.98 6.34
CA ALA A 94 6.11 -3.20 6.53
C ALA A 94 6.24 -4.12 5.31
N SER A 95 5.64 -5.30 5.41
CA SER A 95 5.69 -6.28 4.34
C SER A 95 4.62 -7.35 4.52
N ALA A 96 3.56 -7.26 3.70
CA ALA A 96 2.46 -8.22 3.78
C ALA A 96 2.36 -9.03 2.48
N ALA A 97 2.04 -10.31 2.62
CA ALA A 97 1.91 -11.19 1.46
C ALA A 97 0.67 -10.83 0.65
N LEU A 98 0.86 -10.07 -0.42
CA LEU A 98 -0.24 -9.66 -1.28
C LEU A 98 -0.52 -10.71 -2.35
N ARG A 99 -1.44 -11.62 -2.04
CA ARG A 99 -1.80 -12.68 -2.98
C ARG A 99 -3.03 -12.29 -3.79
N VAL A 100 -3.02 -12.63 -5.08
CA VAL A 100 -4.13 -12.31 -5.96
C VAL A 100 -4.27 -13.36 -7.07
N THR A 101 -5.34 -14.14 -7.01
CA THR A 101 -5.59 -15.18 -8.00
C THR A 101 -6.57 -14.71 -9.06
N GLU A 102 -6.72 -15.51 -10.11
CA GLU A 102 -7.64 -15.16 -11.20
C GLU A 102 -9.03 -14.83 -10.66
N LYS A 103 -9.83 -14.16 -11.47
CA LYS A 103 -11.19 -13.79 -11.09
C LYS A 103 -12.20 -14.29 -12.10
N PRO A 104 -13.46 -14.44 -11.66
CA PRO A 104 -14.56 -14.91 -12.52
C PRO A 104 -14.95 -13.88 -13.57
N SER A 105 -14.01 -13.55 -14.45
CA SER A 105 -14.25 -12.58 -15.50
C SER A 105 -12.99 -12.34 -16.33
N VAL A 106 -13.02 -11.32 -17.18
CA VAL A 106 -11.88 -10.98 -18.02
C VAL A 106 -11.06 -9.86 -17.42
N PHE A 107 -9.77 -9.83 -17.76
CA PHE A 107 -8.87 -8.81 -17.25
C PHE A 107 -9.46 -7.41 -17.42
N SER A 108 -9.03 -6.48 -16.58
CA SER A 108 -9.53 -5.11 -16.63
C SER A 108 -8.40 -4.11 -16.39
N ARG A 109 -7.69 -4.30 -15.27
CA ARG A 109 -6.58 -3.42 -14.92
C ARG A 109 -5.61 -3.28 -16.07
N SER A 110 -5.14 -4.41 -16.59
CA SER A 110 -4.20 -4.42 -17.70
C SER A 110 -4.38 -5.67 -18.55
N GLY A 111 -4.33 -5.48 -19.87
CA GLY A 111 -4.49 -6.60 -20.78
C GLY A 111 -4.29 -6.20 -22.23
N PRO A 112 -4.44 -7.18 -23.15
CA PRO A 112 -4.29 -6.94 -24.58
C PRO A 112 -5.41 -6.08 -25.16
N SER A 113 -6.54 -6.07 -24.47
CA SER A 113 -7.70 -5.28 -24.92
C SER A 113 -7.36 -3.80 -24.99
N SER A 114 -7.59 -3.20 -26.15
CA SER A 114 -7.31 -1.79 -26.35
C SER A 114 -8.50 -0.93 -25.95
N GLY A 115 -9.69 -1.51 -26.04
CA GLY A 115 -10.90 -0.78 -25.67
C GLY A 115 -11.66 -0.30 -26.89
N GLY A 1 8.63 24.99 -10.33
CA GLY A 1 8.60 23.56 -10.60
C GLY A 1 9.79 22.84 -9.99
N SER A 2 10.03 23.07 -8.71
CA SER A 2 11.14 22.44 -8.01
C SER A 2 10.65 21.24 -7.20
N SER A 3 11.44 20.16 -7.22
CA SER A 3 11.09 18.95 -6.48
C SER A 3 12.10 18.66 -5.39
N GLY A 4 13.38 18.69 -5.75
CA GLY A 4 14.44 18.44 -4.79
C GLY A 4 14.83 16.98 -4.73
N SER A 5 15.71 16.63 -3.80
CA SER A 5 16.18 15.27 -3.65
C SER A 5 15.86 14.73 -2.25
N SER A 6 15.57 13.44 -2.17
CA SER A 6 15.25 12.81 -0.89
C SER A 6 16.35 13.05 0.13
N GLY A 7 17.49 12.39 -0.06
CA GLY A 7 18.61 12.54 0.86
C GLY A 7 18.47 11.66 2.09
N LEU A 8 19.45 11.74 2.97
CA LEU A 8 19.45 10.94 4.19
C LEU A 8 19.03 11.79 5.40
N VAL A 9 17.95 12.54 5.23
CA VAL A 9 17.43 13.40 6.29
C VAL A 9 17.09 12.57 7.53
N GLN A 10 16.65 13.25 8.58
CA GLN A 10 16.29 12.59 9.83
C GLN A 10 15.46 13.51 10.71
N GLY A 11 14.37 12.98 11.25
CA GLY A 11 13.49 13.77 12.11
C GLY A 11 12.52 12.90 12.90
N ARG A 12 11.25 12.97 12.53
CA ARG A 12 10.23 12.20 13.22
C ARG A 12 10.60 10.72 13.27
N ARG A 13 10.11 10.02 14.28
CA ARG A 13 10.40 8.59 14.45
C ARG A 13 9.13 7.76 14.28
N VAL A 14 9.26 6.61 13.62
CA VAL A 14 8.13 5.73 13.40
C VAL A 14 8.38 4.35 13.99
N HIS A 15 7.35 3.77 14.59
CA HIS A 15 7.45 2.45 15.21
C HIS A 15 6.31 1.55 14.76
N ILE A 16 6.61 0.57 13.93
CA ILE A 16 5.61 -0.37 13.44
C ILE A 16 4.90 -1.07 14.59
N ILE A 17 3.72 -0.57 14.95
CA ILE A 17 2.95 -1.16 16.02
C ILE A 17 2.35 -2.51 15.62
N GLU A 18 1.49 -2.48 14.60
CA GLU A 18 0.87 -3.70 14.11
C GLU A 18 1.08 -3.86 12.61
N ASP A 19 2.24 -4.39 12.23
CA ASP A 19 2.58 -4.60 10.83
C ASP A 19 1.47 -5.37 10.12
N LEU A 20 1.41 -5.22 8.80
CA LEU A 20 0.39 -5.91 8.00
C LEU A 20 0.41 -7.41 8.27
N GLU A 21 -0.57 -8.12 7.72
CA GLU A 21 -0.67 -9.55 7.90
C GLU A 21 -0.56 -10.28 6.56
N ASP A 22 -1.63 -10.22 5.78
CA ASP A 22 -1.66 -10.88 4.48
C ASP A 22 -3.00 -10.65 3.79
N VAL A 23 -3.04 -10.90 2.48
CA VAL A 23 -4.26 -10.72 1.70
C VAL A 23 -4.32 -11.70 0.54
N ASP A 24 -5.52 -12.15 0.21
CA ASP A 24 -5.71 -13.08 -0.89
C ASP A 24 -7.15 -13.03 -1.40
N VAL A 25 -7.32 -12.45 -2.58
CA VAL A 25 -8.65 -12.33 -3.19
C VAL A 25 -8.56 -12.33 -4.71
N GLN A 26 -9.71 -12.51 -5.36
CA GLN A 26 -9.75 -12.53 -6.82
C GLN A 26 -9.26 -11.21 -7.40
N GLU A 27 -8.53 -11.29 -8.51
CA GLU A 27 -7.99 -10.10 -9.16
C GLU A 27 -9.11 -9.17 -9.59
N GLY A 28 -8.86 -7.87 -9.52
CA GLY A 28 -9.85 -6.88 -9.90
C GLY A 28 -10.68 -6.41 -8.72
N SER A 29 -10.63 -7.15 -7.62
CA SER A 29 -11.38 -6.82 -6.42
C SER A 29 -10.61 -5.82 -5.57
N SER A 30 -11.13 -5.55 -4.37
CA SER A 30 -10.49 -4.61 -3.45
C SER A 30 -9.81 -5.34 -2.31
N ALA A 31 -8.48 -5.30 -2.30
CA ALA A 31 -7.70 -5.97 -1.26
C ALA A 31 -7.34 -5.00 -0.14
N THR A 32 -7.95 -5.20 1.03
CA THR A 32 -7.70 -4.34 2.18
C THR A 32 -6.35 -4.66 2.83
N PHE A 33 -5.62 -3.63 3.21
CA PHE A 33 -4.31 -3.80 3.83
C PHE A 33 -4.16 -2.90 5.05
N ARG A 34 -4.57 -3.40 6.21
CA ARG A 34 -4.50 -2.64 7.45
C ARG A 34 -3.08 -2.70 8.04
N CYS A 35 -2.73 -1.69 8.81
CA CYS A 35 -1.40 -1.62 9.43
C CYS A 35 -1.34 -0.48 10.45
N ARG A 36 -0.94 -0.82 11.67
CA ARG A 36 -0.83 0.17 12.73
C ARG A 36 0.60 0.67 12.88
N ILE A 37 0.81 1.95 12.57
CA ILE A 37 2.14 2.55 12.67
C ILE A 37 2.09 3.85 13.45
N SER A 38 3.02 4.00 14.39
CA SER A 38 3.10 5.22 15.21
C SER A 38 4.03 6.24 14.58
N PRO A 39 3.77 7.52 14.86
CA PRO A 39 2.65 7.93 15.71
C PRO A 39 1.30 7.71 15.04
N ALA A 40 0.23 7.89 15.81
CA ALA A 40 -1.12 7.70 15.29
C ALA A 40 -1.53 8.86 14.40
N ASN A 41 -0.68 9.87 14.31
CA ASN A 41 -0.95 11.05 13.49
C ASN A 41 0.15 11.26 12.46
N TYR A 42 0.70 10.16 11.95
CA TYR A 42 1.77 10.24 10.96
C TYR A 42 1.19 10.28 9.55
N GLU A 43 1.70 11.21 8.74
CA GLU A 43 1.24 11.37 7.36
C GLU A 43 1.98 12.51 6.67
N PRO A 44 1.97 12.49 5.33
CA PRO A 44 1.29 11.44 4.55
C PRO A 44 2.01 10.10 4.67
N VAL A 45 1.42 9.07 4.06
CA VAL A 45 2.00 7.73 4.09
C VAL A 45 2.28 7.22 2.68
N HIS A 46 3.33 6.42 2.54
CA HIS A 46 3.71 5.87 1.25
C HIS A 46 3.37 4.39 1.17
N TRP A 47 3.02 3.93 -0.02
CA TRP A 47 2.66 2.53 -0.23
C TRP A 47 3.25 2.01 -1.55
N PHE A 48 3.87 0.84 -1.49
CA PHE A 48 4.47 0.23 -2.67
C PHE A 48 4.05 -1.23 -2.80
N LEU A 49 4.22 -1.78 -4.00
CA LEU A 49 3.85 -3.16 -4.26
C LEU A 49 4.90 -3.84 -5.14
N ASP A 50 5.73 -4.68 -4.53
CA ASP A 50 6.77 -5.40 -5.27
C ASP A 50 7.84 -4.43 -5.77
N LYS A 51 7.54 -3.73 -6.86
CA LYS A 51 8.47 -2.76 -7.44
C LYS A 51 7.72 -1.65 -8.15
N THR A 52 6.64 -1.19 -7.54
CA THR A 52 5.84 -0.11 -8.12
C THR A 52 5.13 0.69 -7.03
N PRO A 53 5.22 2.03 -7.13
CA PRO A 53 4.60 2.93 -6.17
C PRO A 53 3.08 2.94 -6.27
N LEU A 54 2.41 3.30 -5.18
CA LEU A 54 0.96 3.34 -5.15
C LEU A 54 0.46 4.65 -4.55
N HIS A 55 -0.46 5.30 -5.24
CA HIS A 55 -1.01 6.57 -4.77
C HIS A 55 -2.54 6.57 -4.88
N ALA A 56 -3.20 7.21 -3.93
CA ALA A 56 -4.66 7.28 -3.92
C ALA A 56 -5.18 7.81 -5.24
N ASN A 57 -6.19 7.13 -5.79
CA ASN A 57 -6.79 7.53 -7.06
C ASN A 57 -8.20 7.00 -7.19
N GLU A 58 -8.77 7.12 -8.38
CA GLU A 58 -10.13 6.64 -8.64
C GLU A 58 -10.28 5.17 -8.22
N LEU A 59 -9.17 4.44 -8.29
CA LEU A 59 -9.18 3.03 -7.92
C LEU A 59 -8.45 2.80 -6.60
N ASN A 60 -7.32 3.46 -6.44
CA ASN A 60 -6.53 3.34 -5.22
C ASN A 60 -7.17 4.12 -4.07
N GLU A 61 -7.32 3.46 -2.93
CA GLU A 61 -7.93 4.08 -1.76
C GLU A 61 -7.02 3.96 -0.54
N ILE A 62 -6.79 5.06 0.14
CA ILE A 62 -5.93 5.07 1.33
C ILE A 62 -6.59 5.84 2.47
N ASP A 63 -7.34 5.13 3.30
CA ASP A 63 -8.02 5.75 4.44
C ASP A 63 -7.04 6.03 5.56
N ALA A 64 -7.52 6.70 6.60
CA ALA A 64 -6.69 7.03 7.75
C ALA A 64 -7.49 6.95 9.05
N GLN A 65 -7.99 5.75 9.36
CA GLN A 65 -8.77 5.54 10.58
C GLN A 65 -8.03 6.08 11.80
N PRO A 66 -8.77 6.36 12.88
CA PRO A 66 -8.21 6.87 14.12
C PRO A 66 -7.38 5.83 14.85
N GLY A 67 -6.40 6.29 15.63
CA GLY A 67 -5.55 5.39 16.37
C GLY A 67 -4.37 4.91 15.55
N GLY A 68 -4.08 5.60 14.46
CA GLY A 68 -2.97 5.21 13.60
C GLY A 68 -3.27 3.98 12.78
N TYR A 69 -4.45 3.95 12.17
CA TYR A 69 -4.87 2.82 11.35
C TYR A 69 -4.89 3.20 9.88
N HIS A 70 -3.80 2.87 9.17
CA HIS A 70 -3.69 3.18 7.74
C HIS A 70 -4.18 2.01 6.90
N VAL A 71 -5.31 2.20 6.22
CA VAL A 71 -5.88 1.16 5.37
C VAL A 71 -5.69 1.49 3.89
N LEU A 72 -5.43 0.45 3.10
CA LEU A 72 -5.23 0.63 1.66
C LEU A 72 -6.13 -0.31 0.88
N THR A 73 -7.18 0.25 0.27
CA THR A 73 -8.11 -0.55 -0.52
C THR A 73 -7.77 -0.47 -2.01
N LEU A 74 -6.87 -1.35 -2.45
CA LEU A 74 -6.46 -1.38 -3.85
C LEU A 74 -7.56 -1.98 -4.73
N ARG A 75 -8.45 -1.12 -5.21
CA ARG A 75 -9.55 -1.56 -6.06
C ARG A 75 -9.06 -1.81 -7.49
N GLN A 76 -9.76 -2.70 -8.20
CA GLN A 76 -9.40 -3.03 -9.57
C GLN A 76 -7.97 -3.55 -9.65
N LEU A 77 -7.73 -4.72 -9.07
CA LEU A 77 -6.42 -5.33 -9.07
C LEU A 77 -6.24 -6.25 -10.27
N ALA A 78 -5.07 -6.86 -10.38
CA ALA A 78 -4.78 -7.77 -11.48
C ALA A 78 -3.83 -8.89 -11.04
N LEU A 79 -3.80 -9.96 -11.82
CA LEU A 79 -2.94 -11.10 -11.51
C LEU A 79 -1.47 -10.69 -11.55
N LYS A 80 -1.19 -9.55 -12.17
CA LYS A 80 0.17 -9.04 -12.28
C LYS A 80 0.50 -8.10 -11.13
N ASP A 81 -0.34 -8.13 -10.09
CA ASP A 81 -0.14 -7.29 -8.92
C ASP A 81 0.29 -8.12 -7.72
N SER A 82 -0.07 -9.41 -7.74
CA SER A 82 0.27 -10.31 -6.65
C SER A 82 1.76 -10.24 -6.33
N GLY A 83 2.09 -9.71 -5.15
CA GLY A 83 3.47 -9.60 -4.74
C GLY A 83 3.63 -9.41 -3.25
N THR A 84 3.98 -8.18 -2.85
CA THR A 84 4.17 -7.88 -1.43
C THR A 84 4.11 -6.37 -1.19
N ILE A 85 3.12 -5.94 -0.42
CA ILE A 85 2.95 -4.52 -0.12
C ILE A 85 4.08 -4.02 0.78
N TYR A 86 4.84 -3.06 0.29
CA TYR A 86 5.94 -2.49 1.06
C TYR A 86 5.59 -1.10 1.58
N PHE A 87 5.05 -1.05 2.79
CA PHE A 87 4.66 0.21 3.41
C PHE A 87 5.89 1.00 3.83
N GLU A 88 5.77 2.33 3.80
CA GLU A 88 6.88 3.20 4.18
C GLU A 88 6.39 4.32 5.10
N ALA A 89 7.12 4.54 6.19
CA ALA A 89 6.78 5.59 7.14
C ALA A 89 7.95 5.89 8.07
N GLY A 90 8.69 6.95 7.76
CA GLY A 90 9.82 7.34 8.57
C GLY A 90 11.05 6.48 8.29
N ASP A 91 11.44 5.68 9.28
CA ASP A 91 12.60 4.82 9.14
C ASP A 91 12.20 3.35 9.22
N GLN A 92 10.91 3.09 9.08
CA GLN A 92 10.39 1.73 9.14
C GLN A 92 9.89 1.27 7.77
N ARG A 93 9.41 0.03 7.72
CA ARG A 93 8.90 -0.53 6.46
C ARG A 93 8.19 -1.85 6.71
N ALA A 94 6.92 -1.91 6.36
CA ALA A 94 6.13 -3.13 6.53
C ALA A 94 6.21 -4.02 5.30
N SER A 95 5.73 -5.25 5.43
CA SER A 95 5.74 -6.20 4.32
C SER A 95 4.65 -7.25 4.49
N ALA A 96 3.63 -7.19 3.64
CA ALA A 96 2.52 -8.14 3.69
C ALA A 96 2.46 -8.98 2.43
N ALA A 97 1.95 -10.20 2.56
CA ALA A 97 1.83 -11.11 1.43
C ALA A 97 0.57 -10.80 0.61
N LEU A 98 0.75 -10.05 -0.48
CA LEU A 98 -0.36 -9.69 -1.35
C LEU A 98 -0.61 -10.77 -2.40
N ARG A 99 -1.61 -11.61 -2.15
CA ARG A 99 -1.94 -12.69 -3.08
C ARG A 99 -3.16 -12.32 -3.92
N VAL A 100 -3.17 -12.74 -5.17
CA VAL A 100 -4.28 -12.46 -6.08
C VAL A 100 -4.43 -13.57 -7.12
N THR A 101 -5.54 -14.30 -7.04
CA THR A 101 -5.80 -15.39 -7.97
C THR A 101 -6.72 -14.93 -9.10
N GLU A 102 -6.62 -15.59 -10.24
CA GLU A 102 -7.44 -15.25 -11.41
C GLU A 102 -8.92 -15.18 -11.03
N LYS A 103 -9.62 -14.21 -11.60
CA LYS A 103 -11.04 -14.04 -11.32
C LYS A 103 -11.89 -14.39 -12.55
N PRO A 104 -13.18 -14.67 -12.32
CA PRO A 104 -14.11 -15.02 -13.40
C PRO A 104 -14.42 -13.83 -14.30
N SER A 105 -14.77 -12.70 -13.69
CA SER A 105 -15.09 -11.50 -14.44
C SER A 105 -14.96 -10.26 -13.57
N VAL A 106 -14.21 -9.27 -14.05
CA VAL A 106 -14.00 -8.03 -13.30
C VAL A 106 -13.53 -6.92 -14.23
N PHE A 107 -13.79 -5.67 -13.82
CA PHE A 107 -13.39 -4.51 -14.61
C PHE A 107 -11.92 -4.17 -14.38
N SER A 108 -11.04 -4.96 -14.98
CA SER A 108 -9.60 -4.75 -14.83
C SER A 108 -9.23 -3.30 -15.16
N ARG A 109 -8.11 -2.86 -14.62
CA ARG A 109 -7.64 -1.49 -14.84
C ARG A 109 -7.53 -1.19 -16.34
N SER A 110 -6.77 -2.02 -17.04
CA SER A 110 -6.58 -1.85 -18.48
C SER A 110 -5.97 -0.49 -18.78
N GLY A 111 -4.97 -0.10 -17.99
CA GLY A 111 -4.31 1.17 -18.19
C GLY A 111 -3.02 1.27 -17.40
N PRO A 112 -2.30 2.40 -17.59
CA PRO A 112 -1.04 2.66 -16.90
C PRO A 112 -1.22 2.90 -15.40
N SER A 113 -0.12 3.17 -14.72
CA SER A 113 -0.16 3.42 -13.28
C SER A 113 -0.98 4.66 -12.96
N SER A 114 -0.93 5.64 -13.87
CA SER A 114 -1.65 6.90 -13.69
C SER A 114 -1.87 7.59 -15.03
N GLY A 115 -3.00 8.28 -15.15
CA GLY A 115 -3.30 8.99 -16.38
C GLY A 115 -3.13 10.49 -16.25
N GLY A 1 11.68 16.64 -16.25
CA GLY A 1 11.62 15.39 -15.51
C GLY A 1 12.76 15.24 -14.51
N SER A 2 12.43 14.79 -13.31
CA SER A 2 13.43 14.60 -12.26
C SER A 2 12.82 13.93 -11.04
N SER A 3 13.45 12.86 -10.57
CA SER A 3 12.97 12.14 -9.40
C SER A 3 13.87 12.39 -8.20
N GLY A 4 13.35 12.10 -7.00
CA GLY A 4 14.11 12.30 -5.79
C GLY A 4 13.23 12.54 -4.58
N SER A 5 13.63 11.99 -3.44
CA SER A 5 12.86 12.14 -2.21
C SER A 5 13.49 13.21 -1.31
N SER A 6 14.77 13.05 -1.02
CA SER A 6 15.49 13.99 -0.17
C SER A 6 14.76 14.18 1.16
N GLY A 7 14.29 13.07 1.73
CA GLY A 7 13.59 13.13 3.01
C GLY A 7 14.49 12.83 4.18
N LEU A 8 15.11 13.87 4.74
CA LEU A 8 16.01 13.71 5.88
C LEU A 8 15.50 14.49 7.08
N VAL A 9 14.47 13.96 7.74
CA VAL A 9 13.89 14.61 8.91
C VAL A 9 14.58 14.13 10.19
N GLN A 10 14.94 12.86 10.22
CA GLN A 10 15.60 12.28 11.38
C GLN A 10 14.99 12.82 12.68
N GLY A 11 13.67 12.93 12.71
CA GLY A 11 12.99 13.44 13.88
C GLY A 11 11.90 12.50 14.36
N ARG A 12 10.70 12.66 13.79
CA ARG A 12 9.56 11.82 14.17
C ARG A 12 9.79 10.37 13.75
N ARG A 13 10.36 9.59 14.66
CA ARG A 13 10.63 8.18 14.38
C ARG A 13 9.34 7.37 14.34
N VAL A 14 9.23 6.48 13.36
CA VAL A 14 8.05 5.64 13.21
C VAL A 14 8.27 4.26 13.83
N HIS A 15 7.26 3.78 14.54
CA HIS A 15 7.34 2.46 15.18
C HIS A 15 6.20 1.56 14.71
N ILE A 16 6.55 0.54 13.93
CA ILE A 16 5.56 -0.40 13.42
C ILE A 16 4.84 -1.12 14.55
N ILE A 17 3.69 -0.60 14.94
CA ILE A 17 2.90 -1.19 16.02
C ILE A 17 2.29 -2.52 15.58
N GLU A 18 1.40 -2.46 14.59
CA GLU A 18 0.75 -3.67 14.08
C GLU A 18 0.97 -3.81 12.57
N ASP A 19 2.15 -4.32 12.21
CA ASP A 19 2.49 -4.52 10.81
C ASP A 19 1.39 -5.30 10.09
N LEU A 20 1.34 -5.14 8.76
CA LEU A 20 0.34 -5.83 7.97
C LEU A 20 0.35 -7.33 8.24
N GLU A 21 -0.64 -8.03 7.70
CA GLU A 21 -0.75 -9.47 7.89
C GLU A 21 -0.62 -10.21 6.56
N ASP A 22 -1.69 -10.17 5.77
CA ASP A 22 -1.71 -10.83 4.47
C ASP A 22 -3.05 -10.63 3.78
N VAL A 23 -3.08 -10.89 2.47
CA VAL A 23 -4.31 -10.74 1.70
C VAL A 23 -4.34 -11.73 0.53
N ASP A 24 -5.54 -12.21 0.20
CA ASP A 24 -5.70 -13.16 -0.89
C ASP A 24 -7.12 -13.10 -1.45
N VAL A 25 -7.26 -12.45 -2.62
CA VAL A 25 -8.56 -12.33 -3.26
C VAL A 25 -8.42 -12.27 -4.78
N GLN A 26 -9.52 -12.52 -5.48
CA GLN A 26 -9.52 -12.50 -6.94
C GLN A 26 -9.15 -11.11 -7.45
N GLU A 27 -8.28 -11.07 -8.46
CA GLU A 27 -7.83 -9.82 -9.05
C GLU A 27 -9.04 -8.96 -9.44
N GLY A 28 -8.85 -7.64 -9.43
CA GLY A 28 -9.93 -6.74 -9.79
C GLY A 28 -10.71 -6.27 -8.58
N SER A 29 -10.62 -7.01 -7.49
CA SER A 29 -11.34 -6.66 -6.27
C SER A 29 -10.56 -5.64 -5.45
N SER A 30 -11.07 -5.32 -4.27
CA SER A 30 -10.43 -4.34 -3.39
C SER A 30 -9.80 -5.03 -2.18
N ALA A 31 -8.49 -5.21 -2.22
CA ALA A 31 -7.78 -5.86 -1.13
C ALA A 31 -7.43 -4.86 -0.03
N THR A 32 -7.92 -5.13 1.17
CA THR A 32 -7.67 -4.24 2.32
C THR A 32 -6.37 -4.62 3.02
N PHE A 33 -5.54 -3.61 3.29
CA PHE A 33 -4.27 -3.82 3.96
C PHE A 33 -4.15 -2.96 5.21
N ARG A 34 -4.67 -3.47 6.32
CA ARG A 34 -4.63 -2.74 7.59
C ARG A 34 -3.24 -2.83 8.23
N CYS A 35 -2.82 -1.76 8.88
CA CYS A 35 -1.52 -1.73 9.53
C CYS A 35 -1.43 -0.55 10.49
N ARG A 36 -1.04 -0.83 11.73
CA ARG A 36 -0.91 0.21 12.75
C ARG A 36 0.53 0.68 12.86
N ILE A 37 0.73 1.98 12.64
CA ILE A 37 2.08 2.56 12.70
C ILE A 37 2.06 3.87 13.49
N SER A 38 3.00 4.01 14.42
CA SER A 38 3.09 5.21 15.25
C SER A 38 4.02 6.24 14.59
N PRO A 39 3.76 7.52 14.88
CA PRO A 39 2.65 7.93 15.74
C PRO A 39 1.29 7.70 15.10
N ALA A 40 0.23 7.98 15.86
CA ALA A 40 -1.13 7.79 15.37
C ALA A 40 -1.56 8.96 14.49
N ASN A 41 -0.65 9.92 14.30
CA ASN A 41 -0.93 11.09 13.49
C ASN A 41 0.15 11.30 12.43
N TYR A 42 0.70 10.19 11.94
CA TYR A 42 1.75 10.24 10.93
C TYR A 42 1.16 10.28 9.53
N GLU A 43 1.63 11.20 8.70
CA GLU A 43 1.15 11.33 7.33
C GLU A 43 1.85 12.48 6.61
N PRO A 44 1.81 12.44 5.28
CA PRO A 44 1.15 11.37 4.53
C PRO A 44 1.88 10.04 4.64
N VAL A 45 1.30 8.99 4.05
CA VAL A 45 1.90 7.67 4.09
C VAL A 45 2.21 7.17 2.69
N HIS A 46 3.27 6.37 2.56
CA HIS A 46 3.68 5.83 1.28
C HIS A 46 3.37 4.33 1.19
N TRP A 47 2.97 3.88 0.01
CA TRP A 47 2.65 2.47 -0.19
C TRP A 47 3.24 1.96 -1.50
N PHE A 48 3.94 0.83 -1.43
CA PHE A 48 4.56 0.24 -2.61
C PHE A 48 4.16 -1.22 -2.76
N LEU A 49 4.29 -1.75 -3.97
CA LEU A 49 3.94 -3.13 -4.26
C LEU A 49 5.02 -3.80 -5.09
N ASP A 50 5.84 -4.63 -4.44
CA ASP A 50 6.91 -5.34 -5.12
C ASP A 50 7.95 -4.36 -5.67
N LYS A 51 7.67 -3.79 -6.83
CA LYS A 51 8.58 -2.84 -7.46
C LYS A 51 7.81 -1.72 -8.15
N THR A 52 6.71 -1.30 -7.54
CA THR A 52 5.87 -0.23 -8.10
C THR A 52 5.18 0.55 -6.99
N PRO A 53 5.24 1.89 -7.08
CA PRO A 53 4.63 2.78 -6.10
C PRO A 53 3.10 2.76 -6.17
N LEU A 54 2.46 3.31 -5.15
CA LEU A 54 1.00 3.35 -5.11
C LEU A 54 0.51 4.68 -4.53
N HIS A 55 -0.45 5.30 -5.20
CA HIS A 55 -1.00 6.58 -4.76
C HIS A 55 -2.52 6.57 -4.85
N ALA A 56 -3.17 7.26 -3.91
CA ALA A 56 -4.61 7.33 -3.88
C ALA A 56 -5.17 7.82 -5.22
N ASN A 57 -6.16 7.11 -5.74
CA ASN A 57 -6.77 7.47 -7.02
C ASN A 57 -8.19 6.93 -7.11
N GLU A 58 -8.81 7.10 -8.28
CA GLU A 58 -10.17 6.62 -8.50
C GLU A 58 -10.30 5.15 -8.13
N LEU A 59 -9.19 4.42 -8.23
CA LEU A 59 -9.19 3.00 -7.90
C LEU A 59 -8.44 2.74 -6.60
N ASN A 60 -7.36 3.48 -6.38
CA ASN A 60 -6.56 3.34 -5.18
C ASN A 60 -7.18 4.12 -4.01
N GLU A 61 -7.38 3.43 -2.89
CA GLU A 61 -7.96 4.06 -1.72
C GLU A 61 -7.04 3.93 -0.50
N ILE A 62 -6.80 5.04 0.19
CA ILE A 62 -5.95 5.05 1.36
C ILE A 62 -6.60 5.79 2.52
N ASP A 63 -7.33 5.06 3.35
CA ASP A 63 -8.01 5.65 4.50
C ASP A 63 -7.02 5.91 5.63
N ALA A 64 -7.53 6.41 6.75
CA ALA A 64 -6.69 6.70 7.91
C ALA A 64 -7.47 6.49 9.21
N GLN A 65 -7.82 5.25 9.49
CA GLN A 65 -8.57 4.91 10.70
C GLN A 65 -7.88 5.48 11.93
N PRO A 66 -8.63 5.60 13.03
CA PRO A 66 -8.11 6.13 14.30
C PRO A 66 -7.12 5.17 14.96
N GLY A 67 -6.02 5.72 15.46
CA GLY A 67 -5.01 4.90 16.11
C GLY A 67 -3.86 4.54 15.18
N GLY A 68 -3.64 5.38 14.18
CA GLY A 68 -2.56 5.13 13.23
C GLY A 68 -2.83 3.92 12.36
N TYR A 69 -4.10 3.63 12.12
CA TYR A 69 -4.50 2.49 11.30
C TYR A 69 -4.70 2.91 9.85
N HIS A 70 -3.65 2.76 9.04
CA HIS A 70 -3.73 3.12 7.63
C HIS A 70 -4.25 1.95 6.79
N VAL A 71 -5.44 2.11 6.25
CA VAL A 71 -6.06 1.08 5.43
C VAL A 71 -5.90 1.38 3.95
N LEU A 72 -5.51 0.37 3.18
CA LEU A 72 -5.32 0.52 1.74
C LEU A 72 -6.26 -0.39 0.96
N THR A 73 -7.18 0.21 0.21
CA THR A 73 -8.14 -0.55 -0.58
C THR A 73 -7.81 -0.47 -2.07
N LEU A 74 -6.93 -1.36 -2.53
CA LEU A 74 -6.54 -1.38 -3.93
C LEU A 74 -7.65 -1.95 -4.80
N ARG A 75 -8.52 -1.07 -5.29
CA ARG A 75 -9.62 -1.50 -6.15
C ARG A 75 -9.15 -1.75 -7.57
N GLN A 76 -9.82 -2.67 -8.26
CA GLN A 76 -9.46 -3.02 -9.62
C GLN A 76 -8.01 -3.48 -9.72
N LEU A 77 -7.69 -4.55 -8.99
CA LEU A 77 -6.34 -5.09 -8.99
C LEU A 77 -6.13 -6.04 -10.16
N ALA A 78 -4.92 -6.59 -10.27
CA ALA A 78 -4.59 -7.52 -11.34
C ALA A 78 -3.71 -8.65 -10.84
N LEU A 79 -3.73 -9.77 -11.56
CA LEU A 79 -2.95 -10.95 -11.18
C LEU A 79 -1.47 -10.58 -11.06
N LYS A 80 -1.07 -9.53 -11.77
CA LYS A 80 0.33 -9.08 -11.75
C LYS A 80 0.64 -8.35 -10.45
N ASP A 81 -0.39 -7.77 -9.85
CA ASP A 81 -0.22 -7.03 -8.59
C ASP A 81 0.22 -7.97 -7.47
N SER A 82 -0.08 -9.26 -7.62
CA SER A 82 0.28 -10.25 -6.62
C SER A 82 1.77 -10.17 -6.29
N GLY A 83 2.08 -9.61 -5.13
CA GLY A 83 3.47 -9.48 -4.72
C GLY A 83 3.61 -9.33 -3.21
N THR A 84 4.02 -8.14 -2.78
CA THR A 84 4.20 -7.86 -1.36
C THR A 84 4.15 -6.37 -1.08
N ILE A 85 3.14 -5.93 -0.33
CA ILE A 85 2.99 -4.54 0.01
C ILE A 85 4.14 -4.05 0.88
N TYR A 86 4.90 -3.09 0.36
CA TYR A 86 6.04 -2.55 1.08
C TYR A 86 5.72 -1.16 1.62
N PHE A 87 4.98 -1.11 2.72
CA PHE A 87 4.60 0.15 3.35
C PHE A 87 5.82 0.96 3.72
N GLU A 88 5.68 2.29 3.74
CA GLU A 88 6.78 3.17 4.08
C GLU A 88 6.31 4.30 5.00
N ALA A 89 7.06 4.51 6.07
CA ALA A 89 6.72 5.56 7.04
C ALA A 89 7.89 5.84 7.98
N GLY A 90 8.58 6.95 7.72
CA GLY A 90 9.72 7.32 8.55
C GLY A 90 10.97 6.52 8.20
N ASP A 91 11.42 5.70 9.14
CA ASP A 91 12.61 4.88 8.94
C ASP A 91 12.27 3.39 9.04
N GLN A 92 11.01 3.06 8.77
CA GLN A 92 10.56 1.67 8.84
C GLN A 92 10.04 1.20 7.48
N ARG A 93 9.50 -0.01 7.44
CA ARG A 93 8.97 -0.58 6.21
C ARG A 93 8.28 -1.91 6.47
N ALA A 94 6.97 -1.94 6.28
CA ALA A 94 6.21 -3.17 6.49
C ALA A 94 6.31 -4.10 5.30
N SER A 95 5.75 -5.30 5.44
CA SER A 95 5.79 -6.30 4.37
C SER A 95 4.69 -7.34 4.55
N ALA A 96 3.70 -7.31 3.67
CA ALA A 96 2.59 -8.25 3.74
C ALA A 96 2.47 -9.05 2.43
N ALA A 97 2.13 -10.32 2.55
CA ALA A 97 1.98 -11.18 1.39
C ALA A 97 0.72 -10.84 0.61
N LEU A 98 0.87 -10.08 -0.47
CA LEU A 98 -0.25 -9.67 -1.30
C LEU A 98 -0.55 -10.72 -2.36
N ARG A 99 -1.48 -11.62 -2.07
CA ARG A 99 -1.85 -12.67 -3.01
C ARG A 99 -3.07 -12.27 -3.82
N VAL A 100 -3.06 -12.64 -5.10
CA VAL A 100 -4.17 -12.30 -5.99
C VAL A 100 -4.38 -13.40 -7.04
N THR A 101 -5.48 -14.12 -6.92
CA THR A 101 -5.80 -15.19 -7.87
C THR A 101 -6.72 -14.71 -8.97
N GLU A 102 -6.93 -15.55 -9.97
CA GLU A 102 -7.79 -15.21 -11.10
C GLU A 102 -9.19 -14.82 -10.61
N LYS A 103 -9.92 -14.10 -11.45
CA LYS A 103 -11.27 -13.66 -11.11
C LYS A 103 -12.28 -14.18 -12.13
N PRO A 104 -13.56 -14.26 -11.71
CA PRO A 104 -14.63 -14.74 -12.56
C PRO A 104 -14.98 -13.76 -13.68
N SER A 105 -14.78 -12.47 -13.41
CA SER A 105 -15.07 -11.43 -14.39
C SER A 105 -13.95 -11.34 -15.43
N VAL A 106 -13.96 -10.27 -16.21
CA VAL A 106 -12.96 -10.05 -17.24
C VAL A 106 -12.83 -8.58 -17.60
N PHE A 107 -11.84 -8.25 -18.42
CA PHE A 107 -11.62 -6.87 -18.85
C PHE A 107 -11.43 -5.96 -17.63
N SER A 108 -10.37 -6.22 -16.88
CA SER A 108 -10.07 -5.42 -15.69
C SER A 108 -8.70 -4.76 -15.81
N ARG A 109 -8.28 -4.08 -14.75
CA ARG A 109 -6.99 -3.40 -14.73
C ARG A 109 -5.88 -4.36 -15.12
N SER A 110 -5.20 -4.06 -16.23
CA SER A 110 -4.11 -4.88 -16.72
C SER A 110 -2.96 -4.04 -17.24
N GLY A 111 -1.78 -4.63 -17.34
CA GLY A 111 -0.63 -3.91 -17.83
C GLY A 111 0.36 -4.81 -18.55
N PRO A 112 1.31 -4.19 -19.27
CA PRO A 112 2.33 -4.94 -20.03
C PRO A 112 3.33 -5.63 -19.12
N SER A 113 3.73 -4.95 -18.05
CA SER A 113 4.69 -5.50 -17.10
C SER A 113 4.24 -6.86 -16.61
N SER A 114 5.19 -7.67 -16.16
CA SER A 114 4.90 -9.01 -15.65
C SER A 114 5.62 -9.27 -14.34
N GLY A 115 5.17 -8.62 -13.28
CA GLY A 115 5.79 -8.79 -11.98
C GLY A 115 7.02 -7.92 -11.80
N GLY A 1 20.03 9.04 -8.67
CA GLY A 1 19.91 8.60 -7.30
C GLY A 1 20.68 7.32 -7.03
N SER A 2 20.25 6.57 -6.01
CA SER A 2 20.92 5.33 -5.65
C SER A 2 22.43 5.51 -5.60
N SER A 3 22.87 6.66 -5.09
CA SER A 3 24.30 6.96 -4.99
C SER A 3 24.78 6.84 -3.56
N GLY A 4 24.13 5.98 -2.79
CA GLY A 4 24.51 5.78 -1.40
C GLY A 4 23.96 6.86 -0.49
N SER A 5 24.06 6.65 0.82
CA SER A 5 23.56 7.62 1.79
C SER A 5 24.04 7.27 3.19
N SER A 6 24.44 8.28 3.95
CA SER A 6 24.91 8.09 5.31
C SER A 6 24.56 9.27 6.20
N GLY A 7 23.82 9.00 7.27
CA GLY A 7 23.42 10.06 8.17
C GLY A 7 22.02 9.86 8.73
N LEU A 8 21.91 9.78 10.05
CA LEU A 8 20.63 9.58 10.69
C LEU A 8 20.30 10.73 11.64
N VAL A 9 19.02 10.92 11.93
CA VAL A 9 18.58 12.00 12.82
C VAL A 9 17.38 11.56 13.65
N GLN A 10 17.50 11.69 14.96
CA GLN A 10 16.42 11.32 15.88
C GLN A 10 15.20 12.20 15.67
N GLY A 11 14.19 12.02 16.52
CA GLY A 11 12.98 12.80 16.41
C GLY A 11 11.73 11.94 16.40
N ARG A 12 10.77 12.31 15.56
CA ARG A 12 9.52 11.56 15.47
C ARG A 12 9.71 10.26 14.69
N ARG A 13 10.48 9.34 15.26
CA ARG A 13 10.75 8.06 14.63
C ARG A 13 9.49 7.20 14.57
N VAL A 14 9.26 6.55 13.45
CA VAL A 14 8.10 5.69 13.27
C VAL A 14 8.34 4.30 13.86
N HIS A 15 7.33 3.77 14.55
CA HIS A 15 7.43 2.45 15.16
C HIS A 15 6.28 1.55 14.72
N ILE A 16 6.60 0.55 13.90
CA ILE A 16 5.58 -0.38 13.42
C ILE A 16 4.87 -1.08 14.57
N ILE A 17 3.71 -0.57 14.93
CA ILE A 17 2.93 -1.14 16.02
C ILE A 17 2.33 -2.49 15.61
N GLU A 18 1.48 -2.49 14.60
CA GLU A 18 0.86 -3.70 14.11
C GLU A 18 1.05 -3.86 12.60
N ASP A 19 2.21 -4.41 12.22
CA ASP A 19 2.52 -4.61 10.82
C ASP A 19 1.40 -5.37 10.11
N LEU A 20 1.36 -5.25 8.79
CA LEU A 20 0.33 -5.92 7.99
C LEU A 20 0.33 -7.42 8.27
N GLU A 21 -0.60 -8.14 7.64
CA GLU A 21 -0.71 -9.58 7.82
C GLU A 21 -0.60 -10.30 6.48
N ASP A 22 -1.67 -10.25 5.71
CA ASP A 22 -1.70 -10.89 4.39
C ASP A 22 -3.06 -10.71 3.72
N VAL A 23 -3.11 -10.94 2.42
CA VAL A 23 -4.34 -10.79 1.66
C VAL A 23 -4.37 -11.74 0.47
N ASP A 24 -5.55 -12.25 0.15
CA ASP A 24 -5.71 -13.17 -0.97
C ASP A 24 -7.14 -13.11 -1.52
N VAL A 25 -7.29 -12.50 -2.69
CA VAL A 25 -8.60 -12.37 -3.33
C VAL A 25 -8.47 -12.36 -4.84
N GLN A 26 -9.58 -12.62 -5.53
CA GLN A 26 -9.59 -12.63 -6.99
C GLN A 26 -9.17 -11.28 -7.55
N GLU A 27 -8.38 -11.31 -8.62
CA GLU A 27 -7.92 -10.09 -9.25
C GLU A 27 -9.09 -9.21 -9.69
N GLY A 28 -8.89 -7.89 -9.64
CA GLY A 28 -9.93 -6.97 -10.03
C GLY A 28 -10.73 -6.46 -8.85
N SER A 29 -10.69 -7.21 -7.74
CA SER A 29 -11.41 -6.81 -6.53
C SER A 29 -10.61 -5.82 -5.71
N SER A 30 -11.14 -5.45 -4.55
CA SER A 30 -10.47 -4.50 -3.67
C SER A 30 -9.87 -5.21 -2.47
N ALA A 31 -8.54 -5.19 -2.37
CA ALA A 31 -7.85 -5.82 -1.25
C ALA A 31 -7.56 -4.82 -0.15
N THR A 32 -7.89 -5.19 1.09
CA THR A 32 -7.66 -4.32 2.24
C THR A 32 -6.33 -4.64 2.90
N PHE A 33 -5.60 -3.59 3.29
CA PHE A 33 -4.31 -3.77 3.94
C PHE A 33 -4.17 -2.82 5.14
N ARG A 34 -4.53 -3.32 6.32
CA ARG A 34 -4.45 -2.51 7.53
C ARG A 34 -3.07 -2.64 8.18
N CYS A 35 -2.62 -1.57 8.83
CA CYS A 35 -1.33 -1.56 9.48
C CYS A 35 -1.23 -0.42 10.50
N ARG A 36 -0.96 -0.78 11.76
CA ARG A 36 -0.85 0.21 12.82
C ARG A 36 0.59 0.72 12.95
N ILE A 37 0.79 1.97 12.59
CA ILE A 37 2.12 2.58 12.67
C ILE A 37 2.08 3.89 13.45
N SER A 38 3.01 4.05 14.38
CA SER A 38 3.09 5.25 15.20
C SER A 38 4.03 6.27 14.58
N PRO A 39 3.77 7.56 14.85
CA PRO A 39 2.64 7.97 15.68
C PRO A 39 1.30 7.73 15.01
N ALA A 40 0.21 7.94 15.75
CA ALA A 40 -1.13 7.75 15.23
C ALA A 40 -1.53 8.93 14.33
N ASN A 41 -0.67 9.92 14.23
CA ASN A 41 -0.94 11.10 13.42
C ASN A 41 0.15 11.30 12.37
N TYR A 42 0.70 10.20 11.88
CA TYR A 42 1.76 10.25 10.88
C TYR A 42 1.17 10.28 9.47
N GLU A 43 1.66 11.20 8.64
CA GLU A 43 1.18 11.32 7.27
C GLU A 43 1.90 12.46 6.55
N PRO A 44 1.87 12.42 5.21
CA PRO A 44 1.19 11.35 4.46
C PRO A 44 1.92 10.01 4.59
N VAL A 45 1.33 8.97 3.99
CA VAL A 45 1.91 7.64 4.04
C VAL A 45 2.23 7.14 2.63
N HIS A 46 3.29 6.33 2.53
CA HIS A 46 3.71 5.79 1.25
C HIS A 46 3.39 4.30 1.16
N TRP A 47 2.98 3.85 -0.03
CA TRP A 47 2.65 2.45 -0.24
C TRP A 47 3.23 1.93 -1.55
N PHE A 48 3.88 0.78 -1.49
CA PHE A 48 4.49 0.18 -2.67
C PHE A 48 4.09 -1.29 -2.81
N LEU A 49 4.25 -1.82 -4.01
CA LEU A 49 3.91 -3.23 -4.27
C LEU A 49 4.96 -3.88 -5.16
N ASP A 50 5.81 -4.70 -4.54
CA ASP A 50 6.86 -5.40 -5.27
C ASP A 50 7.91 -4.43 -5.78
N LYS A 51 7.60 -3.72 -6.86
CA LYS A 51 8.52 -2.75 -7.43
C LYS A 51 7.75 -1.64 -8.15
N THR A 52 6.66 -1.19 -7.55
CA THR A 52 5.84 -0.14 -8.13
C THR A 52 5.15 0.68 -7.05
N PRO A 53 5.27 2.02 -7.14
CA PRO A 53 4.65 2.93 -6.18
C PRO A 53 3.13 2.95 -6.29
N LEU A 54 2.47 3.32 -5.19
CA LEU A 54 1.01 3.38 -5.17
C LEU A 54 0.54 4.71 -4.58
N HIS A 55 -0.47 5.30 -5.21
CA HIS A 55 -1.02 6.57 -4.74
C HIS A 55 -2.54 6.58 -4.85
N ALA A 56 -3.20 7.20 -3.88
CA ALA A 56 -4.66 7.27 -3.86
C ALA A 56 -5.19 7.83 -5.17
N ASN A 57 -6.17 7.14 -5.75
CA ASN A 57 -6.77 7.56 -7.00
C ASN A 57 -8.18 7.00 -7.15
N GLU A 58 -8.74 7.12 -8.35
CA GLU A 58 -10.08 6.62 -8.63
C GLU A 58 -10.21 5.16 -8.21
N LEU A 59 -9.10 4.43 -8.28
CA LEU A 59 -9.09 3.02 -7.90
C LEU A 59 -8.40 2.81 -6.56
N ASN A 60 -7.24 3.44 -6.39
CA ASN A 60 -6.48 3.33 -5.16
C ASN A 60 -7.17 4.08 -4.02
N GLU A 61 -7.24 3.45 -2.86
CA GLU A 61 -7.88 4.06 -1.70
C GLU A 61 -6.98 3.93 -0.46
N ILE A 62 -6.70 5.06 0.18
CA ILE A 62 -5.86 5.07 1.37
C ILE A 62 -6.51 5.88 2.49
N ASP A 63 -7.23 5.19 3.37
CA ASP A 63 -7.90 5.84 4.48
C ASP A 63 -6.94 6.04 5.66
N ALA A 64 -7.45 6.59 6.76
CA ALA A 64 -6.64 6.83 7.94
C ALA A 64 -7.47 6.65 9.21
N GLN A 65 -7.85 5.41 9.49
CA GLN A 65 -8.65 5.11 10.67
C GLN A 65 -7.99 5.68 11.93
N PRO A 66 -8.79 5.82 13.00
CA PRO A 66 -8.32 6.37 14.28
C PRO A 66 -7.36 5.40 14.99
N GLY A 67 -6.29 5.94 15.55
CA GLY A 67 -5.33 5.12 16.26
C GLY A 67 -4.14 4.75 15.40
N GLY A 68 -3.93 5.50 14.33
CA GLY A 68 -2.82 5.23 13.42
C GLY A 68 -3.05 4.00 12.57
N TYR A 69 -4.31 3.76 12.21
CA TYR A 69 -4.66 2.61 11.39
C TYR A 69 -4.82 3.01 9.92
N HIS A 70 -3.76 2.80 9.15
CA HIS A 70 -3.79 3.14 7.72
C HIS A 70 -4.32 1.97 6.90
N VAL A 71 -5.51 2.15 6.34
CA VAL A 71 -6.14 1.11 5.52
C VAL A 71 -5.97 1.41 4.03
N LEU A 72 -5.55 0.39 3.28
CA LEU A 72 -5.35 0.54 1.84
C LEU A 72 -6.27 -0.40 1.07
N THR A 73 -7.19 0.18 0.30
CA THR A 73 -8.13 -0.61 -0.49
C THR A 73 -7.81 -0.49 -1.98
N LEU A 74 -6.91 -1.33 -2.45
CA LEU A 74 -6.52 -1.33 -3.86
C LEU A 74 -7.60 -1.96 -4.72
N ARG A 75 -8.49 -1.13 -5.27
CA ARG A 75 -9.57 -1.61 -6.11
C ARG A 75 -9.07 -1.86 -7.54
N GLN A 76 -9.76 -2.74 -8.25
CA GLN A 76 -9.40 -3.07 -9.62
C GLN A 76 -7.97 -3.60 -9.69
N LEU A 77 -7.73 -4.73 -9.05
CA LEU A 77 -6.40 -5.35 -9.04
C LEU A 77 -6.20 -6.21 -10.27
N ALA A 78 -5.04 -6.87 -10.34
CA ALA A 78 -4.72 -7.73 -11.48
C ALA A 78 -3.80 -8.87 -11.04
N LEU A 79 -3.85 -9.96 -11.80
CA LEU A 79 -3.02 -11.13 -11.50
C LEU A 79 -1.54 -10.77 -11.52
N LYS A 80 -1.22 -9.66 -12.16
CA LYS A 80 0.17 -9.19 -12.26
C LYS A 80 0.50 -8.25 -11.11
N ASP A 81 -0.31 -8.29 -10.05
CA ASP A 81 -0.09 -7.44 -8.89
C ASP A 81 0.38 -8.27 -7.69
N SER A 82 0.12 -9.56 -7.74
CA SER A 82 0.51 -10.46 -6.66
C SER A 82 1.98 -10.29 -6.31
N GLY A 83 2.25 -9.67 -5.16
CA GLY A 83 3.63 -9.45 -4.74
C GLY A 83 3.75 -9.31 -3.24
N THR A 84 4.13 -8.11 -2.79
CA THR A 84 4.29 -7.85 -1.36
C THR A 84 4.23 -6.35 -1.07
N ILE A 85 3.16 -5.92 -0.41
CA ILE A 85 2.98 -4.51 -0.08
C ILE A 85 4.12 -4.02 0.82
N TYR A 86 4.93 -3.11 0.29
CA TYR A 86 6.04 -2.55 1.04
C TYR A 86 5.71 -1.17 1.59
N PHE A 87 5.02 -1.14 2.72
CA PHE A 87 4.63 0.12 3.34
C PHE A 87 5.86 0.94 3.74
N GLU A 88 5.71 2.26 3.75
CA GLU A 88 6.81 3.15 4.12
C GLU A 88 6.32 4.26 5.03
N ALA A 89 7.05 4.48 6.13
CA ALA A 89 6.69 5.52 7.08
C ALA A 89 7.87 5.84 8.01
N GLY A 90 8.56 6.94 7.71
CA GLY A 90 9.70 7.34 8.52
C GLY A 90 10.93 6.49 8.25
N ASP A 91 11.33 5.70 9.24
CA ASP A 91 12.50 4.83 9.10
C ASP A 91 12.10 3.37 9.21
N GLN A 92 10.83 3.07 8.95
CA GLN A 92 10.33 1.71 9.02
C GLN A 92 9.87 1.23 7.65
N ARG A 93 9.36 0.00 7.60
CA ARG A 93 8.89 -0.58 6.35
C ARG A 93 8.21 -1.92 6.60
N ALA A 94 6.92 -1.98 6.28
CA ALA A 94 6.15 -3.21 6.47
C ALA A 94 6.25 -4.12 5.25
N SER A 95 5.71 -5.33 5.36
CA SER A 95 5.75 -6.29 4.27
C SER A 95 4.67 -7.35 4.45
N ALA A 96 3.64 -7.28 3.60
CA ALA A 96 2.54 -8.23 3.67
C ALA A 96 2.42 -9.02 2.36
N ALA A 97 2.11 -10.31 2.48
CA ALA A 97 1.96 -11.16 1.31
C ALA A 97 0.70 -10.81 0.52
N LEU A 98 0.88 -10.05 -0.55
CA LEU A 98 -0.25 -9.64 -1.39
C LEU A 98 -0.54 -10.69 -2.45
N ARG A 99 -1.48 -11.58 -2.13
CA ARG A 99 -1.86 -12.64 -3.06
C ARG A 99 -3.09 -12.24 -3.87
N VAL A 100 -3.11 -12.62 -5.15
CA VAL A 100 -4.22 -12.30 -6.03
C VAL A 100 -4.43 -13.40 -7.07
N THR A 101 -5.49 -14.19 -6.86
CA THR A 101 -5.81 -15.28 -7.78
C THR A 101 -6.65 -14.79 -8.95
N GLU A 102 -7.06 -15.72 -9.80
CA GLU A 102 -7.88 -15.37 -10.96
C GLU A 102 -9.26 -14.90 -10.54
N LYS A 103 -10.02 -14.37 -11.49
CA LYS A 103 -11.36 -13.87 -11.21
C LYS A 103 -12.37 -14.50 -12.15
N PRO A 104 -13.64 -14.56 -11.71
CA PRO A 104 -14.73 -15.13 -12.50
C PRO A 104 -15.09 -14.27 -13.70
N SER A 105 -15.29 -12.98 -13.46
CA SER A 105 -15.65 -12.06 -14.54
C SER A 105 -14.52 -11.04 -14.77
N VAL A 106 -14.29 -10.72 -16.04
CA VAL A 106 -13.25 -9.76 -16.39
C VAL A 106 -13.34 -8.50 -15.54
N PHE A 107 -12.19 -8.06 -15.03
CA PHE A 107 -12.15 -6.86 -14.20
C PHE A 107 -10.71 -6.58 -13.74
N SER A 108 -10.15 -5.50 -14.26
CA SER A 108 -8.78 -5.11 -13.92
C SER A 108 -8.66 -3.60 -13.74
N ARG A 109 -7.44 -3.12 -13.59
CA ARG A 109 -7.20 -1.69 -13.41
C ARG A 109 -7.82 -0.89 -14.56
N SER A 110 -7.76 0.43 -14.45
CA SER A 110 -8.32 1.31 -15.47
C SER A 110 -7.31 1.57 -16.58
N GLY A 111 -7.48 0.87 -17.70
CA GLY A 111 -6.58 1.03 -18.82
C GLY A 111 -5.48 -0.01 -18.84
N PRO A 112 -4.59 0.08 -19.84
CA PRO A 112 -3.47 -0.87 -20.00
C PRO A 112 -2.42 -0.69 -18.91
N SER A 113 -1.51 -1.66 -18.81
CA SER A 113 -0.45 -1.61 -17.81
C SER A 113 0.79 -2.35 -18.31
N SER A 114 1.81 -2.40 -17.46
CA SER A 114 3.06 -3.07 -17.81
C SER A 114 3.00 -4.55 -17.45
N GLY A 115 2.57 -5.36 -18.41
CA GLY A 115 2.47 -6.79 -18.18
C GLY A 115 2.23 -7.57 -19.46
N GLY A 1 8.42 25.39 1.70
CA GLY A 1 8.36 24.48 0.58
C GLY A 1 9.67 23.73 0.37
N SER A 2 9.67 22.82 -0.60
CA SER A 2 10.86 22.03 -0.89
C SER A 2 10.78 21.43 -2.30
N SER A 3 11.92 20.94 -2.80
CA SER A 3 11.97 20.35 -4.12
C SER A 3 12.64 18.98 -4.08
N GLY A 4 12.06 18.06 -3.32
CA GLY A 4 12.62 16.73 -3.20
C GLY A 4 13.24 16.48 -1.84
N SER A 5 13.69 15.25 -1.61
CA SER A 5 14.30 14.88 -0.34
C SER A 5 15.81 14.90 -0.44
N SER A 6 16.48 15.07 0.71
CA SER A 6 17.93 15.11 0.74
C SER A 6 18.43 15.08 2.18
N GLY A 7 19.75 14.92 2.34
CA GLY A 7 20.34 14.88 3.67
C GLY A 7 19.74 13.78 4.53
N LEU A 8 20.21 13.69 5.76
CA LEU A 8 19.72 12.67 6.70
C LEU A 8 19.41 13.28 8.06
N VAL A 9 18.38 14.12 8.11
CA VAL A 9 17.97 14.77 9.35
C VAL A 9 17.65 13.74 10.42
N GLN A 10 17.34 14.23 11.62
CA GLN A 10 17.00 13.35 12.74
C GLN A 10 15.93 13.98 13.62
N GLY A 11 14.72 13.41 13.55
CA GLY A 11 13.62 13.93 14.34
C GLY A 11 12.65 12.84 14.77
N ARG A 12 11.39 13.01 14.39
CA ARG A 12 10.36 12.02 14.74
C ARG A 12 10.79 10.62 14.34
N ARG A 13 10.32 9.62 15.08
CA ARG A 13 10.65 8.23 14.80
C ARG A 13 9.39 7.39 14.66
N VAL A 14 9.36 6.53 13.64
CA VAL A 14 8.21 5.66 13.41
C VAL A 14 8.44 4.28 13.98
N HIS A 15 7.39 3.71 14.59
CA HIS A 15 7.48 2.38 15.18
C HIS A 15 6.31 1.51 14.73
N ILE A 16 6.62 0.49 13.93
CA ILE A 16 5.61 -0.42 13.43
C ILE A 16 4.88 -1.12 14.58
N ILE A 17 3.71 -0.60 14.93
CA ILE A 17 2.92 -1.17 16.02
C ILE A 17 2.31 -2.51 15.60
N GLU A 18 1.46 -2.47 14.59
CA GLU A 18 0.81 -3.68 14.09
C GLU A 18 1.03 -3.84 12.58
N ASP A 19 2.17 -4.37 12.21
CA ASP A 19 2.51 -4.58 10.80
C ASP A 19 1.39 -5.34 10.09
N LEU A 20 1.34 -5.20 8.77
CA LEU A 20 0.31 -5.87 7.97
C LEU A 20 0.33 -7.37 8.23
N GLU A 21 -0.63 -8.08 7.64
CA GLU A 21 -0.74 -9.52 7.81
C GLU A 21 -0.63 -10.24 6.47
N ASP A 22 -1.71 -10.20 5.69
CA ASP A 22 -1.72 -10.84 4.38
C ASP A 22 -3.08 -10.66 3.70
N VAL A 23 -3.12 -10.90 2.40
CA VAL A 23 -4.35 -10.75 1.64
C VAL A 23 -4.37 -11.72 0.45
N ASP A 24 -5.56 -12.25 0.16
CA ASP A 24 -5.72 -13.18 -0.95
C ASP A 24 -7.14 -13.11 -1.52
N VAL A 25 -7.28 -12.47 -2.67
CA VAL A 25 -8.57 -12.34 -3.32
C VAL A 25 -8.44 -12.29 -4.83
N GLN A 26 -9.53 -12.58 -5.53
CA GLN A 26 -9.52 -12.57 -6.99
C GLN A 26 -9.11 -11.20 -7.53
N GLU A 27 -8.37 -11.20 -8.64
CA GLU A 27 -7.91 -9.96 -9.24
C GLU A 27 -9.09 -9.08 -9.65
N GLY A 28 -8.90 -7.77 -9.53
CA GLY A 28 -9.96 -6.84 -9.89
C GLY A 28 -10.79 -6.42 -8.69
N SER A 29 -10.66 -7.17 -7.59
CA SER A 29 -11.41 -6.88 -6.39
C SER A 29 -10.70 -5.82 -5.54
N SER A 30 -11.25 -5.54 -4.36
CA SER A 30 -10.67 -4.55 -3.46
C SER A 30 -9.99 -5.23 -2.28
N ALA A 31 -8.66 -5.22 -2.28
CA ALA A 31 -7.89 -5.84 -1.22
C ALA A 31 -7.57 -4.82 -0.12
N THR A 32 -7.91 -5.17 1.12
CA THR A 32 -7.65 -4.29 2.26
C THR A 32 -6.32 -4.61 2.93
N PHE A 33 -5.57 -3.57 3.26
CA PHE A 33 -4.27 -3.74 3.92
C PHE A 33 -4.13 -2.80 5.10
N ARG A 34 -4.54 -3.26 6.27
CA ARG A 34 -4.46 -2.46 7.49
C ARG A 34 -3.08 -2.58 8.12
N CYS A 35 -2.65 -1.52 8.80
CA CYS A 35 -1.36 -1.51 9.45
C CYS A 35 -1.27 -0.37 10.47
N ARG A 36 -0.93 -0.73 11.71
CA ARG A 36 -0.83 0.26 12.79
C ARG A 36 0.61 0.74 12.93
N ILE A 37 0.85 1.99 12.56
CA ILE A 37 2.19 2.57 12.66
C ILE A 37 2.16 3.88 13.44
N SER A 38 3.08 4.02 14.38
CA SER A 38 3.17 5.23 15.20
C SER A 38 4.13 6.24 14.58
N PRO A 39 3.88 7.53 14.87
CA PRO A 39 2.76 7.96 15.71
C PRO A 39 1.40 7.74 15.03
N ALA A 40 0.34 7.90 15.81
CA ALA A 40 -1.02 7.72 15.28
C ALA A 40 -1.42 8.89 14.38
N ASN A 41 -0.56 9.91 14.34
CA ASN A 41 -0.84 11.09 13.53
C ASN A 41 0.26 11.30 12.49
N TYR A 42 0.80 10.19 11.97
CA TYR A 42 1.86 10.25 10.98
C TYR A 42 1.28 10.32 9.57
N GLU A 43 1.81 11.23 8.76
CA GLU A 43 1.35 11.40 7.39
C GLU A 43 2.10 12.52 6.69
N PRO A 44 2.07 12.50 5.34
CA PRO A 44 1.38 11.47 4.58
C PRO A 44 2.06 10.11 4.68
N VAL A 45 1.47 9.10 4.06
CA VAL A 45 2.03 7.76 4.09
C VAL A 45 2.29 7.25 2.68
N HIS A 46 3.32 6.41 2.53
CA HIS A 46 3.67 5.85 1.23
C HIS A 46 3.31 4.38 1.16
N TRP A 47 3.00 3.90 -0.04
CA TRP A 47 2.64 2.51 -0.24
C TRP A 47 3.22 1.97 -1.54
N PHE A 48 3.89 0.82 -1.47
CA PHE A 48 4.49 0.22 -2.64
C PHE A 48 4.09 -1.25 -2.76
N LEU A 49 4.25 -1.81 -3.96
CA LEU A 49 3.89 -3.20 -4.20
C LEU A 49 4.96 -3.88 -5.07
N ASP A 50 5.79 -4.70 -4.45
CA ASP A 50 6.84 -5.41 -5.16
C ASP A 50 7.90 -4.44 -5.69
N LYS A 51 7.59 -3.76 -6.79
CA LYS A 51 8.50 -2.80 -7.38
C LYS A 51 7.75 -1.70 -8.12
N THR A 52 6.66 -1.24 -7.51
CA THR A 52 5.84 -0.19 -8.12
C THR A 52 5.16 0.65 -7.03
N PRO A 53 5.28 1.98 -7.15
CA PRO A 53 4.68 2.92 -6.20
C PRO A 53 3.16 2.96 -6.32
N LEU A 54 2.49 3.23 -5.20
CA LEU A 54 1.04 3.30 -5.18
C LEU A 54 0.56 4.64 -4.63
N HIS A 55 -0.47 5.20 -5.27
CA HIS A 55 -1.02 6.49 -4.85
C HIS A 55 -2.55 6.48 -4.94
N ALA A 56 -3.19 7.18 -4.01
CA ALA A 56 -4.65 7.25 -3.99
C ALA A 56 -5.19 7.72 -5.32
N ASN A 57 -6.16 6.98 -5.86
CA ASN A 57 -6.77 7.33 -7.14
C ASN A 57 -8.19 6.79 -7.23
N GLU A 58 -8.81 6.94 -8.40
CA GLU A 58 -10.16 6.45 -8.62
C GLU A 58 -10.30 4.99 -8.21
N LEU A 59 -9.20 4.26 -8.30
CA LEU A 59 -9.19 2.84 -7.93
C LEU A 59 -8.46 2.62 -6.61
N ASN A 60 -7.36 3.34 -6.42
CA ASN A 60 -6.58 3.23 -5.19
C ASN A 60 -7.21 4.04 -4.07
N GLU A 61 -7.42 3.39 -2.93
CA GLU A 61 -8.02 4.05 -1.77
C GLU A 61 -7.11 3.94 -0.55
N ILE A 62 -6.85 5.07 0.10
CA ILE A 62 -6.00 5.10 1.28
C ILE A 62 -6.66 5.88 2.41
N ASP A 63 -7.32 5.16 3.31
CA ASP A 63 -7.99 5.78 4.44
C ASP A 63 -7.01 6.02 5.59
N ALA A 64 -7.50 6.61 6.67
CA ALA A 64 -6.67 6.90 7.84
C ALA A 64 -7.46 6.72 9.13
N GLN A 65 -7.82 5.48 9.42
CA GLN A 65 -8.57 5.16 10.63
C GLN A 65 -7.88 5.75 11.87
N PRO A 66 -8.65 5.89 12.96
CA PRO A 66 -8.15 6.44 14.21
C PRO A 66 -7.16 5.49 14.91
N GLY A 67 -6.04 6.04 15.36
CA GLY A 67 -5.04 5.23 16.03
C GLY A 67 -3.93 4.80 15.11
N GLY A 68 -3.60 5.64 14.13
CA GLY A 68 -2.55 5.33 13.18
C GLY A 68 -2.86 4.08 12.36
N TYR A 69 -4.14 3.88 12.07
CA TYR A 69 -4.56 2.72 11.30
C TYR A 69 -4.75 3.08 9.82
N HIS A 70 -3.73 2.82 9.02
CA HIS A 70 -3.77 3.11 7.59
C HIS A 70 -4.35 1.94 6.81
N VAL A 71 -5.51 2.17 6.19
CA VAL A 71 -6.17 1.13 5.41
C VAL A 71 -6.05 1.41 3.92
N LEU A 72 -5.54 0.42 3.18
CA LEU A 72 -5.38 0.56 1.74
C LEU A 72 -6.33 -0.37 0.99
N THR A 73 -7.24 0.21 0.23
CA THR A 73 -8.20 -0.58 -0.54
C THR A 73 -7.90 -0.51 -2.03
N LEU A 74 -7.04 -1.41 -2.49
CA LEU A 74 -6.65 -1.45 -3.90
C LEU A 74 -7.78 -2.05 -4.74
N ARG A 75 -8.60 -1.19 -5.32
CA ARG A 75 -9.72 -1.64 -6.16
C ARG A 75 -9.25 -1.91 -7.58
N GLN A 76 -9.93 -2.83 -8.26
CA GLN A 76 -9.59 -3.17 -9.63
C GLN A 76 -8.13 -3.63 -9.73
N LEU A 77 -7.82 -4.73 -9.05
CA LEU A 77 -6.46 -5.27 -9.06
C LEU A 77 -6.24 -6.17 -10.28
N ALA A 78 -5.05 -6.73 -10.38
CA ALA A 78 -4.71 -7.62 -11.49
C ALA A 78 -3.80 -8.76 -11.03
N LEU A 79 -3.82 -9.86 -11.76
CA LEU A 79 -3.00 -11.02 -11.43
C LEU A 79 -1.52 -10.66 -11.43
N LYS A 80 -1.19 -9.55 -12.09
CA LYS A 80 0.19 -9.08 -12.16
C LYS A 80 0.54 -8.20 -10.97
N ASP A 81 -0.39 -8.11 -10.02
CA ASP A 81 -0.19 -7.30 -8.83
C ASP A 81 0.30 -8.15 -7.66
N SER A 82 0.06 -9.45 -7.75
CA SER A 82 0.46 -10.38 -6.70
C SER A 82 1.93 -10.19 -6.35
N GLY A 83 2.19 -9.63 -5.17
CA GLY A 83 3.56 -9.40 -4.73
C GLY A 83 3.67 -9.25 -3.23
N THR A 84 4.13 -8.09 -2.79
CA THR A 84 4.28 -7.82 -1.35
C THR A 84 4.22 -6.32 -1.06
N ILE A 85 3.15 -5.90 -0.39
CA ILE A 85 2.97 -4.50 -0.06
C ILE A 85 4.10 -4.00 0.84
N TYR A 86 4.89 -3.07 0.32
CA TYR A 86 6.00 -2.50 1.07
C TYR A 86 5.66 -1.11 1.60
N PHE A 87 5.04 -1.07 2.77
CA PHE A 87 4.66 0.20 3.39
C PHE A 87 5.89 0.99 3.81
N GLU A 88 5.77 2.31 3.79
CA GLU A 88 6.87 3.18 4.17
C GLU A 88 6.39 4.29 5.11
N ALA A 89 7.14 4.52 6.18
CA ALA A 89 6.79 5.55 7.15
C ALA A 89 7.97 5.85 8.07
N GLY A 90 8.71 6.92 7.74
CA GLY A 90 9.86 7.30 8.54
C GLY A 90 11.08 6.45 8.25
N ASP A 91 11.49 5.64 9.21
CA ASP A 91 12.65 4.77 9.06
C ASP A 91 12.25 3.30 9.14
N GLN A 92 10.95 3.05 9.04
CA GLN A 92 10.43 1.68 9.10
C GLN A 92 9.92 1.23 7.73
N ARG A 93 9.45 -0.01 7.66
CA ARG A 93 8.92 -0.55 6.42
C ARG A 93 8.23 -1.88 6.66
N ALA A 94 6.94 -1.94 6.32
CA ALA A 94 6.16 -3.16 6.51
C ALA A 94 6.25 -4.06 5.28
N SER A 95 5.72 -5.27 5.40
CA SER A 95 5.75 -6.23 4.30
C SER A 95 4.67 -7.30 4.48
N ALA A 96 3.66 -7.26 3.63
CA ALA A 96 2.56 -8.21 3.68
C ALA A 96 2.45 -9.00 2.38
N ALA A 97 2.11 -10.28 2.50
CA ALA A 97 1.97 -11.14 1.34
C ALA A 97 0.71 -10.79 0.54
N LEU A 98 0.89 -10.02 -0.53
CA LEU A 98 -0.23 -9.62 -1.37
C LEU A 98 -0.53 -10.67 -2.44
N ARG A 99 -1.46 -11.57 -2.13
CA ARG A 99 -1.83 -12.63 -3.07
C ARG A 99 -3.07 -12.24 -3.88
N VAL A 100 -3.07 -12.59 -5.15
CA VAL A 100 -4.20 -12.27 -6.03
C VAL A 100 -4.40 -13.36 -7.07
N THR A 101 -5.46 -14.16 -6.88
CA THR A 101 -5.76 -15.25 -7.81
C THR A 101 -6.66 -14.76 -8.94
N GLU A 102 -6.94 -15.65 -9.89
CA GLU A 102 -7.79 -15.31 -11.03
C GLU A 102 -9.16 -14.85 -10.56
N LYS A 103 -9.94 -14.30 -11.48
CA LYS A 103 -11.28 -13.82 -11.17
C LYS A 103 -12.31 -14.43 -12.12
N PRO A 104 -13.58 -14.46 -11.67
CA PRO A 104 -14.69 -15.01 -12.46
C PRO A 104 -15.03 -14.15 -13.67
N SER A 105 -14.66 -12.87 -13.60
CA SER A 105 -14.92 -11.93 -14.69
C SER A 105 -14.00 -12.20 -15.87
N VAL A 106 -13.85 -11.20 -16.73
CA VAL A 106 -13.00 -11.32 -17.90
C VAL A 106 -11.69 -10.55 -17.72
N PHE A 107 -11.78 -9.39 -17.06
CA PHE A 107 -10.61 -8.56 -16.82
C PHE A 107 -10.98 -7.33 -16.00
N SER A 108 -9.99 -6.51 -15.70
CA SER A 108 -10.21 -5.29 -14.92
C SER A 108 -8.94 -4.45 -14.84
N ARG A 109 -9.11 -3.14 -14.79
CA ARG A 109 -7.97 -2.23 -14.71
C ARG A 109 -7.08 -2.35 -15.95
N SER A 110 -7.72 -2.32 -17.13
CA SER A 110 -6.99 -2.43 -18.39
C SER A 110 -6.36 -1.10 -18.77
N GLY A 111 -5.25 -1.17 -19.50
CA GLY A 111 -4.56 0.04 -19.93
C GLY A 111 -4.85 0.40 -21.37
N PRO A 112 -4.26 1.50 -21.84
CA PRO A 112 -4.43 1.98 -23.21
C PRO A 112 -3.79 1.06 -24.24
N SER A 113 -4.57 0.60 -25.20
CA SER A 113 -4.06 -0.29 -26.25
C SER A 113 -3.45 0.51 -27.39
N SER A 114 -4.29 1.23 -28.13
CA SER A 114 -3.82 2.04 -29.25
C SER A 114 -3.36 3.41 -28.78
N GLY A 115 -2.88 4.22 -29.72
CA GLY A 115 -2.40 5.55 -29.38
C GLY A 115 -2.32 6.45 -30.59
N GLY A 1 26.81 13.03 -2.88
CA GLY A 1 27.08 11.79 -3.59
C GLY A 1 25.83 11.19 -4.21
N SER A 2 25.99 10.60 -5.38
CA SER A 2 24.87 9.99 -6.09
C SER A 2 24.78 8.50 -5.79
N SER A 3 23.63 7.90 -6.09
CA SER A 3 23.41 6.48 -5.84
C SER A 3 23.70 6.12 -4.38
N GLY A 4 23.27 7.00 -3.48
CA GLY A 4 23.49 6.77 -2.06
C GLY A 4 22.22 6.35 -1.35
N SER A 5 22.02 5.05 -1.19
CA SER A 5 20.84 4.53 -0.51
C SER A 5 21.22 3.46 0.51
N SER A 6 21.96 3.89 1.54
CA SER A 6 22.39 2.97 2.59
C SER A 6 22.08 3.54 3.96
N GLY A 7 20.85 3.31 4.43
CA GLY A 7 20.44 3.80 5.74
C GLY A 7 19.73 5.13 5.65
N LEU A 8 18.90 5.43 6.65
CA LEU A 8 18.16 6.67 6.69
C LEU A 8 17.82 7.07 8.12
N VAL A 9 17.71 8.37 8.36
CA VAL A 9 17.39 8.88 9.69
C VAL A 9 16.81 10.29 9.61
N GLN A 10 15.85 10.59 10.49
CA GLN A 10 15.21 11.89 10.52
C GLN A 10 14.76 12.25 11.94
N GLY A 11 14.17 13.42 12.08
CA GLY A 11 13.70 13.86 13.39
C GLY A 11 12.82 12.82 14.06
N ARG A 12 11.52 12.87 13.78
CA ARG A 12 10.57 11.94 14.36
C ARG A 12 10.99 10.50 14.10
N ARG A 13 10.39 9.56 14.82
CA ARG A 13 10.70 8.15 14.66
C ARG A 13 9.43 7.32 14.57
N VAL A 14 9.36 6.47 13.54
CA VAL A 14 8.19 5.62 13.34
C VAL A 14 8.42 4.23 13.93
N HIS A 15 7.40 3.70 14.57
CA HIS A 15 7.47 2.38 15.19
C HIS A 15 6.30 1.50 14.75
N ILE A 16 6.57 0.55 13.87
CA ILE A 16 5.53 -0.35 13.39
C ILE A 16 4.84 -1.06 14.54
N ILE A 17 3.66 -0.57 14.92
CA ILE A 17 2.89 -1.16 16.00
C ILE A 17 2.27 -2.49 15.57
N GLU A 18 1.39 -2.42 14.57
CA GLU A 18 0.73 -3.62 14.07
C GLU A 18 0.94 -3.78 12.57
N ASP A 19 2.11 -4.29 12.21
CA ASP A 19 2.44 -4.51 10.80
C ASP A 19 1.34 -5.27 10.08
N LEU A 20 1.32 -5.16 8.75
CA LEU A 20 0.31 -5.85 7.95
C LEU A 20 0.30 -7.34 8.25
N GLU A 21 -0.65 -8.06 7.64
CA GLU A 21 -0.76 -9.50 7.84
C GLU A 21 -0.64 -10.24 6.51
N ASP A 22 -1.71 -10.19 5.73
CA ASP A 22 -1.73 -10.86 4.42
C ASP A 22 -3.07 -10.65 3.72
N VAL A 23 -3.10 -10.90 2.42
CA VAL A 23 -4.32 -10.74 1.63
C VAL A 23 -4.37 -11.72 0.47
N ASP A 24 -5.56 -12.21 0.15
CA ASP A 24 -5.73 -13.16 -0.94
C ASP A 24 -7.15 -13.10 -1.48
N VAL A 25 -7.31 -12.47 -2.64
CA VAL A 25 -8.63 -12.35 -3.27
C VAL A 25 -8.50 -12.31 -4.78
N GLN A 26 -9.62 -12.56 -5.48
CA GLN A 26 -9.63 -12.54 -6.93
C GLN A 26 -9.28 -11.16 -7.46
N GLU A 27 -8.44 -11.14 -8.50
CA GLU A 27 -8.02 -9.87 -9.10
C GLU A 27 -9.23 -9.00 -9.46
N GLY A 28 -9.06 -7.69 -9.40
CA GLY A 28 -10.14 -6.78 -9.72
C GLY A 28 -10.92 -6.35 -8.49
N SER A 29 -10.72 -7.07 -7.39
CA SER A 29 -11.42 -6.77 -6.14
C SER A 29 -10.65 -5.71 -5.34
N SER A 30 -11.16 -5.41 -4.14
CA SER A 30 -10.52 -4.42 -3.29
C SER A 30 -9.88 -5.07 -2.08
N ALA A 31 -8.56 -5.27 -2.15
CA ALA A 31 -7.83 -5.89 -1.06
C ALA A 31 -7.51 -4.87 0.04
N THR A 32 -7.92 -5.17 1.26
CA THR A 32 -7.68 -4.29 2.40
C THR A 32 -6.37 -4.64 3.09
N PHE A 33 -5.53 -3.63 3.30
CA PHE A 33 -4.25 -3.82 3.96
C PHE A 33 -4.11 -2.92 5.19
N ARG A 34 -4.62 -3.39 6.32
CA ARG A 34 -4.56 -2.63 7.56
C ARG A 34 -3.18 -2.77 8.22
N CYS A 35 -2.73 -1.69 8.85
CA CYS A 35 -1.44 -1.70 9.53
C CYS A 35 -1.32 -0.51 10.47
N ARG A 36 -1.02 -0.80 11.74
CA ARG A 36 -0.88 0.24 12.75
C ARG A 36 0.57 0.71 12.85
N ILE A 37 0.78 1.99 12.63
CA ILE A 37 2.13 2.57 12.70
C ILE A 37 2.13 3.88 13.48
N SER A 38 3.09 4.01 14.40
CA SER A 38 3.21 5.21 15.22
C SER A 38 4.15 6.22 14.57
N PRO A 39 3.92 7.50 14.87
CA PRO A 39 2.84 7.93 15.75
C PRO A 39 1.46 7.73 15.12
N ALA A 40 0.40 7.97 15.91
CA ALA A 40 -0.96 7.81 15.43
C ALA A 40 -1.37 8.99 14.55
N ASN A 41 -0.47 9.97 14.42
CA ASN A 41 -0.74 11.15 13.61
C ASN A 41 0.34 11.33 12.55
N TYR A 42 0.87 10.23 12.03
CA TYR A 42 1.91 10.27 11.01
C TYR A 42 1.29 10.31 9.62
N GLU A 43 1.78 11.23 8.80
CA GLU A 43 1.29 11.37 7.43
C GLU A 43 2.00 12.52 6.71
N PRO A 44 1.96 12.49 5.36
CA PRO A 44 1.28 11.43 4.62
C PRO A 44 2.00 10.09 4.72
N VAL A 45 1.40 9.05 4.12
CA VAL A 45 1.99 7.72 4.14
C VAL A 45 2.26 7.22 2.74
N HIS A 46 3.32 6.42 2.60
CA HIS A 46 3.69 5.87 1.31
C HIS A 46 3.36 4.39 1.22
N TRP A 47 2.97 3.93 0.03
CA TRP A 47 2.62 2.53 -0.18
C TRP A 47 3.21 2.01 -1.48
N PHE A 48 3.88 0.86 -1.40
CA PHE A 48 4.49 0.26 -2.58
C PHE A 48 4.07 -1.20 -2.72
N LEU A 49 4.27 -1.76 -3.92
CA LEU A 49 3.92 -3.15 -4.18
C LEU A 49 4.96 -3.81 -5.07
N ASP A 50 5.78 -4.67 -4.48
CA ASP A 50 6.82 -5.38 -5.21
C ASP A 50 7.91 -4.42 -5.69
N LYS A 51 7.61 -3.68 -6.75
CA LYS A 51 8.56 -2.72 -7.31
C LYS A 51 7.82 -1.59 -8.04
N THR A 52 6.73 -1.13 -7.44
CA THR A 52 5.94 -0.06 -8.03
C THR A 52 5.22 0.75 -6.95
N PRO A 53 5.31 2.09 -7.05
CA PRO A 53 4.66 2.99 -6.09
C PRO A 53 3.14 2.98 -6.22
N LEU A 54 2.45 3.29 -5.12
CA LEU A 54 1.00 3.32 -5.12
C LEU A 54 0.48 4.64 -4.54
N HIS A 55 -0.45 5.25 -5.25
CA HIS A 55 -1.04 6.52 -4.80
C HIS A 55 -2.56 6.49 -4.93
N ALA A 56 -3.22 7.18 -4.01
CA ALA A 56 -4.69 7.24 -4.01
C ALA A 56 -5.22 7.72 -5.35
N ASN A 57 -6.17 6.99 -5.90
CA ASN A 57 -6.77 7.34 -7.19
C ASN A 57 -8.17 6.77 -7.31
N GLU A 58 -8.76 6.92 -8.50
CA GLU A 58 -10.11 6.41 -8.76
C GLU A 58 -10.21 4.94 -8.38
N LEU A 59 -9.09 4.24 -8.44
CA LEU A 59 -9.05 2.81 -8.12
C LEU A 59 -8.35 2.58 -6.78
N ASN A 60 -7.25 3.30 -6.56
CA ASN A 60 -6.49 3.18 -5.32
C ASN A 60 -7.20 3.90 -4.18
N GLU A 61 -7.29 3.23 -3.03
CA GLU A 61 -7.93 3.81 -1.86
C GLU A 61 -7.00 3.79 -0.65
N ILE A 62 -6.83 4.94 0.00
CA ILE A 62 -5.97 5.05 1.16
C ILE A 62 -6.65 5.82 2.28
N ASP A 63 -7.17 5.11 3.27
CA ASP A 63 -7.85 5.73 4.39
C ASP A 63 -6.87 6.00 5.53
N ALA A 64 -7.39 6.51 6.65
CA ALA A 64 -6.56 6.81 7.81
C ALA A 64 -7.35 6.65 9.10
N GLN A 65 -7.74 5.42 9.41
CA GLN A 65 -8.50 5.14 10.62
C GLN A 65 -7.82 5.73 11.84
N PRO A 66 -8.59 5.89 12.93
CA PRO A 66 -8.07 6.45 14.19
C PRO A 66 -7.11 5.50 14.89
N GLY A 67 -5.95 6.03 15.28
CA GLY A 67 -4.96 5.21 15.97
C GLY A 67 -3.85 4.76 15.05
N GLY A 68 -3.47 5.62 14.11
CA GLY A 68 -2.41 5.29 13.18
C GLY A 68 -2.73 4.06 12.36
N TYR A 69 -4.02 3.85 12.08
CA TYR A 69 -4.45 2.69 11.30
C TYR A 69 -4.66 3.07 9.84
N HIS A 70 -3.59 2.95 9.05
CA HIS A 70 -3.65 3.27 7.62
C HIS A 70 -4.14 2.08 6.82
N VAL A 71 -5.35 2.19 6.27
CA VAL A 71 -5.94 1.11 5.48
C VAL A 71 -5.82 1.41 3.98
N LEU A 72 -5.46 0.40 3.21
CA LEU A 72 -5.31 0.54 1.77
C LEU A 72 -6.24 -0.40 1.03
N THR A 73 -7.15 0.16 0.25
CA THR A 73 -8.10 -0.63 -0.52
C THR A 73 -7.85 -0.51 -2.01
N LEU A 74 -6.99 -1.39 -2.53
CA LEU A 74 -6.65 -1.38 -3.95
C LEU A 74 -7.80 -1.94 -4.79
N ARG A 75 -8.68 -1.06 -5.25
CA ARG A 75 -9.81 -1.47 -6.06
C ARG A 75 -9.38 -1.76 -7.50
N GLN A 76 -10.08 -2.70 -8.13
CA GLN A 76 -9.76 -3.09 -9.51
C GLN A 76 -8.30 -3.52 -9.63
N LEU A 77 -7.95 -4.59 -8.94
CA LEU A 77 -6.58 -5.11 -8.97
C LEU A 77 -6.38 -6.03 -10.17
N ALA A 78 -5.17 -6.55 -10.30
CA ALA A 78 -4.84 -7.46 -11.40
C ALA A 78 -3.89 -8.57 -10.94
N LEU A 79 -3.89 -9.67 -11.68
CA LEU A 79 -3.03 -10.80 -11.35
C LEU A 79 -1.57 -10.39 -11.35
N LYS A 80 -1.25 -9.31 -12.05
CA LYS A 80 0.12 -8.81 -12.13
C LYS A 80 0.46 -7.97 -10.90
N ASP A 81 -0.50 -7.83 -9.99
CA ASP A 81 -0.30 -7.07 -8.77
C ASP A 81 0.17 -7.97 -7.63
N SER A 82 -0.10 -9.27 -7.77
CA SER A 82 0.28 -10.24 -6.76
C SER A 82 1.77 -10.11 -6.41
N GLY A 83 2.04 -9.65 -5.20
CA GLY A 83 3.42 -9.47 -4.76
C GLY A 83 3.54 -9.30 -3.27
N THR A 84 3.98 -8.14 -2.83
CA THR A 84 4.15 -7.86 -1.41
C THR A 84 4.12 -6.35 -1.14
N ILE A 85 3.11 -5.91 -0.40
CA ILE A 85 2.97 -4.50 -0.06
C ILE A 85 4.11 -4.03 0.82
N TYR A 86 4.88 -3.05 0.32
CA TYR A 86 6.00 -2.51 1.06
C TYR A 86 5.69 -1.12 1.60
N PHE A 87 4.98 -1.07 2.73
CA PHE A 87 4.61 0.20 3.35
C PHE A 87 5.86 0.99 3.74
N GLU A 88 5.72 2.32 3.75
CA GLU A 88 6.84 3.19 4.11
C GLU A 88 6.38 4.30 5.05
N ALA A 89 7.14 4.52 6.11
CA ALA A 89 6.81 5.56 7.09
C ALA A 89 7.99 5.85 8.01
N GLY A 90 8.75 6.90 7.68
CA GLY A 90 9.89 7.26 8.49
C GLY A 90 11.12 6.41 8.17
N ASP A 91 11.54 5.60 9.14
CA ASP A 91 12.69 4.73 8.96
C ASP A 91 12.29 3.26 9.05
N GLN A 92 11.00 3.00 8.89
CA GLN A 92 10.48 1.64 8.95
C GLN A 92 9.98 1.19 7.59
N ARG A 93 9.46 -0.03 7.53
CA ARG A 93 8.94 -0.58 6.28
C ARG A 93 8.25 -1.92 6.52
N ALA A 94 6.94 -1.95 6.30
CA ALA A 94 6.16 -3.17 6.49
C ALA A 94 6.27 -4.08 5.29
N SER A 95 5.73 -5.29 5.41
CA SER A 95 5.77 -6.27 4.32
C SER A 95 4.69 -7.33 4.51
N ALA A 96 3.69 -7.30 3.64
CA ALA A 96 2.59 -8.27 3.70
C ALA A 96 2.47 -9.04 2.39
N ALA A 97 2.13 -10.32 2.51
CA ALA A 97 1.97 -11.17 1.34
C ALA A 97 0.71 -10.82 0.55
N LEU A 98 0.88 -10.05 -0.52
CA LEU A 98 -0.25 -9.63 -1.35
C LEU A 98 -0.54 -10.68 -2.42
N ARG A 99 -1.50 -11.56 -2.15
CA ARG A 99 -1.87 -12.60 -3.08
C ARG A 99 -3.12 -12.19 -3.88
N VAL A 100 -3.13 -12.54 -5.16
CA VAL A 100 -4.25 -12.21 -6.02
C VAL A 100 -4.44 -13.26 -7.11
N THR A 101 -5.47 -14.10 -6.96
CA THR A 101 -5.75 -15.15 -7.92
C THR A 101 -6.72 -14.66 -9.00
N GLU A 102 -6.93 -15.49 -10.02
CA GLU A 102 -7.83 -15.14 -11.11
C GLU A 102 -9.20 -14.74 -10.57
N LYS A 103 -10.03 -14.18 -11.45
CA LYS A 103 -11.37 -13.74 -11.06
C LYS A 103 -12.41 -14.21 -12.08
N PRO A 104 -13.67 -14.30 -11.64
CA PRO A 104 -14.77 -14.74 -12.49
C PRO A 104 -15.12 -13.70 -13.56
N SER A 105 -14.92 -12.43 -13.23
CA SER A 105 -15.21 -11.36 -14.17
C SER A 105 -14.52 -10.06 -13.73
N VAL A 106 -14.20 -9.22 -14.71
CA VAL A 106 -13.54 -7.94 -14.42
C VAL A 106 -13.58 -7.03 -15.65
N PHE A 107 -13.60 -5.73 -15.39
CA PHE A 107 -13.64 -4.74 -16.47
C PHE A 107 -12.23 -4.38 -16.92
N SER A 108 -11.52 -3.62 -16.11
CA SER A 108 -10.16 -3.20 -16.44
C SER A 108 -9.57 -2.34 -15.33
N ARG A 109 -8.30 -2.57 -15.01
CA ARG A 109 -7.62 -1.82 -13.97
C ARG A 109 -6.96 -0.57 -14.54
N SER A 110 -5.85 -0.76 -15.25
CA SER A 110 -5.13 0.35 -15.85
C SER A 110 -4.49 -0.06 -17.17
N GLY A 111 -4.90 0.60 -18.26
CA GLY A 111 -4.36 0.30 -19.56
C GLY A 111 -5.28 0.75 -20.68
N PRO A 112 -4.84 0.55 -21.93
CA PRO A 112 -5.60 0.93 -23.12
C PRO A 112 -6.84 0.06 -23.31
N SER A 113 -7.70 0.46 -24.25
CA SER A 113 -8.92 -0.28 -24.53
C SER A 113 -8.93 -0.80 -25.97
N SER A 114 -8.83 -2.12 -26.12
CA SER A 114 -8.82 -2.73 -27.44
C SER A 114 -10.19 -3.29 -27.79
N GLY A 115 -10.80 -2.77 -28.85
CA GLY A 115 -12.11 -3.24 -29.27
C GLY A 115 -12.94 -2.13 -29.90
N GLY A 1 23.62 12.41 -18.15
CA GLY A 1 24.30 12.68 -16.89
C GLY A 1 23.40 12.43 -15.69
N SER A 2 23.89 11.63 -14.75
CA SER A 2 23.12 11.30 -13.55
C SER A 2 24.00 10.60 -12.51
N SER A 3 23.88 11.03 -11.26
CA SER A 3 24.67 10.44 -10.18
C SER A 3 23.82 10.27 -8.92
N GLY A 4 24.43 9.70 -7.88
CA GLY A 4 23.71 9.48 -6.64
C GLY A 4 24.48 10.00 -5.44
N SER A 5 23.88 9.85 -4.25
CA SER A 5 24.52 10.32 -3.02
C SER A 5 23.80 9.75 -1.80
N SER A 6 24.59 9.27 -0.83
CA SER A 6 24.03 8.70 0.38
C SER A 6 23.85 9.77 1.45
N GLY A 7 23.08 9.44 2.49
CA GLY A 7 22.84 10.39 3.57
C GLY A 7 21.48 11.04 3.48
N LEU A 8 20.60 10.70 4.42
CA LEU A 8 19.25 11.25 4.44
C LEU A 8 18.83 11.61 5.87
N VAL A 9 17.89 12.54 5.99
CA VAL A 9 17.40 12.96 7.29
C VAL A 9 16.39 11.97 7.85
N GLN A 10 16.58 11.60 9.11
CA GLN A 10 15.68 10.66 9.77
C GLN A 10 14.40 11.34 10.23
N GLY A 11 14.53 12.59 10.69
CA GLY A 11 13.38 13.33 11.16
C GLY A 11 12.60 12.59 12.23
N ARG A 12 11.29 12.54 12.08
CA ARG A 12 10.43 11.86 13.04
C ARG A 12 10.73 10.37 13.08
N ARG A 13 10.43 9.73 14.21
CA ARG A 13 10.68 8.31 14.37
C ARG A 13 9.37 7.51 14.25
N VAL A 14 9.41 6.42 13.49
CA VAL A 14 8.24 5.58 13.29
C VAL A 14 8.45 4.19 13.88
N HIS A 15 7.42 3.67 14.53
CA HIS A 15 7.49 2.36 15.15
C HIS A 15 6.29 1.49 14.74
N ILE A 16 6.53 0.56 13.84
CA ILE A 16 5.48 -0.33 13.37
C ILE A 16 4.79 -1.04 14.53
N ILE A 17 3.62 -0.54 14.91
CA ILE A 17 2.87 -1.13 16.01
C ILE A 17 2.22 -2.45 15.59
N GLU A 18 1.35 -2.39 14.59
CA GLU A 18 0.67 -3.59 14.10
C GLU A 18 0.89 -3.75 12.60
N ASP A 19 2.05 -4.28 12.23
CA ASP A 19 2.39 -4.49 10.83
C ASP A 19 1.28 -5.26 10.11
N LEU A 20 1.26 -5.17 8.79
CA LEU A 20 0.25 -5.86 7.98
C LEU A 20 0.22 -7.35 8.30
N GLU A 21 -0.71 -8.06 7.68
CA GLU A 21 -0.84 -9.50 7.90
C GLU A 21 -0.73 -10.25 6.57
N ASP A 22 -1.78 -10.21 5.78
CA ASP A 22 -1.80 -10.90 4.49
C ASP A 22 -3.14 -10.70 3.79
N VAL A 23 -3.16 -10.92 2.48
CA VAL A 23 -4.38 -10.77 1.69
C VAL A 23 -4.38 -11.71 0.49
N ASP A 24 -5.53 -12.31 0.22
CA ASP A 24 -5.66 -13.24 -0.90
C ASP A 24 -7.07 -13.19 -1.48
N VAL A 25 -7.22 -12.51 -2.61
CA VAL A 25 -8.52 -12.38 -3.27
C VAL A 25 -8.36 -12.28 -4.78
N GLN A 26 -9.44 -12.57 -5.51
CA GLN A 26 -9.42 -12.51 -6.96
C GLN A 26 -9.04 -11.12 -7.45
N GLU A 27 -8.36 -11.06 -8.59
CA GLU A 27 -7.95 -9.78 -9.16
C GLU A 27 -9.15 -8.91 -9.48
N GLY A 28 -8.96 -7.59 -9.40
CA GLY A 28 -10.04 -6.66 -9.68
C GLY A 28 -10.83 -6.29 -8.45
N SER A 29 -10.67 -7.07 -7.38
CA SER A 29 -11.37 -6.81 -6.14
C SER A 29 -10.63 -5.78 -5.29
N SER A 30 -11.13 -5.56 -4.08
CA SER A 30 -10.51 -4.59 -3.17
C SER A 30 -9.82 -5.30 -2.01
N ALA A 31 -8.49 -5.34 -2.05
CA ALA A 31 -7.71 -5.98 -1.00
C ALA A 31 -7.33 -4.99 0.09
N THR A 32 -7.97 -5.12 1.24
CA THR A 32 -7.71 -4.23 2.37
C THR A 32 -6.40 -4.58 3.06
N PHE A 33 -5.58 -3.57 3.33
CA PHE A 33 -4.29 -3.78 3.98
C PHE A 33 -4.15 -2.88 5.21
N ARG A 34 -4.64 -3.35 6.35
CA ARG A 34 -4.57 -2.59 7.59
C ARG A 34 -3.19 -2.74 8.24
N CYS A 35 -2.72 -1.68 8.87
CA CYS A 35 -1.42 -1.68 9.54
C CYS A 35 -1.28 -0.49 10.47
N ARG A 36 -1.05 -0.77 11.75
CA ARG A 36 -0.89 0.29 12.75
C ARG A 36 0.57 0.73 12.84
N ILE A 37 0.80 2.02 12.64
CA ILE A 37 2.15 2.58 12.70
C ILE A 37 2.17 3.89 13.50
N SER A 38 3.13 4.00 14.40
CA SER A 38 3.26 5.20 15.23
C SER A 38 4.20 6.21 14.57
N PRO A 39 3.98 7.50 14.86
CA PRO A 39 2.90 7.93 15.75
C PRO A 39 1.52 7.74 15.13
N ALA A 40 0.48 8.02 15.91
CA ALA A 40 -0.89 7.87 15.43
C ALA A 40 -1.29 9.06 14.57
N ASN A 41 -0.38 10.00 14.39
CA ASN A 41 -0.64 11.19 13.58
C ASN A 41 0.43 11.36 12.51
N TYR A 42 0.94 10.24 12.00
CA TYR A 42 1.97 10.28 10.98
C TYR A 42 1.35 10.32 9.58
N GLU A 43 1.83 11.22 8.75
CA GLU A 43 1.33 11.37 7.39
C GLU A 43 2.04 12.50 6.65
N PRO A 44 1.99 12.47 5.32
CA PRO A 44 1.28 11.42 4.57
C PRO A 44 1.99 10.06 4.67
N VAL A 45 1.37 9.04 4.10
CA VAL A 45 1.95 7.69 4.13
C VAL A 45 2.22 7.19 2.72
N HIS A 46 3.27 6.39 2.57
CA HIS A 46 3.64 5.83 1.27
C HIS A 46 3.31 4.34 1.20
N TRP A 47 2.93 3.88 0.03
CA TRP A 47 2.60 2.48 -0.17
C TRP A 47 3.19 1.95 -1.47
N PHE A 48 3.85 0.80 -1.39
CA PHE A 48 4.47 0.19 -2.56
C PHE A 48 4.06 -1.27 -2.69
N LEU A 49 4.28 -1.84 -3.87
CA LEU A 49 3.93 -3.23 -4.12
C LEU A 49 4.97 -3.90 -5.03
N ASP A 50 5.78 -4.77 -4.45
CA ASP A 50 6.81 -5.47 -5.20
C ASP A 50 7.90 -4.50 -5.68
N LYS A 51 7.59 -3.76 -6.74
CA LYS A 51 8.54 -2.80 -7.30
C LYS A 51 7.80 -1.68 -8.03
N THR A 52 6.72 -1.20 -7.42
CA THR A 52 5.93 -0.13 -8.01
C THR A 52 5.21 0.68 -6.93
N PRO A 53 5.30 2.01 -7.03
CA PRO A 53 4.66 2.92 -6.07
C PRO A 53 3.13 2.92 -6.19
N LEU A 54 2.46 3.28 -5.11
CA LEU A 54 1.00 3.32 -5.10
C LEU A 54 0.50 4.65 -4.56
N HIS A 55 -0.50 5.21 -5.24
CA HIS A 55 -1.08 6.50 -4.83
C HIS A 55 -2.59 6.48 -4.98
N ALA A 56 -3.28 7.14 -4.06
CA ALA A 56 -4.74 7.20 -4.08
C ALA A 56 -5.24 7.74 -5.42
N ASN A 57 -6.26 7.09 -5.97
CA ASN A 57 -6.83 7.51 -7.25
C ASN A 57 -8.24 6.94 -7.43
N GLU A 58 -8.76 7.05 -8.64
CA GLU A 58 -10.09 6.56 -8.95
C GLU A 58 -10.25 5.11 -8.50
N LEU A 59 -9.15 4.36 -8.52
CA LEU A 59 -9.15 2.96 -8.12
C LEU A 59 -8.50 2.79 -6.75
N ASN A 60 -7.30 3.35 -6.60
CA ASN A 60 -6.57 3.26 -5.33
C ASN A 60 -7.29 4.02 -4.23
N GLU A 61 -7.33 3.42 -3.04
CA GLU A 61 -7.99 4.05 -1.89
C GLU A 61 -7.12 3.94 -0.64
N ILE A 62 -6.87 5.07 -0.01
CA ILE A 62 -6.05 5.11 1.20
C ILE A 62 -6.73 5.92 2.30
N ASP A 63 -7.18 5.23 3.34
CA ASP A 63 -7.84 5.88 4.46
C ASP A 63 -6.87 6.14 5.60
N ALA A 64 -7.37 6.72 6.68
CA ALA A 64 -6.54 7.02 7.84
C ALA A 64 -7.34 6.87 9.14
N GLN A 65 -7.71 5.64 9.46
CA GLN A 65 -8.48 5.37 10.67
C GLN A 65 -7.78 5.95 11.90
N PRO A 66 -8.54 6.12 12.99
CA PRO A 66 -8.02 6.67 14.25
C PRO A 66 -7.08 5.70 14.95
N GLY A 67 -5.93 6.21 15.38
CA GLY A 67 -4.95 5.37 16.06
C GLY A 67 -3.84 4.92 15.14
N GLY A 68 -3.47 5.77 14.19
CA GLY A 68 -2.41 5.42 13.25
C GLY A 68 -2.73 4.18 12.45
N TYR A 69 -4.01 4.00 12.12
CA TYR A 69 -4.45 2.85 11.35
C TYR A 69 -4.65 3.21 9.89
N HIS A 70 -3.61 3.05 9.08
CA HIS A 70 -3.68 3.37 7.66
C HIS A 70 -4.19 2.16 6.86
N VAL A 71 -5.39 2.29 6.33
CA VAL A 71 -5.99 1.21 5.54
C VAL A 71 -5.86 1.49 4.04
N LEU A 72 -5.45 0.46 3.30
CA LEU A 72 -5.28 0.60 1.85
C LEU A 72 -6.22 -0.35 1.10
N THR A 73 -7.17 0.21 0.37
CA THR A 73 -8.12 -0.58 -0.39
C THR A 73 -7.85 -0.48 -1.90
N LEU A 74 -6.99 -1.37 -2.39
CA LEU A 74 -6.65 -1.38 -3.80
C LEU A 74 -7.78 -1.96 -4.64
N ARG A 75 -8.63 -1.09 -5.18
CA ARG A 75 -9.75 -1.52 -5.99
C ARG A 75 -9.31 -1.78 -7.43
N GLN A 76 -9.97 -2.74 -8.08
CA GLN A 76 -9.65 -3.08 -9.46
C GLN A 76 -8.19 -3.51 -9.58
N LEU A 77 -7.84 -4.61 -8.91
CA LEU A 77 -6.47 -5.11 -8.95
C LEU A 77 -6.26 -6.01 -10.16
N ALA A 78 -5.06 -6.55 -10.29
CA ALA A 78 -4.72 -7.43 -11.41
C ALA A 78 -3.82 -8.57 -10.96
N LEU A 79 -3.82 -9.65 -11.73
CA LEU A 79 -3.01 -10.82 -11.41
C LEU A 79 -1.52 -10.45 -11.35
N LYS A 80 -1.16 -9.35 -12.01
CA LYS A 80 0.21 -8.88 -12.03
C LYS A 80 0.53 -8.07 -10.78
N ASP A 81 -0.45 -7.94 -9.90
CA ASP A 81 -0.27 -7.20 -8.65
C ASP A 81 0.20 -8.11 -7.53
N SER A 82 -0.06 -9.40 -7.69
CA SER A 82 0.34 -10.38 -6.68
C SER A 82 1.81 -10.23 -6.32
N GLY A 83 2.07 -9.71 -5.13
CA GLY A 83 3.45 -9.52 -4.69
C GLY A 83 3.56 -9.37 -3.18
N THR A 84 4.02 -8.21 -2.74
CA THR A 84 4.18 -7.93 -1.31
C THR A 84 4.15 -6.44 -1.02
N ILE A 85 3.10 -5.99 -0.34
CA ILE A 85 2.96 -4.58 0.00
C ILE A 85 4.13 -4.10 0.85
N TYR A 86 4.86 -3.11 0.35
CA TYR A 86 6.01 -2.56 1.06
C TYR A 86 5.69 -1.17 1.60
N PHE A 87 4.91 -1.13 2.67
CA PHE A 87 4.55 0.14 3.29
C PHE A 87 5.78 0.94 3.70
N GLU A 88 5.64 2.26 3.72
CA GLU A 88 6.75 3.13 4.09
C GLU A 88 6.29 4.22 5.06
N ALA A 89 7.09 4.46 6.09
CA ALA A 89 6.76 5.47 7.09
C ALA A 89 7.97 5.77 7.97
N GLY A 90 8.70 6.83 7.62
CA GLY A 90 9.87 7.20 8.40
C GLY A 90 11.09 6.35 8.07
N ASP A 91 11.55 5.58 9.04
CA ASP A 91 12.71 4.71 8.85
C ASP A 91 12.32 3.24 8.96
N GLN A 92 11.04 2.96 8.72
CA GLN A 92 10.54 1.59 8.79
C GLN A 92 9.92 1.16 7.46
N ARG A 93 9.47 -0.08 7.40
CA ARG A 93 8.85 -0.62 6.19
C ARG A 93 8.16 -1.94 6.47
N ALA A 94 6.85 -1.97 6.28
CA ALA A 94 6.07 -3.18 6.50
C ALA A 94 6.15 -4.13 5.30
N SER A 95 5.67 -5.35 5.49
CA SER A 95 5.70 -6.35 4.43
C SER A 95 4.58 -7.37 4.61
N ALA A 96 3.63 -7.37 3.69
CA ALA A 96 2.51 -8.29 3.74
C ALA A 96 2.38 -9.08 2.44
N ALA A 97 2.06 -10.38 2.56
CA ALA A 97 1.91 -11.24 1.40
C ALA A 97 0.66 -10.88 0.61
N LEU A 98 0.86 -10.12 -0.47
CA LEU A 98 -0.26 -9.71 -1.32
C LEU A 98 -0.53 -10.74 -2.41
N ARG A 99 -1.45 -11.65 -2.13
CA ARG A 99 -1.81 -12.69 -3.10
C ARG A 99 -3.05 -12.30 -3.90
N VAL A 100 -3.04 -12.61 -5.19
CA VAL A 100 -4.16 -12.29 -6.06
C VAL A 100 -4.33 -13.34 -7.15
N THR A 101 -5.45 -14.06 -7.10
CA THR A 101 -5.73 -15.11 -8.09
C THR A 101 -6.69 -14.61 -9.15
N GLU A 102 -6.93 -15.44 -10.16
CA GLU A 102 -7.84 -15.08 -11.25
C GLU A 102 -9.23 -14.72 -10.70
N LYS A 103 -10.05 -14.11 -11.54
CA LYS A 103 -11.39 -13.71 -11.15
C LYS A 103 -12.42 -14.16 -12.19
N PRO A 104 -13.67 -14.35 -11.75
CA PRO A 104 -14.76 -14.77 -12.62
C PRO A 104 -15.17 -13.69 -13.62
N SER A 105 -15.00 -12.44 -13.23
CA SER A 105 -15.36 -11.31 -14.10
C SER A 105 -14.12 -10.81 -14.85
N VAL A 106 -14.04 -11.16 -16.12
CA VAL A 106 -12.92 -10.74 -16.96
C VAL A 106 -12.64 -9.26 -16.79
N PHE A 107 -11.35 -8.91 -16.70
CA PHE A 107 -10.95 -7.51 -16.54
C PHE A 107 -9.43 -7.38 -16.63
N SER A 108 -8.94 -6.16 -16.47
CA SER A 108 -7.51 -5.89 -16.54
C SER A 108 -7.18 -4.56 -15.88
N ARG A 109 -6.09 -4.54 -15.11
CA ARG A 109 -5.66 -3.32 -14.42
C ARG A 109 -4.60 -2.59 -15.23
N SER A 110 -5.06 -1.74 -16.15
CA SER A 110 -4.14 -0.97 -17.00
C SER A 110 -4.87 0.17 -17.69
N GLY A 111 -4.12 1.19 -18.10
CA GLY A 111 -4.72 2.34 -18.76
C GLY A 111 -3.94 3.61 -18.54
N PRO A 112 -2.76 3.71 -19.15
CA PRO A 112 -1.90 4.89 -19.03
C PRO A 112 -2.47 6.12 -19.72
N SER A 113 -3.24 5.88 -20.78
CA SER A 113 -3.86 6.96 -21.54
C SER A 113 -5.18 6.51 -22.16
N SER A 114 -6.09 7.47 -22.34
CA SER A 114 -7.39 7.17 -22.93
C SER A 114 -8.10 6.08 -22.14
N GLY A 115 -7.82 6.00 -20.84
CA GLY A 115 -8.44 5.00 -20.00
C GLY A 115 -8.73 5.51 -18.60
N GLY A 1 11.61 21.73 15.00
CA GLY A 1 12.10 20.42 14.60
C GLY A 1 12.31 20.31 13.11
N SER A 2 11.29 19.82 12.39
CA SER A 2 11.38 19.65 10.95
C SER A 2 10.75 20.85 10.23
N SER A 3 11.14 21.05 8.98
CA SER A 3 10.62 22.16 8.19
C SER A 3 10.00 21.65 6.89
N GLY A 4 10.84 21.13 6.00
CA GLY A 4 10.37 20.62 4.73
C GLY A 4 11.31 20.92 3.59
N SER A 5 12.57 20.50 3.74
CA SER A 5 13.58 20.74 2.72
C SER A 5 14.15 19.41 2.21
N SER A 6 14.57 19.41 0.95
CA SER A 6 15.14 18.21 0.34
C SER A 6 16.55 17.94 0.88
N GLY A 7 16.63 17.05 1.86
CA GLY A 7 17.92 16.72 2.44
C GLY A 7 17.91 16.81 3.95
N LEU A 8 17.91 15.67 4.61
CA LEU A 8 17.91 15.61 6.08
C LEU A 8 18.58 14.35 6.59
N VAL A 9 19.44 14.51 7.59
CA VAL A 9 20.16 13.38 8.17
C VAL A 9 19.19 12.38 8.80
N GLN A 10 18.19 12.90 9.49
CA GLN A 10 17.19 12.06 10.15
C GLN A 10 16.09 12.90 10.76
N GLY A 11 14.84 12.51 10.49
CA GLY A 11 13.71 13.24 11.03
C GLY A 11 13.00 12.49 12.13
N ARG A 12 11.67 12.56 12.15
CA ARG A 12 10.88 11.89 13.17
C ARG A 12 11.24 10.40 13.24
N ARG A 13 10.71 9.72 14.25
CA ARG A 13 10.98 8.30 14.44
C ARG A 13 9.69 7.49 14.40
N VAL A 14 9.60 6.55 13.47
CA VAL A 14 8.41 5.72 13.33
C VAL A 14 8.66 4.32 13.90
N HIS A 15 7.65 3.77 14.58
CA HIS A 15 7.76 2.45 15.18
C HIS A 15 6.57 1.58 14.78
N ILE A 16 6.83 0.57 13.95
CA ILE A 16 5.77 -0.34 13.50
C ILE A 16 5.08 -1.01 14.67
N ILE A 17 3.87 -0.56 14.98
CA ILE A 17 3.10 -1.13 16.08
C ILE A 17 2.43 -2.44 15.67
N GLU A 18 1.55 -2.35 14.67
CA GLU A 18 0.84 -3.53 14.19
C GLU A 18 1.04 -3.71 12.68
N ASP A 19 2.16 -4.32 12.31
CA ASP A 19 2.48 -4.54 10.91
C ASP A 19 1.34 -5.29 10.22
N LEU A 20 1.31 -5.20 8.89
CA LEU A 20 0.27 -5.86 8.10
C LEU A 20 0.25 -7.36 8.39
N GLU A 21 -0.69 -8.06 7.76
CA GLU A 21 -0.82 -9.51 7.95
C GLU A 21 -0.71 -10.24 6.62
N ASP A 22 -1.76 -10.19 5.83
CA ASP A 22 -1.78 -10.85 4.53
C ASP A 22 -3.12 -10.65 3.83
N VAL A 23 -3.14 -10.87 2.52
CA VAL A 23 -4.37 -10.73 1.74
C VAL A 23 -4.39 -11.68 0.55
N ASP A 24 -5.57 -12.19 0.23
CA ASP A 24 -5.72 -13.11 -0.89
C ASP A 24 -7.14 -13.03 -1.47
N VAL A 25 -7.27 -12.39 -2.63
CA VAL A 25 -8.56 -12.25 -3.29
C VAL A 25 -8.41 -12.22 -4.80
N GLN A 26 -9.50 -12.50 -5.50
CA GLN A 26 -9.48 -12.51 -6.96
C GLN A 26 -9.13 -11.14 -7.51
N GLU A 27 -8.26 -11.11 -8.52
CA GLU A 27 -7.84 -9.86 -9.14
C GLU A 27 -9.04 -9.01 -9.52
N GLY A 28 -8.88 -7.69 -9.46
CA GLY A 28 -9.96 -6.79 -9.80
C GLY A 28 -10.79 -6.39 -8.59
N SER A 29 -10.66 -7.16 -7.51
CA SER A 29 -11.41 -6.88 -6.29
C SER A 29 -10.71 -5.81 -5.44
N SER A 30 -11.26 -5.55 -4.27
CA SER A 30 -10.69 -4.55 -3.37
C SER A 30 -9.96 -5.22 -2.21
N ALA A 31 -8.63 -5.27 -2.32
CA ALA A 31 -7.81 -5.88 -1.28
C ALA A 31 -7.47 -4.87 -0.18
N THR A 32 -8.02 -5.08 1.00
CA THR A 32 -7.78 -4.19 2.13
C THR A 32 -6.48 -4.54 2.84
N PHE A 33 -5.71 -3.52 3.19
CA PHE A 33 -4.43 -3.72 3.87
C PHE A 33 -4.32 -2.79 5.08
N ARG A 34 -4.69 -3.31 6.25
CA ARG A 34 -4.62 -2.53 7.49
C ARG A 34 -3.25 -2.65 8.12
N CYS A 35 -2.86 -1.63 8.89
CA CYS A 35 -1.57 -1.62 9.56
C CYS A 35 -1.47 -0.43 10.52
N ARG A 36 -1.04 -0.70 11.74
CA ARG A 36 -0.90 0.35 12.75
C ARG A 36 0.56 0.75 12.90
N ILE A 37 0.83 2.06 12.87
CA ILE A 37 2.17 2.57 13.01
C ILE A 37 2.20 3.85 13.85
N SER A 38 3.26 4.03 14.62
CA SER A 38 3.41 5.19 15.48
C SER A 38 4.32 6.23 14.84
N PRO A 39 4.03 7.52 15.06
CA PRO A 39 2.87 7.93 15.87
C PRO A 39 1.54 7.63 15.20
N ALA A 40 0.45 7.83 15.92
CA ALA A 40 -0.88 7.59 15.38
C ALA A 40 -1.33 8.75 14.49
N ASN A 41 -0.49 9.76 14.37
CA ASN A 41 -0.80 10.93 13.55
C ASN A 41 0.28 11.15 12.50
N TYR A 42 0.87 10.07 12.01
CA TYR A 42 1.92 10.14 11.00
C TYR A 42 1.32 10.22 9.61
N GLU A 43 1.81 11.14 8.80
CA GLU A 43 1.32 11.31 7.43
C GLU A 43 2.05 12.45 6.73
N PRO A 44 2.01 12.45 5.39
CA PRO A 44 1.32 11.41 4.62
C PRO A 44 2.03 10.06 4.72
N VAL A 45 1.43 9.04 4.10
CA VAL A 45 2.02 7.70 4.11
C VAL A 45 2.29 7.21 2.69
N HIS A 46 3.32 6.39 2.54
CA HIS A 46 3.69 5.85 1.25
C HIS A 46 3.36 4.37 1.16
N TRP A 47 3.00 3.91 -0.03
CA TRP A 47 2.65 2.51 -0.26
C TRP A 47 3.28 1.99 -1.54
N PHE A 48 3.90 0.81 -1.46
CA PHE A 48 4.54 0.21 -2.62
C PHE A 48 4.14 -1.26 -2.76
N LEU A 49 4.37 -1.82 -3.94
CA LEU A 49 4.04 -3.22 -4.20
C LEU A 49 5.11 -3.89 -5.05
N ASP A 50 5.94 -4.71 -4.41
CA ASP A 50 7.01 -5.41 -5.11
C ASP A 50 8.05 -4.43 -5.64
N LYS A 51 7.75 -3.82 -6.77
CA LYS A 51 8.67 -2.86 -7.38
C LYS A 51 7.89 -1.75 -8.09
N THR A 52 6.80 -1.31 -7.48
CA THR A 52 5.98 -0.25 -8.07
C THR A 52 5.25 0.53 -6.98
N PRO A 53 5.29 1.86 -7.09
CA PRO A 53 4.63 2.76 -6.13
C PRO A 53 3.11 2.70 -6.23
N LEU A 54 2.43 3.14 -5.17
CA LEU A 54 0.98 3.14 -5.14
C LEU A 54 0.44 4.47 -4.62
N HIS A 55 -0.49 5.05 -5.36
CA HIS A 55 -1.08 6.33 -4.97
C HIS A 55 -2.61 6.26 -5.03
N ALA A 56 -3.26 7.06 -4.18
CA ALA A 56 -4.72 7.09 -4.14
C ALA A 56 -5.30 7.69 -5.41
N ASN A 57 -6.36 7.08 -5.91
CA ASN A 57 -7.02 7.56 -7.12
C ASN A 57 -8.44 7.00 -7.23
N GLU A 58 -9.06 7.23 -8.38
CA GLU A 58 -10.43 6.76 -8.61
C GLU A 58 -10.56 5.28 -8.23
N LEU A 59 -9.47 4.54 -8.37
CA LEU A 59 -9.47 3.12 -8.04
C LEU A 59 -8.82 2.87 -6.69
N ASN A 60 -7.57 3.27 -6.56
CA ASN A 60 -6.83 3.10 -5.31
C ASN A 60 -7.47 3.91 -4.19
N GLU A 61 -7.61 3.29 -3.02
CA GLU A 61 -8.21 3.95 -1.86
C GLU A 61 -7.28 3.88 -0.65
N ILE A 62 -6.99 5.04 -0.06
CA ILE A 62 -6.12 5.12 1.10
C ILE A 62 -6.73 5.97 2.19
N ASP A 63 -7.21 5.34 3.25
CA ASP A 63 -7.82 6.05 4.37
C ASP A 63 -6.83 6.20 5.52
N ALA A 64 -7.29 6.80 6.61
CA ALA A 64 -6.44 7.02 7.77
C ALA A 64 -7.24 6.90 9.07
N GLN A 65 -7.68 5.68 9.37
CA GLN A 65 -8.45 5.42 10.58
C GLN A 65 -7.75 5.98 11.81
N PRO A 66 -8.52 6.17 12.90
CA PRO A 66 -7.99 6.70 14.16
C PRO A 66 -7.06 5.70 14.85
N GLY A 67 -5.93 6.20 15.34
CA GLY A 67 -4.98 5.33 16.03
C GLY A 67 -3.84 4.90 15.13
N GLY A 68 -3.66 5.60 14.02
CA GLY A 68 -2.60 5.26 13.08
C GLY A 68 -2.94 4.05 12.23
N TYR A 69 -4.23 3.82 12.02
CA TYR A 69 -4.68 2.69 11.22
C TYR A 69 -4.80 3.08 9.75
N HIS A 70 -3.77 2.76 8.97
CA HIS A 70 -3.76 3.07 7.55
C HIS A 70 -4.38 1.93 6.73
N VAL A 71 -5.54 2.21 6.15
CA VAL A 71 -6.24 1.22 5.35
C VAL A 71 -6.06 1.47 3.86
N LEU A 72 -5.68 0.44 3.12
CA LEU A 72 -5.47 0.56 1.68
C LEU A 72 -6.38 -0.40 0.92
N THR A 73 -7.37 0.16 0.23
CA THR A 73 -8.31 -0.65 -0.55
C THR A 73 -8.04 -0.52 -2.04
N LEU A 74 -7.16 -1.37 -2.56
CA LEU A 74 -6.82 -1.34 -3.97
C LEU A 74 -7.94 -1.94 -4.82
N ARG A 75 -8.76 -1.06 -5.39
CA ARG A 75 -9.88 -1.51 -6.22
C ARG A 75 -9.42 -1.79 -7.65
N GLN A 76 -10.05 -2.77 -8.29
CA GLN A 76 -9.70 -3.14 -9.65
C GLN A 76 -8.25 -3.57 -9.75
N LEU A 77 -7.89 -4.60 -8.99
CA LEU A 77 -6.52 -5.10 -8.99
C LEU A 77 -6.26 -5.99 -10.21
N ALA A 78 -5.06 -6.53 -10.30
CA ALA A 78 -4.68 -7.40 -11.41
C ALA A 78 -3.73 -8.50 -10.95
N LEU A 79 -3.67 -9.58 -11.72
CA LEU A 79 -2.81 -10.71 -11.40
C LEU A 79 -1.35 -10.28 -11.36
N LYS A 80 -1.05 -9.13 -11.99
CA LYS A 80 0.30 -8.61 -12.02
C LYS A 80 0.61 -7.81 -10.76
N ASP A 81 -0.34 -7.78 -9.84
CA ASP A 81 -0.17 -7.05 -8.58
C ASP A 81 0.25 -7.99 -7.47
N SER A 82 -0.07 -9.27 -7.62
CA SER A 82 0.28 -10.27 -6.62
C SER A 82 1.75 -10.20 -6.26
N GLY A 83 2.05 -9.68 -5.07
CA GLY A 83 3.43 -9.56 -4.63
C GLY A 83 3.54 -9.40 -3.13
N THR A 84 3.98 -8.22 -2.70
CA THR A 84 4.12 -7.94 -1.28
C THR A 84 4.08 -6.44 -1.00
N ILE A 85 3.01 -5.99 -0.34
CA ILE A 85 2.85 -4.59 -0.02
C ILE A 85 3.99 -4.08 0.86
N TYR A 86 4.74 -3.12 0.35
CA TYR A 86 5.87 -2.55 1.09
C TYR A 86 5.53 -1.16 1.62
N PHE A 87 4.93 -1.12 2.81
CA PHE A 87 4.55 0.15 3.42
C PHE A 87 5.79 0.94 3.86
N GLU A 88 5.69 2.26 3.79
CA GLU A 88 6.80 3.12 4.18
C GLU A 88 6.34 4.22 5.14
N ALA A 89 7.12 4.45 6.18
CA ALA A 89 6.79 5.46 7.17
C ALA A 89 8.00 5.78 8.06
N GLY A 90 8.70 6.85 7.73
CA GLY A 90 9.86 7.24 8.51
C GLY A 90 11.08 6.39 8.19
N ASP A 91 11.52 5.61 9.18
CA ASP A 91 12.68 4.75 9.00
C ASP A 91 12.28 3.27 9.10
N GLN A 92 10.98 3.02 9.01
CA GLN A 92 10.47 1.65 9.09
C GLN A 92 9.96 1.19 7.73
N ARG A 93 9.41 -0.03 7.70
CA ARG A 93 8.89 -0.59 6.46
C ARG A 93 8.16 -1.91 6.73
N ALA A 94 6.89 -1.97 6.38
CA ALA A 94 6.09 -3.17 6.58
C ALA A 94 6.15 -4.08 5.35
N SER A 95 5.67 -5.31 5.51
CA SER A 95 5.67 -6.28 4.42
C SER A 95 4.56 -7.31 4.61
N ALA A 96 3.57 -7.25 3.72
CA ALA A 96 2.44 -8.18 3.78
C ALA A 96 2.32 -8.99 2.49
N ALA A 97 2.00 -10.27 2.64
CA ALA A 97 1.86 -11.15 1.49
C ALA A 97 0.61 -10.80 0.68
N LEU A 98 0.81 -10.08 -0.42
CA LEU A 98 -0.30 -9.68 -1.28
C LEU A 98 -0.56 -10.73 -2.35
N ARG A 99 -1.54 -11.59 -2.09
CA ARG A 99 -1.89 -12.64 -3.05
C ARG A 99 -3.10 -12.24 -3.88
N VAL A 100 -3.07 -12.58 -5.17
CA VAL A 100 -4.16 -12.25 -6.08
C VAL A 100 -4.28 -13.29 -7.18
N THR A 101 -5.37 -14.06 -7.14
CA THR A 101 -5.61 -15.09 -8.14
C THR A 101 -6.56 -14.60 -9.23
N GLU A 102 -6.52 -15.25 -10.39
CA GLU A 102 -7.37 -14.87 -11.51
C GLU A 102 -8.84 -14.79 -11.07
N LYS A 103 -9.55 -13.80 -11.60
CA LYS A 103 -10.95 -13.61 -11.27
C LYS A 103 -11.85 -14.31 -12.28
N PRO A 104 -13.08 -14.62 -11.86
CA PRO A 104 -14.07 -15.30 -12.72
C PRO A 104 -14.57 -14.40 -13.84
N SER A 105 -14.64 -13.10 -13.58
CA SER A 105 -15.11 -12.14 -14.56
C SER A 105 -14.03 -11.89 -15.62
N VAL A 106 -14.26 -10.86 -16.44
CA VAL A 106 -13.30 -10.51 -17.50
C VAL A 106 -12.65 -9.16 -17.22
N PHE A 107 -13.42 -8.25 -16.60
CA PHE A 107 -12.92 -6.92 -16.29
C PHE A 107 -11.58 -7.01 -15.56
N SER A 108 -10.65 -6.12 -15.93
CA SER A 108 -9.33 -6.09 -15.31
C SER A 108 -8.91 -4.65 -15.01
N ARG A 109 -7.63 -4.49 -14.65
CA ARG A 109 -7.10 -3.17 -14.33
C ARG A 109 -7.43 -2.17 -15.44
N SER A 110 -8.30 -1.21 -15.14
CA SER A 110 -8.69 -0.20 -16.11
C SER A 110 -7.68 0.93 -16.15
N GLY A 111 -6.98 1.13 -15.04
CA GLY A 111 -5.99 2.19 -14.96
C GLY A 111 -4.57 1.66 -14.84
N PRO A 112 -4.02 1.16 -15.96
CA PRO A 112 -2.67 0.61 -16.00
C PRO A 112 -1.60 1.67 -15.83
N SER A 113 -1.99 2.93 -16.01
CA SER A 113 -1.06 4.05 -15.87
C SER A 113 -1.81 5.37 -15.79
N SER A 114 -1.64 6.08 -14.68
CA SER A 114 -2.30 7.36 -14.47
C SER A 114 -1.34 8.37 -13.85
N GLY A 115 -1.86 9.57 -13.57
CA GLY A 115 -1.03 10.61 -12.97
C GLY A 115 -1.70 11.97 -13.02
N GLY A 1 2.99 13.59 -17.02
CA GLY A 1 3.08 12.92 -15.74
C GLY A 1 4.36 12.12 -15.59
N SER A 2 4.85 12.00 -14.36
CA SER A 2 6.07 11.25 -14.09
C SER A 2 5.89 10.33 -12.89
N SER A 3 6.90 9.52 -12.62
CA SER A 3 6.86 8.58 -11.50
C SER A 3 8.24 8.39 -10.89
N GLY A 4 8.29 8.26 -9.57
CA GLY A 4 9.55 8.08 -8.88
C GLY A 4 9.61 8.82 -7.56
N SER A 5 10.55 8.44 -6.71
CA SER A 5 10.70 9.06 -5.40
C SER A 5 12.12 9.60 -5.22
N SER A 6 12.30 10.41 -4.18
CA SER A 6 13.60 11.00 -3.90
C SER A 6 14.36 10.18 -2.85
N GLY A 7 13.83 10.14 -1.63
CA GLY A 7 14.47 9.39 -0.57
C GLY A 7 13.55 9.18 0.62
N LEU A 8 14.14 9.01 1.80
CA LEU A 8 13.37 8.79 3.02
C LEU A 8 13.60 9.91 4.02
N VAL A 9 12.55 10.65 4.34
CA VAL A 9 12.64 11.76 5.28
C VAL A 9 13.17 11.28 6.64
N GLN A 10 13.27 12.21 7.58
CA GLN A 10 13.77 11.88 8.91
C GLN A 10 12.98 12.64 9.98
N GLY A 11 13.41 12.51 11.23
CA GLY A 11 12.75 13.19 12.32
C GLY A 11 12.03 12.22 13.25
N ARG A 12 10.72 12.41 13.39
CA ARG A 12 9.91 11.55 14.25
C ARG A 12 10.14 10.08 13.92
N ARG A 13 10.70 9.34 14.88
CA ARG A 13 10.97 7.92 14.68
C ARG A 13 9.67 7.13 14.61
N VAL A 14 9.50 6.38 13.53
CA VAL A 14 8.30 5.56 13.34
C VAL A 14 8.49 4.16 13.89
N HIS A 15 7.47 3.65 14.58
CA HIS A 15 7.53 2.32 15.17
C HIS A 15 6.35 1.47 14.70
N ILE A 16 6.64 0.42 13.94
CA ILE A 16 5.60 -0.46 13.42
C ILE A 16 4.86 -1.14 14.56
N ILE A 17 3.71 -0.57 14.95
CA ILE A 17 2.90 -1.13 16.02
C ILE A 17 2.25 -2.44 15.60
N GLU A 18 1.37 -2.36 14.60
CA GLU A 18 0.67 -3.54 14.10
C GLU A 18 0.89 -3.71 12.60
N ASP A 19 2.04 -4.27 12.24
CA ASP A 19 2.37 -4.48 10.83
C ASP A 19 1.25 -5.22 10.11
N LEU A 20 1.21 -5.08 8.79
CA LEU A 20 0.18 -5.73 7.99
C LEU A 20 0.14 -7.23 8.26
N GLU A 21 -0.83 -7.91 7.67
CA GLU A 21 -0.98 -9.35 7.84
C GLU A 21 -0.83 -10.08 6.51
N ASP A 22 -1.87 -10.03 5.69
CA ASP A 22 -1.85 -10.68 4.39
C ASP A 22 -3.17 -10.47 3.65
N VAL A 23 -3.17 -10.74 2.36
CA VAL A 23 -4.37 -10.59 1.54
C VAL A 23 -4.38 -11.57 0.37
N ASP A 24 -5.55 -12.07 0.03
CA ASP A 24 -5.70 -13.01 -1.07
C ASP A 24 -7.11 -12.97 -1.65
N VAL A 25 -7.25 -12.35 -2.81
CA VAL A 25 -8.55 -12.25 -3.48
C VAL A 25 -8.39 -12.21 -4.99
N GLN A 26 -9.47 -12.53 -5.70
CA GLN A 26 -9.45 -12.54 -7.16
C GLN A 26 -9.11 -11.16 -7.71
N GLU A 27 -8.28 -11.14 -8.74
CA GLU A 27 -7.87 -9.88 -9.36
C GLU A 27 -9.08 -9.01 -9.70
N GLY A 28 -8.90 -7.70 -9.64
CA GLY A 28 -9.98 -6.79 -9.93
C GLY A 28 -10.75 -6.37 -8.70
N SER A 29 -10.72 -7.22 -7.68
CA SER A 29 -11.43 -6.94 -6.43
C SER A 29 -10.66 -5.91 -5.60
N SER A 30 -11.17 -5.65 -4.39
CA SER A 30 -10.54 -4.69 -3.50
C SER A 30 -9.82 -5.40 -2.36
N ALA A 31 -8.50 -5.19 -2.27
CA ALA A 31 -7.70 -5.81 -1.23
C ALA A 31 -7.35 -4.80 -0.13
N THR A 32 -7.97 -4.94 1.02
CA THR A 32 -7.73 -4.04 2.14
C THR A 32 -6.44 -4.40 2.86
N PHE A 33 -5.64 -3.38 3.17
CA PHE A 33 -4.37 -3.60 3.86
C PHE A 33 -4.25 -2.70 5.09
N ARG A 34 -4.73 -3.18 6.23
CA ARG A 34 -4.68 -2.41 7.46
C ARG A 34 -3.30 -2.51 8.12
N CYS A 35 -2.96 -1.51 8.92
CA CYS A 35 -1.66 -1.48 9.60
C CYS A 35 -1.61 -0.34 10.61
N ARG A 36 -0.95 -0.60 11.73
CA ARG A 36 -0.82 0.41 12.78
C ARG A 36 0.63 0.86 12.93
N ILE A 37 0.89 2.12 12.60
CA ILE A 37 2.23 2.67 12.70
C ILE A 37 2.24 3.97 13.49
N SER A 38 3.15 4.09 14.44
CA SER A 38 3.26 5.28 15.27
C SER A 38 4.25 6.27 14.67
N PRO A 39 4.04 7.57 14.94
CA PRO A 39 2.92 8.02 15.78
C PRO A 39 1.57 7.85 15.09
N ALA A 40 0.49 8.04 15.84
CA ALA A 40 -0.85 7.90 15.31
C ALA A 40 -1.23 9.11 14.45
N ASN A 41 -0.34 10.10 14.41
CA ASN A 41 -0.57 11.31 13.63
C ASN A 41 0.47 11.46 12.54
N TYR A 42 0.96 10.33 12.02
CA TYR A 42 1.97 10.35 10.97
C TYR A 42 1.32 10.34 9.59
N GLU A 43 1.74 11.25 8.73
CA GLU A 43 1.21 11.36 7.38
C GLU A 43 1.85 12.50 6.62
N PRO A 44 1.77 12.45 5.28
CA PRO A 44 1.09 11.36 4.58
C PRO A 44 1.86 10.04 4.68
N VAL A 45 1.27 8.98 4.12
CA VAL A 45 1.90 7.67 4.14
C VAL A 45 2.23 7.18 2.74
N HIS A 46 3.26 6.35 2.63
CA HIS A 46 3.68 5.81 1.33
C HIS A 46 3.39 4.31 1.25
N TRP A 47 2.96 3.87 0.07
CA TRP A 47 2.65 2.46 -0.15
C TRP A 47 3.28 1.95 -1.44
N PHE A 48 3.84 0.75 -1.40
CA PHE A 48 4.47 0.16 -2.57
C PHE A 48 4.05 -1.30 -2.73
N LEU A 49 4.27 -1.84 -3.93
CA LEU A 49 3.91 -3.22 -4.22
C LEU A 49 4.97 -3.88 -5.09
N ASP A 50 5.79 -4.73 -4.49
CA ASP A 50 6.84 -5.43 -5.21
C ASP A 50 7.90 -4.46 -5.70
N LYS A 51 7.60 -3.76 -6.80
CA LYS A 51 8.53 -2.80 -7.38
C LYS A 51 7.79 -1.65 -8.05
N THR A 52 6.70 -1.21 -7.42
CA THR A 52 5.89 -0.13 -7.97
C THR A 52 5.10 0.57 -6.87
N PRO A 53 5.18 1.92 -6.84
CA PRO A 53 4.48 2.73 -5.84
C PRO A 53 2.97 2.72 -6.05
N LEU A 54 2.22 2.99 -4.98
CA LEU A 54 0.77 3.02 -5.05
C LEU A 54 0.22 4.30 -4.43
N HIS A 55 -0.70 4.95 -5.14
CA HIS A 55 -1.30 6.19 -4.66
C HIS A 55 -2.79 6.23 -5.01
N ALA A 56 -3.57 6.86 -4.14
CA ALA A 56 -5.01 6.97 -4.35
C ALA A 56 -5.31 7.66 -5.69
N ASN A 57 -5.87 6.89 -6.62
CA ASN A 57 -6.21 7.42 -7.93
C ASN A 57 -7.47 6.76 -8.48
N GLU A 58 -8.63 7.20 -7.99
CA GLU A 58 -9.90 6.64 -8.43
C GLU A 58 -10.12 5.24 -7.85
N LEU A 59 -9.26 4.30 -8.24
CA LEU A 59 -9.35 2.93 -7.76
C LEU A 59 -8.67 2.78 -6.41
N ASN A 60 -7.37 3.04 -6.37
CA ASN A 60 -6.61 2.93 -5.13
C ASN A 60 -7.24 3.77 -4.03
N GLU A 61 -7.49 3.15 -2.88
CA GLU A 61 -8.09 3.84 -1.75
C GLU A 61 -7.14 3.85 -0.55
N ILE A 62 -6.96 5.02 0.05
CA ILE A 62 -6.08 5.15 1.22
C ILE A 62 -6.73 6.02 2.29
N ASP A 63 -7.19 5.37 3.36
CA ASP A 63 -7.83 6.09 4.46
C ASP A 63 -6.85 6.27 5.63
N ALA A 64 -7.31 6.94 6.68
CA ALA A 64 -6.48 7.18 7.84
C ALA A 64 -7.29 7.06 9.13
N GLN A 65 -7.70 5.84 9.45
CA GLN A 65 -8.49 5.59 10.66
C GLN A 65 -7.79 6.15 11.89
N PRO A 66 -8.56 6.35 12.96
CA PRO A 66 -8.04 6.89 14.23
C PRO A 66 -7.12 5.90 14.94
N GLY A 67 -6.03 6.40 15.50
CA GLY A 67 -5.10 5.55 16.20
C GLY A 67 -3.93 5.12 15.33
N GLY A 68 -3.71 5.85 14.24
CA GLY A 68 -2.63 5.51 13.33
C GLY A 68 -2.90 4.27 12.52
N TYR A 69 -4.16 4.08 12.13
CA TYR A 69 -4.56 2.92 11.34
C TYR A 69 -4.73 3.29 9.87
N HIS A 70 -3.67 3.10 9.10
CA HIS A 70 -3.70 3.41 7.67
C HIS A 70 -4.24 2.23 6.86
N VAL A 71 -5.39 2.43 6.23
CA VAL A 71 -6.01 1.38 5.43
C VAL A 71 -5.79 1.62 3.94
N LEU A 72 -5.43 0.56 3.22
CA LEU A 72 -5.18 0.66 1.79
C LEU A 72 -6.05 -0.33 1.02
N THR A 73 -7.11 0.17 0.39
CA THR A 73 -8.01 -0.68 -0.38
C THR A 73 -7.76 -0.54 -1.88
N LEU A 74 -6.91 -1.41 -2.41
CA LEU A 74 -6.58 -1.38 -3.84
C LEU A 74 -7.68 -2.04 -4.66
N ARG A 75 -8.52 -1.22 -5.29
CA ARG A 75 -9.61 -1.72 -6.10
C ARG A 75 -9.16 -1.92 -7.54
N GLN A 76 -9.90 -2.74 -8.28
CA GLN A 76 -9.57 -3.03 -9.67
C GLN A 76 -8.12 -3.48 -9.81
N LEU A 77 -7.79 -4.59 -9.16
CA LEU A 77 -6.44 -5.12 -9.20
C LEU A 77 -6.25 -6.03 -10.41
N ALA A 78 -5.06 -6.60 -10.54
CA ALA A 78 -4.75 -7.49 -11.65
C ALA A 78 -3.89 -8.66 -11.21
N LEU A 79 -3.89 -9.73 -11.98
CA LEU A 79 -3.10 -10.92 -11.66
C LEU A 79 -1.61 -10.59 -11.62
N LYS A 80 -1.25 -9.46 -12.22
CA LYS A 80 0.14 -9.03 -12.25
C LYS A 80 0.44 -8.06 -11.11
N ASP A 81 -0.37 -8.14 -10.06
CA ASP A 81 -0.19 -7.28 -8.89
C ASP A 81 0.28 -8.08 -7.68
N SER A 82 0.04 -9.39 -7.72
CA SER A 82 0.44 -10.26 -6.62
C SER A 82 1.91 -10.07 -6.28
N GLY A 83 2.17 -9.54 -5.09
CA GLY A 83 3.54 -9.31 -4.66
C GLY A 83 3.66 -9.20 -3.15
N THR A 84 4.08 -8.03 -2.68
CA THR A 84 4.25 -7.79 -1.25
C THR A 84 4.19 -6.31 -0.92
N ILE A 85 3.09 -5.90 -0.30
CA ILE A 85 2.91 -4.49 0.07
C ILE A 85 4.07 -4.00 0.92
N TYR A 86 4.85 -3.07 0.37
CA TYR A 86 5.99 -2.51 1.06
C TYR A 86 5.68 -1.13 1.63
N PHE A 87 4.98 -1.11 2.76
CA PHE A 87 4.60 0.15 3.39
C PHE A 87 5.84 0.96 3.77
N GLU A 88 5.69 2.29 3.79
CA GLU A 88 6.78 3.17 4.14
C GLU A 88 6.32 4.28 5.07
N ALA A 89 7.07 4.51 6.14
CA ALA A 89 6.75 5.55 7.11
C ALA A 89 7.93 5.86 8.01
N GLY A 90 8.67 6.91 7.67
CA GLY A 90 9.82 7.30 8.47
C GLY A 90 11.05 6.47 8.14
N ASP A 91 11.49 5.66 9.11
CA ASP A 91 12.66 4.82 8.92
C ASP A 91 12.29 3.34 9.03
N GLN A 92 11.01 3.05 8.82
CA GLN A 92 10.52 1.68 8.89
C GLN A 92 10.01 1.21 7.54
N ARG A 93 9.47 0.00 7.51
CA ARG A 93 8.94 -0.57 6.27
C ARG A 93 8.27 -1.92 6.53
N ALA A 94 6.96 -1.97 6.33
CA ALA A 94 6.20 -3.20 6.53
C ALA A 94 6.33 -4.13 5.34
N SER A 95 5.68 -5.28 5.43
CA SER A 95 5.72 -6.27 4.36
C SER A 95 4.61 -7.31 4.52
N ALA A 96 3.58 -7.20 3.70
CA ALA A 96 2.46 -8.13 3.75
C ALA A 96 2.35 -8.95 2.47
N ALA A 97 2.02 -10.22 2.60
CA ALA A 97 1.89 -11.11 1.46
C ALA A 97 0.64 -10.78 0.65
N LEU A 98 0.82 -10.02 -0.43
CA LEU A 98 -0.29 -9.64 -1.29
C LEU A 98 -0.50 -10.66 -2.41
N ARG A 99 -1.50 -11.51 -2.24
CA ARG A 99 -1.81 -12.53 -3.23
C ARG A 99 -3.05 -12.15 -4.03
N VAL A 100 -3.05 -12.54 -5.31
CA VAL A 100 -4.18 -12.23 -6.19
C VAL A 100 -4.40 -13.36 -7.20
N THR A 101 -5.46 -14.12 -7.01
CA THR A 101 -5.79 -15.23 -7.90
C THR A 101 -6.62 -14.75 -9.08
N GLU A 102 -6.81 -15.63 -10.06
CA GLU A 102 -7.58 -15.29 -11.25
C GLU A 102 -8.99 -14.84 -10.87
N LYS A 103 -9.69 -14.26 -11.84
CA LYS A 103 -11.06 -13.78 -11.61
C LYS A 103 -12.03 -14.44 -12.58
N PRO A 104 -13.31 -14.51 -12.18
CA PRO A 104 -14.36 -15.11 -13.00
C PRO A 104 -14.69 -14.27 -14.23
N SER A 105 -14.81 -12.96 -14.04
CA SER A 105 -15.13 -12.06 -15.14
C SER A 105 -15.35 -10.63 -14.62
N VAL A 106 -14.40 -9.75 -14.87
CA VAL A 106 -14.49 -8.37 -14.44
C VAL A 106 -13.29 -7.56 -14.90
N PHE A 107 -13.52 -6.28 -15.20
CA PHE A 107 -12.45 -5.39 -15.66
C PHE A 107 -11.26 -5.46 -14.72
N SER A 108 -10.09 -5.04 -15.21
CA SER A 108 -8.87 -5.06 -14.42
C SER A 108 -8.18 -3.69 -14.46
N ARG A 109 -6.98 -3.63 -13.90
CA ARG A 109 -6.22 -2.39 -13.87
C ARG A 109 -6.12 -1.77 -15.26
N SER A 110 -5.67 -0.52 -15.32
CA SER A 110 -5.52 0.18 -16.60
C SER A 110 -4.95 1.58 -16.39
N GLY A 111 -3.71 1.77 -16.85
CA GLY A 111 -3.06 3.06 -16.70
C GLY A 111 -1.54 2.96 -16.77
N PRO A 112 -0.93 2.42 -15.71
CA PRO A 112 0.51 2.24 -15.62
C PRO A 112 1.04 1.18 -16.59
N SER A 113 1.75 1.62 -17.62
CA SER A 113 2.30 0.70 -18.61
C SER A 113 3.82 0.78 -18.64
N SER A 114 4.44 0.65 -17.46
CA SER A 114 5.89 0.71 -17.36
C SER A 114 6.47 -0.67 -17.06
N GLY A 115 7.11 -1.26 -18.05
CA GLY A 115 7.71 -2.58 -17.87
C GLY A 115 8.94 -2.78 -18.72
#